data_5FL1
#
_entry.id   5FL1
#
_cell.length_a   51.499
_cell.length_b   162.113
_cell.length_c   223.213
_cell.angle_alpha   90.00
_cell.angle_beta   90.00
_cell.angle_gamma   90.00
#
_symmetry.space_group_name_H-M   'P 2 21 21'
#
loop_
_entity.id
_entity.type
_entity.pdbx_description
1 polymer 'O-GLCNACASE BT_4395'
2 non-polymer (3~{a}~{R},5~{R},6~{S},7~{R},7~{a}~{R})-5-(hydroxymethyl)-2-(prop-2-enylamino)-5,6,7,7~{a}-tetrahydro-3~{a}~{H}-pyrano[3,2-d][1,3]thiazole-6,7-diol
3 non-polymer 1,2-ETHANEDIOL
4 non-polymer 'CALCIUM ION'
5 water water
#
_entity_poly.entity_id   1
_entity_poly.type   'polypeptide(L)'
_entity_poly.pdbx_seq_one_letter_code
;QNVSLQPPPQQLIVQNKTIDLPAVYQLNGGEEANPHAVKVLKELLSGKQSSKKGMLISIGEKGDKSVRKYSRQIPDHKEG
YYLSVNEKEIVLAGNDERGTYYALQTFAQLLKDGKLPEVEIKDYPSVRYRGVVEGFYGTPWSHQARLSQLKFYGKNKMNT
YIYGPKDDPYHSAPNWRLPYPDKEAAQLQELVAVANENEVDFVWAIHPGQDIKWNKEDRDLLLAKFEKMYQLGVRSFAVF
FDDISGEGTNPQKQAELLNYIDEKFAQVKPDINQLVMCPTEYNKSWSNPNGNYLTTLGDKLNPSIQIMWTGDRVISDITR
DGISWINERIKRPAYIWWNFPVSDYVRDHLLLGPVYGNDTTIAKEMSGFVTNPMEHAESSKIAIYSVASYAWNPAKYDTW
QTWKDAIRTILPSAAEELECFAMHNSDLGPNGHGYRREESMDIQPAAERFLKAFKEGKNYDKADFETLQYTFERMKESAD
ILLMNTENKPLIVEITPWVHQFKLTAEMGEEVLKMVEGRNESYFLRKYNHVKALQQQMFYIDQTSNQNPYQPGVKTATRV
IKPLIDRTFATVVKFFNQKFNAHLDATTDYMPHKMISNVEQIKNLPLQVKANRVLISPANEVVKWAAGNSVEIELDAIYP
GENIQINFGKDAPCTWGRLEISTDGKEWKTVDLKQKESRLSAGLQKAPVKFVRFTNVSDEEQQVYLRQFVLTIEKK
;
_entity_poly.pdbx_strand_id   A,B
#
loop_
_chem_comp.id
_chem_comp.type
_chem_comp.name
_chem_comp.formula
CA non-polymer 'CALCIUM ION' 'Ca 2'
DV1 non-polymer (3~{a}~{R},5~{R},6~{S},7~{R},7~{a}~{R})-5-(hydroxymethyl)-2-(prop-2-enylamino)-5,6,7,7~{a}-tetrahydro-3~{a}~{H}-pyrano[3,2-d][1,3]thiazole-6,7-diol 'C10 H16 N2 O4 S'
EDO non-polymer 1,2-ETHANEDIOL 'C2 H6 O2'
#
# COMPACT_ATOMS: atom_id res chain seq x y z
N SER A 4 -21.05 8.38 -30.67
CA SER A 4 -22.07 7.63 -31.44
C SER A 4 -21.45 6.69 -32.50
N LEU A 5 -20.74 7.25 -33.48
CA LEU A 5 -19.90 6.47 -34.38
C LEU A 5 -18.49 7.00 -34.32
N GLN A 6 -17.52 6.12 -34.06
CA GLN A 6 -16.14 6.54 -33.99
C GLN A 6 -15.26 5.58 -34.79
N PRO A 7 -14.46 6.10 -35.75
CA PRO A 7 -14.47 7.49 -36.22
C PRO A 7 -15.82 7.84 -36.89
N PRO A 8 -16.20 9.11 -36.86
CA PRO A 8 -17.45 9.54 -37.51
C PRO A 8 -17.31 9.46 -39.02
N PRO A 9 -18.29 8.87 -39.71
CA PRO A 9 -18.13 8.66 -41.16
C PRO A 9 -18.17 9.97 -41.93
N GLN A 10 -17.61 9.93 -43.13
CA GLN A 10 -17.51 11.12 -43.96
C GLN A 10 -18.91 11.61 -44.35
N GLN A 11 -19.83 10.68 -44.58
CA GLN A 11 -21.18 10.97 -45.05
CA GLN A 11 -21.18 11.00 -45.02
C GLN A 11 -22.15 10.02 -44.37
N LEU A 12 -23.15 10.56 -43.65
CA LEU A 12 -24.14 9.77 -42.96
C LEU A 12 -25.52 10.41 -43.14
N ILE A 13 -26.53 9.59 -43.45
CA ILE A 13 -27.91 10.03 -43.67
C ILE A 13 -28.78 9.55 -42.52
N VAL A 14 -29.18 10.50 -41.66
CA VAL A 14 -30.14 10.34 -40.58
C VAL A 14 -30.79 8.96 -40.47
N ASN A 16 -34.02 7.36 -39.18
CA ASN A 16 -35.27 7.68 -38.49
C ASN A 16 -36.01 6.43 -38.03
N LYS A 17 -36.37 5.59 -38.99
CA LYS A 17 -37.01 4.32 -38.68
C LYS A 17 -36.00 3.33 -38.13
N THR A 18 -36.54 2.28 -37.47
CA THR A 18 -35.75 1.29 -36.77
C THR A 18 -36.02 -0.08 -37.36
N ILE A 19 -34.97 -0.87 -37.52
CA ILE A 19 -35.04 -2.18 -38.13
C ILE A 19 -34.42 -3.19 -37.18
N ASP A 20 -35.11 -4.30 -36.95
CA ASP A 20 -34.58 -5.36 -36.10
C ASP A 20 -33.58 -6.18 -36.89
N LEU A 21 -32.59 -6.72 -36.20
CA LEU A 21 -31.63 -7.63 -36.80
C LEU A 21 -32.41 -8.81 -37.39
N PRO A 22 -32.27 -9.10 -38.69
CA PRO A 22 -33.08 -10.16 -39.28
C PRO A 22 -32.86 -11.51 -38.62
N ALA A 23 -33.88 -12.00 -37.91
CA ALA A 23 -33.80 -13.34 -37.33
C ALA A 23 -33.52 -14.39 -38.39
N VAL A 24 -34.04 -14.20 -39.60
CA VAL A 24 -33.75 -15.05 -40.75
C VAL A 24 -33.17 -14.16 -41.84
N TYR A 25 -31.99 -14.54 -42.34
CA TYR A 25 -31.28 -13.74 -43.33
C TYR A 25 -30.65 -14.64 -44.39
N GLN A 26 -30.49 -14.08 -45.58
CA GLN A 26 -29.77 -14.70 -46.67
C GLN A 26 -28.48 -13.93 -46.91
N LEU A 27 -27.36 -14.63 -46.82
CA LEU A 27 -26.05 -14.01 -46.99
C LEU A 27 -25.66 -14.06 -48.46
N ASN A 28 -25.14 -12.94 -48.96
CA ASN A 28 -24.76 -12.79 -50.36
C ASN A 28 -23.30 -12.38 -50.42
N GLY A 29 -22.44 -13.32 -50.78
CA GLY A 29 -21.04 -13.05 -51.03
C GLY A 29 -20.09 -13.43 -49.91
N GLY A 30 -20.54 -14.24 -48.95
CA GLY A 30 -19.67 -14.64 -47.86
C GLY A 30 -18.41 -15.33 -48.32
N GLU A 31 -18.44 -15.96 -49.49
CA GLU A 31 -17.30 -16.70 -50.01
C GLU A 31 -16.35 -15.86 -50.84
N GLU A 32 -16.74 -14.64 -51.23
CA GLU A 32 -15.91 -13.76 -52.05
C GLU A 32 -15.32 -12.60 -51.27
N ALA A 33 -15.93 -12.20 -50.16
CA ALA A 33 -15.56 -11.01 -49.43
C ALA A 33 -14.43 -11.31 -48.45
N ASN A 34 -13.80 -10.22 -47.96
CA ASN A 34 -12.74 -10.26 -46.96
C ASN A 34 -13.09 -11.25 -45.86
N PRO A 35 -12.38 -12.37 -45.76
CA PRO A 35 -12.68 -13.33 -44.68
C PRO A 35 -12.71 -12.72 -43.30
N HIS A 36 -11.89 -11.69 -43.04
CA HIS A 36 -11.88 -11.08 -41.72
C HIS A 36 -13.19 -10.33 -41.46
N ALA A 37 -13.79 -9.74 -42.49
CA ALA A 37 -15.08 -9.09 -42.31
C ALA A 37 -16.21 -10.10 -42.19
N VAL A 38 -16.19 -11.16 -43.00
CA VAL A 38 -17.21 -12.20 -42.91
C VAL A 38 -17.25 -12.79 -41.50
N LYS A 39 -16.08 -13.14 -40.97
CA LYS A 39 -16.02 -13.68 -39.61
C LYS A 39 -16.65 -12.72 -38.61
N VAL A 40 -16.39 -11.42 -38.75
CA VAL A 40 -17.02 -10.42 -37.88
C VAL A 40 -18.54 -10.45 -38.06
N LEU A 41 -19.00 -10.69 -39.28
CA LEU A 41 -20.44 -10.62 -39.57
C LEU A 41 -21.16 -11.84 -39.01
N LYS A 42 -20.63 -13.04 -39.28
CA LYS A 42 -21.23 -14.25 -38.75
C LYS A 42 -21.25 -14.25 -37.22
N GLU A 43 -20.25 -13.61 -36.60
CA GLU A 43 -20.27 -13.44 -35.15
C GLU A 43 -21.47 -12.60 -34.73
N LEU A 44 -21.68 -11.45 -35.38
CA LEU A 44 -22.82 -10.60 -35.06
C LEU A 44 -24.16 -11.27 -35.33
N LEU A 45 -24.19 -12.30 -36.16
CA LEU A 45 -25.42 -13.01 -36.48
C LEU A 45 -25.55 -14.27 -35.63
N SER A 46 -26.79 -14.75 -35.53
CA SER A 46 -27.15 -16.00 -34.84
C SER A 46 -28.66 -16.09 -34.61
N SER A 51 -30.89 -18.02 -43.65
CA SER A 51 -30.92 -18.83 -44.86
C SER A 51 -31.63 -18.11 -46.01
N LYS A 52 -31.81 -18.81 -47.13
CA LYS A 52 -32.36 -18.19 -48.34
C LYS A 52 -33.71 -17.53 -48.11
N LYS A 53 -34.51 -18.08 -47.19
CA LYS A 53 -35.84 -17.52 -46.94
C LYS A 53 -35.79 -16.11 -46.37
N GLY A 54 -34.69 -15.72 -45.74
CA GLY A 54 -34.63 -14.52 -44.95
C GLY A 54 -34.24 -13.26 -45.72
N MET A 55 -33.90 -12.23 -44.96
CA MET A 55 -33.50 -10.95 -45.52
C MET A 55 -32.10 -11.01 -46.12
N LEU A 56 -31.91 -10.32 -47.23
CA LEU A 56 -30.65 -10.37 -47.95
C LEU A 56 -29.62 -9.43 -47.33
N ILE A 57 -28.38 -9.91 -47.25
CA ILE A 57 -27.26 -9.14 -46.71
C ILE A 57 -26.13 -9.28 -47.72
N SER A 58 -25.75 -8.18 -48.37
CA SER A 58 -24.74 -8.18 -49.42
C SER A 58 -23.41 -7.68 -48.86
N ILE A 59 -22.39 -8.55 -48.89
CA ILE A 59 -21.04 -8.22 -48.46
C ILE A 59 -20.08 -8.55 -49.60
N GLY A 60 -19.03 -7.74 -49.73
CA GLY A 60 -18.05 -7.94 -50.78
C GLY A 60 -17.35 -6.64 -51.12
N GLU A 61 -16.28 -6.79 -51.89
CA GLU A 61 -15.51 -5.66 -52.39
C GLU A 61 -15.93 -5.31 -53.82
N LYS A 62 -15.79 -4.02 -54.15
CA LYS A 62 -16.11 -3.54 -55.49
C LYS A 62 -15.45 -4.40 -56.55
N GLY A 63 -16.27 -4.93 -57.47
CA GLY A 63 -15.86 -5.93 -58.43
C GLY A 63 -16.51 -7.27 -58.18
N ASP A 64 -16.76 -7.61 -56.91
CA ASP A 64 -17.43 -8.86 -56.59
C ASP A 64 -18.85 -8.85 -57.14
N LYS A 65 -19.34 -10.07 -57.45
CA LYS A 65 -20.74 -10.24 -57.85
C LYS A 65 -21.69 -9.66 -56.81
N SER A 66 -21.38 -9.86 -55.52
CA SER A 66 -22.34 -9.61 -54.47
C SER A 66 -22.76 -8.15 -54.37
N VAL A 67 -21.95 -7.22 -54.88
CA VAL A 67 -22.19 -5.80 -54.63
C VAL A 67 -22.16 -5.01 -55.93
N ARG A 68 -22.12 -5.71 -57.07
CA ARG A 68 -22.06 -5.01 -58.36
C ARG A 68 -23.20 -4.01 -58.51
N LYS A 69 -24.34 -4.25 -57.86
CA LYS A 69 -25.46 -3.33 -57.92
C LYS A 69 -25.11 -1.95 -57.39
N TYR A 70 -24.24 -1.87 -56.37
CA TYR A 70 -23.97 -0.63 -55.67
C TYR A 70 -22.62 -0.01 -56.05
N SER A 71 -22.13 -0.34 -57.25
CA SER A 71 -20.81 0.10 -57.67
C SER A 71 -20.67 1.61 -57.61
N ARG A 72 -21.72 2.34 -58.00
CA ARG A 72 -21.68 3.80 -58.07
C ARG A 72 -21.78 4.47 -56.71
N GLN A 73 -22.19 3.75 -55.66
CA GLN A 73 -22.24 4.31 -54.31
C GLN A 73 -20.95 4.11 -53.52
N ILE A 74 -20.09 3.17 -53.92
CA ILE A 74 -18.86 2.88 -53.19
C ILE A 74 -17.84 3.98 -53.46
N PRO A 75 -17.35 4.68 -52.44
CA PRO A 75 -16.36 5.74 -52.69
C PRO A 75 -15.10 5.18 -53.30
N ASP A 76 -14.50 5.95 -54.20
CA ASP A 76 -13.28 5.53 -54.89
C ASP A 76 -12.05 6.09 -54.18
N HIS A 77 -11.91 5.62 -52.95
CA HIS A 77 -10.74 5.86 -52.12
C HIS A 77 -10.33 4.52 -51.52
N LYS A 78 -9.02 4.33 -51.35
CA LYS A 78 -8.55 3.18 -50.60
C LYS A 78 -9.16 3.17 -49.20
N GLU A 79 -9.54 1.98 -48.73
CA GLU A 79 -10.20 1.77 -47.45
C GLU A 79 -11.56 2.44 -47.35
N GLY A 80 -12.12 2.89 -48.49
CA GLY A 80 -13.47 3.43 -48.49
C GLY A 80 -14.51 2.33 -48.46
N TYR A 81 -15.76 2.71 -48.16
CA TYR A 81 -16.83 1.72 -48.20
C TYR A 81 -18.19 2.41 -48.25
N TYR A 82 -19.19 1.60 -48.59
CA TYR A 82 -20.58 1.98 -48.65
C TYR A 82 -21.35 1.05 -47.74
N LEU A 83 -22.16 1.62 -46.85
CA LEU A 83 -22.99 0.87 -45.92
C LEU A 83 -24.43 1.35 -46.07
N SER A 84 -25.37 0.42 -46.13
CA SER A 84 -26.78 0.76 -46.18
C SER A 84 -27.58 -0.23 -45.34
N VAL A 85 -28.61 0.28 -44.68
CA VAL A 85 -29.58 -0.54 -43.96
C VAL A 85 -30.97 0.01 -44.28
N ASN A 86 -31.88 -0.87 -44.68
CA ASN A 86 -33.29 -0.50 -44.82
C ASN A 86 -34.12 -1.75 -44.52
N GLU A 87 -35.40 -1.70 -44.88
CA GLU A 87 -36.34 -2.74 -44.46
C GLU A 87 -36.16 -4.05 -45.21
N LYS A 88 -35.51 -4.04 -46.38
CA LYS A 88 -35.37 -5.22 -47.21
C LYS A 88 -33.94 -5.73 -47.34
N GLU A 89 -32.94 -4.85 -47.24
CA GLU A 89 -31.59 -5.20 -47.62
C GLU A 89 -30.56 -4.48 -46.76
N ILE A 90 -29.46 -5.18 -46.48
CA ILE A 90 -28.27 -4.60 -45.86
C ILE A 90 -27.13 -4.72 -46.87
N VAL A 91 -26.42 -3.61 -47.07
CA VAL A 91 -25.27 -3.55 -47.97
C VAL A 91 -24.03 -3.25 -47.15
N LEU A 92 -22.98 -4.03 -47.36
CA LEU A 92 -21.67 -3.82 -46.72
C LEU A 92 -20.64 -3.99 -47.83
N ALA A 93 -20.30 -2.90 -48.49
CA ALA A 93 -19.51 -2.92 -49.72
C ALA A 93 -18.31 -2.00 -49.58
N GLY A 94 -17.11 -2.58 -49.55
CA GLY A 94 -15.90 -1.80 -49.52
C GLY A 94 -15.32 -1.56 -50.90
N ASN A 95 -14.54 -0.47 -51.02
CA ASN A 95 -13.75 -0.27 -52.22
C ASN A 95 -12.61 -1.27 -52.32
N ASP A 96 -12.25 -1.91 -51.20
CA ASP A 96 -11.21 -2.92 -51.16
C ASP A 96 -11.46 -3.76 -49.93
N GLU A 97 -10.56 -4.72 -49.68
CA GLU A 97 -10.82 -5.69 -48.61
C GLU A 97 -10.81 -5.02 -47.24
N ARG A 98 -9.90 -4.07 -47.04
CA ARG A 98 -9.87 -3.36 -45.77
C ARG A 98 -11.09 -2.46 -45.61
N GLY A 99 -11.56 -1.88 -46.71
CA GLY A 99 -12.79 -1.09 -46.67
C GLY A 99 -13.99 -1.91 -46.26
N THR A 100 -14.06 -3.17 -46.68
CA THR A 100 -15.15 -4.03 -46.25
C THR A 100 -15.06 -4.31 -44.75
N TYR A 101 -13.85 -4.60 -44.26
CA TYR A 101 -13.66 -4.77 -42.83
C TYR A 101 -14.10 -3.51 -42.06
N TYR A 102 -13.72 -2.33 -42.57
CA TYR A 102 -14.10 -1.10 -41.89
C TYR A 102 -15.60 -0.84 -41.98
N ALA A 103 -16.27 -1.41 -42.99
CA ALA A 103 -17.73 -1.34 -43.05
C ALA A 103 -18.35 -2.14 -41.92
N LEU A 104 -17.78 -3.31 -41.62
CA LEU A 104 -18.30 -4.13 -40.53
C LEU A 104 -18.06 -3.48 -39.19
N GLN A 105 -16.96 -2.75 -39.04
CA GLN A 105 -16.69 -2.10 -37.77
C GLN A 105 -17.72 -1.01 -37.51
N THR A 106 -18.05 -0.22 -38.52
CA THR A 106 -19.13 0.76 -38.36
C THR A 106 -20.46 0.07 -38.13
N PHE A 107 -20.77 -0.95 -38.93
CA PHE A 107 -21.98 -1.74 -38.75
C PHE A 107 -22.11 -2.24 -37.30
N ALA A 108 -20.99 -2.66 -36.70
CA ALA A 108 -21.04 -3.22 -35.35
C ALA A 108 -21.44 -2.16 -34.33
N GLN A 109 -21.00 -0.92 -34.53
CA GLN A 109 -21.40 0.17 -33.65
C GLN A 109 -22.85 0.54 -33.84
N LEU A 110 -23.42 0.29 -35.03
CA LEU A 110 -24.82 0.62 -35.27
C LEU A 110 -25.76 -0.34 -34.56
N LEU A 111 -25.31 -1.57 -34.33
CA LEU A 111 -26.17 -2.61 -33.76
C LEU A 111 -26.39 -2.36 -32.28
N LYS A 112 -27.65 -2.17 -31.88
CA LYS A 112 -28.02 -1.86 -30.51
C LYS A 112 -29.29 -2.64 -30.16
N ASP A 113 -29.16 -3.56 -29.19
CA ASP A 113 -30.29 -4.37 -28.73
C ASP A 113 -30.92 -5.16 -29.88
N GLY A 114 -30.10 -5.60 -30.82
CA GLY A 114 -30.62 -6.27 -32.00
C GLY A 114 -31.36 -5.37 -32.97
N LYS A 115 -31.34 -4.06 -32.75
CA LYS A 115 -32.01 -3.09 -33.59
C LYS A 115 -30.98 -2.24 -34.31
N LEU A 116 -31.16 -2.06 -35.62
CA LEU A 116 -30.30 -1.24 -36.46
C LEU A 116 -31.04 -0.01 -36.97
N PRO A 117 -30.39 1.13 -37.06
CA PRO A 117 -31.05 2.30 -37.65
C PRO A 117 -31.02 2.21 -39.17
N GLU A 118 -32.05 2.79 -39.79
CA GLU A 118 -32.08 2.91 -41.25
C GLU A 118 -31.11 4.02 -41.64
N VAL A 119 -29.98 3.65 -42.26
CA VAL A 119 -28.90 4.59 -42.52
C VAL A 119 -28.26 4.25 -43.85
N GLU A 120 -27.66 5.27 -44.46
CA GLU A 120 -26.80 5.11 -45.62
C GLU A 120 -25.51 5.87 -45.33
N ILE A 121 -24.37 5.22 -45.57
CA ILE A 121 -23.07 5.75 -45.19
C ILE A 121 -22.10 5.58 -46.34
N LYS A 122 -21.43 6.67 -46.71
CA LYS A 122 -20.25 6.64 -47.56
C LYS A 122 -19.07 7.15 -46.74
N ASP A 123 -17.97 6.41 -46.75
CA ASP A 123 -16.91 6.64 -45.77
C ASP A 123 -15.58 6.17 -46.32
N TYR A 124 -14.51 6.73 -45.76
CA TYR A 124 -13.12 6.52 -46.20
C TYR A 124 -12.26 7.43 -45.34
N PRO A 125 -10.98 7.14 -45.17
CA PRO A 125 -10.13 7.97 -44.31
C PRO A 125 -9.64 9.20 -45.02
N SER A 126 -9.44 10.27 -44.25
CA SER A 126 -8.78 11.46 -44.79
C SER A 126 -7.26 11.34 -44.80
N VAL A 127 -6.69 10.58 -43.87
CA VAL A 127 -5.24 10.32 -43.80
C VAL A 127 -5.01 8.85 -44.11
N ARG A 128 -4.07 8.57 -45.04
CA ARG A 128 -3.86 7.22 -45.56
C ARG A 128 -3.35 6.24 -44.50
N TYR A 129 -2.39 6.65 -43.67
CA TYR A 129 -1.83 5.77 -42.65
C TYR A 129 -2.07 6.36 -41.28
N ARG A 130 -2.69 5.57 -40.41
CA ARG A 130 -3.17 6.03 -39.12
C ARG A 130 -2.89 4.94 -38.09
N GLY A 131 -2.27 5.31 -36.99
CA GLY A 131 -2.04 4.31 -35.98
C GLY A 131 -1.07 4.69 -34.89
N VAL A 132 -0.21 3.76 -34.50
CA VAL A 132 0.58 3.90 -33.29
C VAL A 132 2.01 3.53 -33.58
N VAL A 133 2.95 4.28 -33.00
CA VAL A 133 4.35 3.88 -33.00
C VAL A 133 4.69 3.63 -31.54
N GLU A 134 5.01 2.37 -31.24
CA GLU A 134 5.57 2.03 -29.94
C GLU A 134 7.03 2.42 -30.00
N GLY A 135 7.28 3.71 -29.78
CA GLY A 135 8.60 4.29 -30.01
C GLY A 135 9.24 4.96 -28.82
N PHE A 136 8.79 4.60 -27.62
CA PHE A 136 9.18 5.30 -26.42
C PHE A 136 10.40 4.65 -25.77
N TYR A 137 11.04 5.41 -24.89
CA TYR A 137 11.94 4.85 -23.89
C TYR A 137 11.19 4.31 -22.69
N GLY A 138 11.66 3.19 -22.14
CA GLY A 138 11.04 2.58 -20.99
C GLY A 138 10.72 1.14 -21.24
N THR A 139 9.97 0.58 -20.33
CA THR A 139 9.64 -0.84 -20.42
C THR A 139 8.77 -1.06 -21.63
N PRO A 140 9.20 -1.85 -22.61
CA PRO A 140 8.35 -2.09 -23.79
C PRO A 140 7.06 -2.79 -23.38
N TRP A 141 5.99 -2.49 -24.14
CA TRP A 141 4.68 -3.11 -23.91
C TRP A 141 4.81 -4.62 -23.83
N SER A 142 4.06 -5.23 -22.92
CA SER A 142 4.06 -6.69 -22.85
C SER A 142 3.43 -7.27 -24.11
N HIS A 143 3.68 -8.57 -24.32
CA HIS A 143 3.06 -9.28 -25.43
C HIS A 143 1.53 -9.27 -25.31
N GLN A 144 1.01 -9.52 -24.10
CA GLN A 144 -0.43 -9.49 -23.92
C GLN A 144 -1.00 -8.09 -24.16
N ALA A 145 -0.26 -7.05 -23.80
CA ALA A 145 -0.72 -5.70 -24.10
C ALA A 145 -0.75 -5.47 -25.59
N ARG A 146 0.27 -5.97 -26.33
CA ARG A 146 0.31 -5.74 -27.77
C ARG A 146 -0.83 -6.44 -28.49
N LEU A 147 -1.23 -7.62 -28.02
CA LEU A 147 -2.33 -8.33 -28.64
C LEU A 147 -3.63 -7.55 -28.46
N SER A 148 -3.84 -7.00 -27.28
CA SER A 148 -5.01 -6.16 -27.01
C SER A 148 -4.98 -4.91 -27.89
N GLN A 149 -3.79 -4.33 -28.07
CA GLN A 149 -3.68 -3.09 -28.86
C GLN A 149 -4.13 -3.32 -30.30
N LEU A 150 -3.65 -4.40 -30.93
CA LEU A 150 -3.96 -4.66 -32.33
C LEU A 150 -5.47 -4.82 -32.55
N LYS A 151 -6.15 -5.53 -31.65
CA LYS A 151 -7.60 -5.66 -31.77
C LYS A 151 -8.27 -4.30 -31.62
N PHE A 152 -7.73 -3.45 -30.74
CA PHE A 152 -8.26 -2.09 -30.58
C PHE A 152 -8.08 -1.27 -31.85
N TYR A 153 -6.94 -1.43 -32.54
CA TYR A 153 -6.70 -0.63 -33.73
C TYR A 153 -7.67 -1.04 -34.83
N GLY A 154 -7.93 -2.35 -34.96
CA GLY A 154 -8.86 -2.81 -35.98
C GLY A 154 -10.26 -2.27 -35.76
N LYS A 155 -10.69 -2.23 -34.50
CA LYS A 155 -12.02 -1.69 -34.16
C LYS A 155 -12.11 -0.19 -34.44
N ASN A 156 -11.00 0.53 -34.42
CA ASN A 156 -11.00 1.97 -34.59
C ASN A 156 -10.40 2.40 -35.93
N LYS A 157 -10.29 1.46 -36.88
CA LYS A 157 -9.85 1.72 -38.24
C LYS A 157 -8.44 2.32 -38.29
N MET A 158 -7.59 2.01 -37.31
CA MET A 158 -6.19 2.35 -37.40
C MET A 158 -5.49 1.22 -38.13
N ASN A 159 -4.74 1.56 -39.18
CA ASN A 159 -4.17 0.55 -40.07
C ASN A 159 -2.67 0.39 -39.93
N THR A 160 -2.05 0.99 -38.90
CA THR A 160 -0.61 1.01 -38.80
C THR A 160 -0.14 0.83 -37.36
N TYR A 161 0.77 -0.11 -37.16
CA TYR A 161 1.45 -0.27 -35.88
C TYR A 161 2.94 -0.37 -36.18
N ILE A 162 3.71 0.62 -35.72
CA ILE A 162 5.15 0.65 -35.93
C ILE A 162 5.81 0.20 -34.63
N TYR A 163 6.45 -0.97 -34.69
CA TYR A 163 7.15 -1.55 -33.56
C TYR A 163 8.55 -0.93 -33.50
N GLY A 164 8.82 -0.17 -32.44
CA GLY A 164 10.15 0.37 -32.25
C GLY A 164 10.50 0.79 -30.83
N PRO A 165 10.26 -0.06 -29.83
CA PRO A 165 10.64 0.28 -28.43
C PRO A 165 12.13 0.55 -28.33
N LYS A 166 12.47 1.77 -27.90
CA LYS A 166 13.88 2.18 -27.84
C LYS A 166 14.71 1.21 -27.00
N ASP A 167 14.13 0.57 -26.01
CA ASP A 167 14.88 -0.27 -25.10
C ASP A 167 14.77 -1.76 -25.44
N ASP A 168 14.21 -2.12 -26.61
CA ASP A 168 14.27 -3.48 -27.08
C ASP A 168 15.66 -3.72 -27.64
N PRO A 169 16.46 -4.61 -27.07
CA PRO A 169 17.88 -4.66 -27.48
C PRO A 169 18.10 -5.20 -28.88
N TYR A 170 17.15 -5.91 -29.47
CA TYR A 170 17.27 -6.38 -30.86
C TYR A 170 16.72 -5.38 -31.86
N HIS A 171 16.22 -4.23 -31.38
CA HIS A 171 15.80 -3.09 -32.20
C HIS A 171 16.93 -2.09 -32.39
N SER A 172 17.72 -1.85 -31.34
CA SER A 172 18.66 -0.74 -31.28
C SER A 172 20.07 -1.28 -31.06
N ALA A 173 21.01 -0.38 -30.78
CA ALA A 173 22.43 -0.73 -30.79
C ALA A 173 22.81 -1.48 -29.50
N PRO A 174 23.72 -2.46 -29.57
CA PRO A 174 24.37 -3.01 -30.78
C PRO A 174 23.66 -4.22 -31.39
N ASN A 175 22.67 -4.76 -30.68
CA ASN A 175 22.13 -6.06 -31.06
C ASN A 175 21.03 -5.95 -32.09
N TRP A 176 20.88 -4.80 -32.73
CA TRP A 176 20.09 -4.74 -33.95
C TRP A 176 20.64 -5.69 -35.00
N ARG A 177 21.93 -6.06 -34.88
CA ARG A 177 22.54 -6.99 -35.83
C ARG A 177 22.11 -8.43 -35.61
N LEU A 178 21.48 -8.74 -34.49
CA LEU A 178 21.27 -10.12 -34.08
C LEU A 178 19.83 -10.52 -34.30
N PRO A 179 19.55 -11.73 -34.76
CA PRO A 179 18.16 -12.16 -34.88
C PRO A 179 17.53 -12.36 -33.51
N TYR A 180 16.22 -12.10 -33.42
CA TYR A 180 15.49 -12.36 -32.19
C TYR A 180 15.64 -13.83 -31.78
N PRO A 181 15.76 -14.13 -30.49
CA PRO A 181 15.73 -15.53 -30.07
C PRO A 181 14.37 -16.15 -30.34
N ASP A 182 14.36 -17.49 -30.29
CA ASP A 182 13.18 -18.23 -30.74
C ASP A 182 11.92 -17.76 -30.04
N LYS A 183 12.01 -17.45 -28.74
CA LYS A 183 10.81 -17.13 -27.97
C LYS A 183 10.21 -15.79 -28.40
N GLU A 184 11.05 -14.74 -28.45
CA GLU A 184 10.62 -13.44 -28.95
C GLU A 184 10.18 -13.53 -30.40
N ALA A 185 10.87 -14.32 -31.21
CA ALA A 185 10.52 -14.44 -32.62
C ALA A 185 9.15 -15.06 -32.78
N ALA A 186 8.84 -16.07 -31.95
CA ALA A 186 7.52 -16.68 -32.05
C ALA A 186 6.43 -15.69 -31.64
N GLN A 187 6.72 -14.84 -30.67
CA GLN A 187 5.75 -13.84 -30.27
C GLN A 187 5.54 -12.80 -31.36
N LEU A 188 6.63 -12.34 -32.00
CA LEU A 188 6.47 -11.41 -33.12
C LEU A 188 5.67 -12.06 -34.24
N GLN A 189 5.93 -13.33 -34.51
CA GLN A 189 5.12 -14.05 -35.49
C GLN A 189 3.64 -14.00 -35.13
N GLU A 190 3.33 -14.21 -33.84
CA GLU A 190 1.93 -14.16 -33.43
C GLU A 190 1.38 -12.75 -33.63
N LEU A 191 2.16 -11.74 -33.22
CA LEU A 191 1.73 -10.36 -33.35
C LEU A 191 1.39 -10.03 -34.80
N VAL A 192 2.26 -10.46 -35.72
CA VAL A 192 2.05 -10.18 -37.14
C VAL A 192 0.76 -10.84 -37.62
N ALA A 193 0.49 -12.06 -37.17
CA ALA A 193 -0.73 -12.75 -37.57
C ALA A 193 -1.97 -12.05 -37.05
N VAL A 194 -1.94 -11.65 -35.78
CA VAL A 194 -3.09 -10.96 -35.18
C VAL A 194 -3.30 -9.60 -35.83
N ALA A 195 -2.21 -8.93 -36.20
CA ALA A 195 -2.32 -7.66 -36.91
C ALA A 195 -3.04 -7.86 -38.23
N ASN A 196 -2.63 -8.89 -38.99
CA ASN A 196 -3.27 -9.18 -40.27
C ASN A 196 -4.76 -9.47 -40.10
N GLU A 197 -5.13 -10.24 -39.10
CA GLU A 197 -6.55 -10.50 -38.83
C GLU A 197 -7.34 -9.23 -38.47
N ASN A 198 -6.67 -8.19 -37.97
CA ASN A 198 -7.33 -6.92 -37.61
C ASN A 198 -7.05 -5.80 -38.62
N GLU A 199 -6.52 -6.15 -39.79
CA GLU A 199 -6.25 -5.22 -40.88
C GLU A 199 -5.25 -4.14 -40.51
N VAL A 200 -4.28 -4.45 -39.67
CA VAL A 200 -3.20 -3.54 -39.28
C VAL A 200 -1.91 -3.97 -39.97
N ASP A 201 -1.26 -3.04 -40.69
CA ASP A 201 0.13 -3.23 -41.10
C ASP A 201 1.05 -3.23 -39.89
N PHE A 202 1.75 -4.35 -39.66
CA PHE A 202 2.79 -4.41 -38.64
C PHE A 202 4.09 -3.95 -39.29
N VAL A 203 4.60 -2.81 -38.84
CA VAL A 203 5.82 -2.22 -39.37
C VAL A 203 6.93 -2.49 -38.35
N TRP A 204 7.91 -3.31 -38.73
CA TRP A 204 9.02 -3.58 -37.84
C TRP A 204 10.14 -2.58 -38.12
N ALA A 205 10.50 -1.80 -37.11
CA ALA A 205 11.53 -0.78 -37.22
C ALA A 205 12.84 -1.28 -36.63
N ILE A 206 13.93 -0.72 -37.14
CA ILE A 206 15.27 -0.97 -36.65
C ILE A 206 15.93 0.38 -36.42
N HIS A 207 16.84 0.43 -35.45
CA HIS A 207 17.42 1.67 -34.93
C HIS A 207 18.93 1.48 -34.86
N PRO A 208 19.63 1.56 -35.99
CA PRO A 208 21.05 1.18 -36.04
C PRO A 208 22.06 2.33 -36.01
N GLY A 209 21.61 3.57 -35.89
CA GLY A 209 22.47 4.70 -36.22
C GLY A 209 23.58 4.99 -35.25
N GLN A 210 23.45 4.59 -33.98
CA GLN A 210 24.45 4.98 -32.99
C GLN A 210 25.80 4.33 -33.24
N ASP A 211 25.82 3.14 -33.83
CA ASP A 211 27.07 2.41 -34.07
C ASP A 211 27.17 1.81 -35.46
N ILE A 212 26.29 2.16 -36.39
CA ILE A 212 26.40 1.62 -37.74
C ILE A 212 27.70 2.10 -38.35
N LYS A 213 28.36 1.21 -39.07
CA LYS A 213 29.46 1.57 -39.94
C LYS A 213 28.95 1.62 -41.37
N TRP A 214 29.38 2.63 -42.12
CA TRP A 214 28.97 2.77 -43.52
C TRP A 214 29.87 1.88 -44.41
N ASN A 215 29.78 0.58 -44.15
CA ASN A 215 30.49 -0.43 -44.94
C ASN A 215 29.53 -1.55 -45.31
N LYS A 216 30.04 -2.46 -46.14
CA LYS A 216 29.26 -3.59 -46.62
C LYS A 216 28.84 -4.51 -45.48
N GLU A 217 29.66 -4.64 -44.45
CA GLU A 217 29.37 -5.62 -43.42
C GLU A 217 28.11 -5.26 -42.64
N ASP A 218 28.00 -4.01 -42.20
CA ASP A 218 26.80 -3.59 -41.49
C ASP A 218 25.59 -3.45 -42.44
N ARG A 219 25.80 -3.04 -43.69
CA ARG A 219 24.68 -3.00 -44.64
C ARG A 219 24.05 -4.38 -44.75
N ASP A 220 24.89 -5.40 -44.97
CA ASP A 220 24.42 -6.77 -45.13
C ASP A 220 23.76 -7.31 -43.86
N LEU A 221 24.28 -6.96 -42.67
CA LEU A 221 23.64 -7.42 -41.44
C LEU A 221 22.24 -6.83 -41.32
N LEU A 222 22.09 -5.55 -41.65
CA LEU A 222 20.78 -4.93 -41.58
C LEU A 222 19.81 -5.64 -42.52
N LEU A 223 20.24 -5.96 -43.75
CA LEU A 223 19.36 -6.63 -44.70
C LEU A 223 19.06 -8.05 -44.26
N ALA A 224 20.04 -8.72 -43.65
CA ALA A 224 19.80 -10.08 -43.15
C ALA A 224 18.80 -10.06 -42.01
N LYS A 225 18.87 -9.06 -41.13
CA LYS A 225 17.85 -8.90 -40.10
C LYS A 225 16.47 -8.67 -40.71
N PHE A 226 16.38 -7.75 -41.67
CA PHE A 226 15.11 -7.53 -42.38
C PHE A 226 14.59 -8.82 -43.01
N GLU A 227 15.47 -9.62 -43.61
CA GLU A 227 15.04 -10.89 -44.21
C GLU A 227 14.45 -11.83 -43.16
N LYS A 228 15.09 -11.91 -41.99
CA LYS A 228 14.55 -12.75 -40.91
C LYS A 228 13.17 -12.28 -40.48
N MET A 229 12.99 -10.97 -40.33
CA MET A 229 11.67 -10.48 -39.94
C MET A 229 10.63 -10.82 -41.00
N TYR A 230 11.03 -10.74 -42.27
CA TYR A 230 10.12 -11.10 -43.36
C TYR A 230 9.70 -12.56 -43.27
N GLN A 231 10.64 -13.45 -42.91
CA GLN A 231 10.30 -14.85 -42.68
C GLN A 231 9.33 -15.01 -41.51
N LEU A 232 9.34 -14.09 -40.55
CA LEU A 232 8.35 -14.09 -39.47
C LEU A 232 7.01 -13.49 -39.88
N GLY A 233 6.89 -12.96 -41.09
CA GLY A 233 5.65 -12.43 -41.61
C GLY A 233 5.63 -10.94 -41.83
N VAL A 234 6.68 -10.22 -41.41
CA VAL A 234 6.66 -8.76 -41.51
C VAL A 234 6.67 -8.35 -42.97
N ARG A 235 5.80 -7.38 -43.32
CA ARG A 235 5.73 -6.86 -44.68
C ARG A 235 5.87 -5.35 -44.79
N SER A 236 6.17 -4.66 -43.68
CA SER A 236 6.46 -3.23 -43.70
C SER A 236 7.64 -3.00 -42.76
N PHE A 237 8.48 -2.03 -43.11
CA PHE A 237 9.79 -1.92 -42.48
C PHE A 237 10.16 -0.46 -42.28
N ALA A 238 10.94 -0.19 -41.25
CA ALA A 238 11.36 1.15 -40.92
C ALA A 238 12.80 1.17 -40.45
N VAL A 239 13.49 2.27 -40.76
CA VAL A 239 14.83 2.51 -40.25
C VAL A 239 14.81 3.87 -39.55
N PHE A 240 15.15 3.86 -38.26
CA PHE A 240 15.12 5.04 -37.41
C PHE A 240 16.53 5.59 -37.18
N PHE A 241 16.72 6.88 -37.41
CA PHE A 241 17.97 7.57 -37.10
C PHE A 241 17.77 8.67 -36.08
N ASP A 242 16.84 8.48 -35.14
CA ASP A 242 16.53 9.50 -34.15
C ASP A 242 17.38 9.32 -32.89
N ASP A 243 17.78 10.43 -32.29
CA ASP A 243 18.44 10.44 -30.98
C ASP A 243 19.79 9.71 -31.02
N ILE A 244 20.63 10.08 -31.99
CA ILE A 244 21.95 9.47 -32.16
C ILE A 244 22.95 10.60 -32.41
N SER A 245 24.23 10.25 -32.31
CA SER A 245 25.32 11.13 -32.66
C SER A 245 26.35 10.34 -33.43
N GLY A 246 27.22 11.05 -34.13
CA GLY A 246 28.29 10.42 -34.88
C GLY A 246 27.99 10.29 -36.36
N GLU A 247 28.76 9.39 -36.99
CA GLU A 247 28.68 9.25 -38.44
C GLU A 247 27.32 8.74 -38.90
N GLY A 248 26.56 8.11 -38.00
CA GLY A 248 25.24 7.62 -38.34
C GLY A 248 24.26 8.71 -38.75
N THR A 249 24.58 9.97 -38.45
CA THR A 249 23.71 11.10 -38.73
C THR A 249 23.90 11.66 -40.13
N ASN A 250 24.67 10.98 -40.96
CA ASN A 250 25.03 11.48 -42.28
C ASN A 250 23.85 11.30 -43.23
N PRO A 251 23.24 12.38 -43.75
CA PRO A 251 22.00 12.19 -44.52
C PRO A 251 22.22 11.48 -45.84
N GLN A 252 23.30 11.80 -46.54
CA GLN A 252 23.62 11.10 -47.78
C GLN A 252 23.72 9.60 -47.56
N LYS A 253 24.41 9.20 -46.48
CA LYS A 253 24.57 7.77 -46.21
C LYS A 253 23.25 7.14 -45.84
N GLN A 254 22.45 7.84 -45.02
CA GLN A 254 21.12 7.37 -44.65
C GLN A 254 20.25 7.17 -45.89
N ALA A 255 20.26 8.14 -46.80
CA ALA A 255 19.42 8.05 -47.99
C ALA A 255 19.89 6.92 -48.90
N GLU A 256 21.20 6.77 -49.09
CA GLU A 256 21.71 5.68 -49.90
C GLU A 256 21.35 4.32 -49.29
N LEU A 257 21.46 4.19 -47.97
CA LEU A 257 21.04 2.96 -47.30
C LEU A 257 19.56 2.66 -47.56
N LEU A 258 18.68 3.65 -47.35
CA LEU A 258 17.26 3.39 -47.52
C LEU A 258 16.91 3.09 -48.97
N ASN A 259 17.51 3.81 -49.92
CA ASN A 259 17.28 3.50 -51.34
C ASN A 259 17.79 2.11 -51.70
N TYR A 260 18.83 1.65 -51.01
CA TYR A 260 19.34 0.30 -51.30
C TYR A 260 18.37 -0.76 -50.80
N ILE A 261 17.86 -0.59 -49.57
CA ILE A 261 16.81 -1.46 -49.04
C ILE A 261 15.58 -1.44 -49.93
N ASP A 262 15.26 -0.27 -50.46
CA ASP A 262 14.12 -0.15 -51.37
C ASP A 262 14.34 -0.97 -52.63
N GLU A 263 15.46 -0.76 -53.30
CA GLU A 263 15.67 -1.35 -54.61
C GLU A 263 16.05 -2.83 -54.53
N LYS A 264 16.84 -3.24 -53.53
CA LYS A 264 17.32 -4.61 -53.44
C LYS A 264 16.47 -5.51 -52.53
N PHE A 265 15.50 -4.96 -51.81
CA PHE A 265 14.69 -5.74 -50.88
C PHE A 265 13.21 -5.39 -51.00
N ALA A 266 12.87 -4.11 -50.83
CA ALA A 266 11.45 -3.75 -50.77
C ALA A 266 10.75 -3.97 -52.09
N GLN A 267 11.41 -3.64 -53.20
CA GLN A 267 10.83 -3.79 -54.52
C GLN A 267 11.17 -5.13 -55.14
N VAL A 268 11.91 -5.98 -54.43
CA VAL A 268 12.19 -7.33 -54.90
C VAL A 268 11.19 -8.33 -54.34
N LYS A 269 10.79 -8.17 -53.09
CA LYS A 269 9.71 -9.00 -52.57
C LYS A 269 8.41 -8.64 -53.30
N PRO A 270 7.49 -9.60 -53.42
CA PRO A 270 6.23 -9.31 -54.13
C PRO A 270 5.23 -8.47 -53.33
N ASP A 271 5.37 -8.38 -52.01
CA ASP A 271 4.26 -8.00 -51.12
C ASP A 271 4.68 -7.12 -49.95
N ILE A 272 5.70 -6.26 -50.13
CA ILE A 272 6.09 -5.30 -49.11
C ILE A 272 5.30 -4.00 -49.28
N ASN A 273 4.78 -3.50 -48.16
CA ASN A 273 3.88 -2.35 -48.16
C ASN A 273 4.61 -1.05 -47.82
N GLN A 274 4.71 -0.71 -46.54
CA GLN A 274 5.29 0.57 -46.14
C GLN A 274 6.80 0.44 -45.92
N LEU A 275 7.55 1.44 -46.39
CA LEU A 275 8.95 1.63 -46.03
C LEU A 275 9.11 3.04 -45.53
N VAL A 276 9.58 3.18 -44.29
CA VAL A 276 9.49 4.40 -43.50
C VAL A 276 10.86 4.66 -42.90
N MET A 277 11.27 5.93 -42.86
CA MET A 277 12.46 6.29 -42.12
C MET A 277 12.14 7.47 -41.23
N CYS A 278 12.85 7.56 -40.10
CA CYS A 278 12.71 8.76 -39.30
C CYS A 278 14.06 9.43 -39.19
N PRO A 279 14.16 10.72 -39.47
CA PRO A 279 15.47 11.36 -39.62
C PRO A 279 16.10 11.74 -38.28
N THR A 280 17.36 12.20 -38.37
CA THR A 280 18.07 12.69 -37.21
C THR A 280 17.55 14.07 -36.80
N GLU A 281 17.43 14.99 -37.77
CA GLU A 281 16.75 16.26 -37.53
C GLU A 281 15.27 16.02 -37.77
N TYR A 282 14.52 15.73 -36.70
CA TYR A 282 13.13 15.30 -36.84
C TYR A 282 12.11 16.33 -36.35
N ASN A 283 12.56 17.53 -35.98
CA ASN A 283 11.67 18.64 -35.67
C ASN A 283 12.39 19.93 -36.05
N LYS A 284 11.61 21.02 -36.18
CA LYS A 284 12.16 22.25 -36.74
C LYS A 284 13.28 22.83 -35.86
N SER A 285 13.09 22.85 -34.53
CA SER A 285 14.10 23.48 -33.69
C SER A 285 15.40 22.67 -33.65
N TRP A 286 15.34 21.37 -33.94
CA TRP A 286 16.56 20.58 -34.05
C TRP A 286 17.20 20.65 -35.43
N SER A 287 16.63 21.42 -36.34
CA SER A 287 17.16 21.54 -37.69
C SER A 287 18.19 22.66 -37.71
N ASN A 288 19.40 22.36 -38.18
CA ASN A 288 20.47 23.35 -38.25
C ASN A 288 20.43 24.02 -39.62
N PRO A 289 19.97 25.29 -39.71
CA PRO A 289 19.92 25.96 -41.02
C PRO A 289 21.28 26.30 -41.58
N ASN A 290 22.35 26.22 -40.76
CA ASN A 290 23.70 26.40 -41.26
C ASN A 290 24.15 25.24 -42.14
N GLY A 291 23.41 24.12 -42.15
CA GLY A 291 23.66 23.00 -43.03
C GLY A 291 22.46 22.78 -43.94
N ASN A 292 22.27 21.55 -44.41
CA ASN A 292 21.19 21.23 -45.34
C ASN A 292 20.82 19.75 -45.27
N TYR A 293 20.63 19.27 -44.04
CA TYR A 293 20.35 17.84 -43.82
C TYR A 293 19.02 17.43 -44.44
N LEU A 294 17.97 18.23 -44.22
CA LEU A 294 16.62 17.84 -44.60
C LEU A 294 16.42 17.91 -46.10
N THR A 295 17.02 18.90 -46.76
CA THR A 295 16.91 18.96 -48.22
C THR A 295 17.78 17.90 -48.90
N THR A 296 18.81 17.39 -48.22
CA THR A 296 19.55 16.26 -48.79
C THR A 296 18.70 15.00 -48.76
N LEU A 297 18.03 14.76 -47.63
CA LEU A 297 17.12 13.62 -47.54
C LEU A 297 15.98 13.77 -48.54
N GLY A 298 15.40 14.96 -48.63
CA GLY A 298 14.25 15.14 -49.49
C GLY A 298 14.56 14.83 -50.94
N ASP A 299 15.73 15.26 -51.41
CA ASP A 299 16.14 15.08 -52.80
C ASP A 299 16.74 13.72 -53.10
N LYS A 300 17.43 13.09 -52.14
CA LYS A 300 18.08 11.81 -52.44
C LYS A 300 17.19 10.62 -52.14
N LEU A 301 16.39 10.68 -51.09
CA LEU A 301 15.57 9.53 -50.71
C LEU A 301 14.51 9.27 -51.74
N ASN A 302 14.39 8.01 -52.17
CA ASN A 302 13.38 7.65 -53.17
C ASN A 302 12.02 8.17 -52.71
N PRO A 303 11.16 8.66 -53.61
CA PRO A 303 9.97 9.39 -53.16
C PRO A 303 8.94 8.52 -52.47
N SER A 304 8.87 7.22 -52.78
CA SER A 304 7.91 6.36 -52.08
C SER A 304 8.25 6.17 -50.61
N ILE A 305 9.45 6.48 -50.19
CA ILE A 305 9.85 6.24 -48.82
C ILE A 305 9.31 7.38 -47.96
N GLN A 306 8.74 7.03 -46.80
CA GLN A 306 8.15 8.01 -45.87
C GLN A 306 9.22 8.61 -44.97
N ILE A 307 9.00 9.86 -44.56
CA ILE A 307 9.90 10.57 -43.65
C ILE A 307 9.07 11.07 -42.48
N MET A 308 9.44 10.67 -41.26
CA MET A 308 8.68 11.00 -40.07
C MET A 308 9.11 12.34 -39.50
N TRP A 309 8.21 12.95 -38.74
CA TRP A 309 8.37 14.33 -38.32
C TRP A 309 7.50 14.55 -37.09
N THR A 310 8.05 15.20 -36.06
CA THR A 310 7.33 15.43 -34.81
C THR A 310 6.78 16.84 -34.68
N GLY A 311 7.00 17.70 -35.66
CA GLY A 311 6.49 19.06 -35.64
C GLY A 311 7.59 20.09 -35.51
N ASP A 312 7.19 21.28 -35.03
CA ASP A 312 8.13 22.38 -34.85
C ASP A 312 9.11 22.15 -33.70
N ARG A 313 8.81 21.24 -32.79
CA ARG A 313 9.67 20.90 -31.65
C ARG A 313 9.52 19.40 -31.41
N VAL A 314 10.43 18.85 -30.59
CA VAL A 314 10.39 17.43 -30.25
C VAL A 314 9.00 17.02 -29.79
N ILE A 315 8.39 17.84 -28.91
CA ILE A 315 7.02 17.64 -28.43
C ILE A 315 6.22 18.84 -28.93
N SER A 316 5.32 18.62 -29.87
CA SER A 316 4.58 19.72 -30.45
C SER A 316 3.35 19.17 -31.16
N ASP A 317 2.41 20.07 -31.40
CA ASP A 317 1.21 19.78 -32.14
C ASP A 317 1.38 20.29 -33.57
N ILE A 318 0.69 19.64 -34.51
CA ILE A 318 0.92 19.90 -35.94
C ILE A 318 0.05 21.07 -36.40
N THR A 319 0.69 22.08 -37.00
CA THR A 319 0.06 23.26 -37.56
C THR A 319 0.21 23.29 -39.07
N ARG A 320 -0.62 24.14 -39.69
CA ARG A 320 -0.58 24.27 -41.15
C ARG A 320 0.74 24.88 -41.61
N ASP A 321 1.20 25.93 -40.93
CA ASP A 321 2.48 26.50 -41.29
C ASP A 321 3.62 25.50 -41.06
N GLY A 322 3.53 24.73 -39.98
CA GLY A 322 4.60 23.79 -39.66
C GLY A 322 4.71 22.67 -40.69
N ILE A 323 3.57 22.09 -41.09
CA ILE A 323 3.63 21.00 -42.06
C ILE A 323 4.12 21.52 -43.40
N SER A 324 3.74 22.75 -43.77
CA SER A 324 4.23 23.31 -45.03
C SER A 324 5.73 23.54 -44.98
N TRP A 325 6.24 23.95 -43.81
CA TRP A 325 7.67 24.18 -43.64
C TRP A 325 8.48 22.91 -43.94
N ILE A 326 8.07 21.79 -43.38
CA ILE A 326 8.83 20.55 -43.55
C ILE A 326 8.60 20.00 -44.95
N ASN A 327 7.35 20.03 -45.43
CA ASN A 327 7.04 19.46 -46.74
C ASN A 327 7.85 20.10 -47.86
N GLU A 328 8.02 21.42 -47.82
CA GLU A 328 8.82 22.09 -48.83
C GLU A 328 10.24 21.54 -48.87
N ARG A 329 10.73 21.05 -47.74
CA ARG A 329 12.13 20.66 -47.64
C ARG A 329 12.35 19.18 -47.94
N ILE A 330 11.49 18.29 -47.45
CA ILE A 330 11.63 16.86 -47.74
C ILE A 330 10.95 16.44 -49.05
N LYS A 331 10.26 17.38 -49.73
CA LYS A 331 9.70 17.19 -51.07
C LYS A 331 8.64 16.10 -51.10
N ARG A 332 7.87 15.96 -50.03
CA ARG A 332 6.82 14.96 -49.91
C ARG A 332 6.03 15.26 -48.64
N PRO A 333 4.83 14.69 -48.50
CA PRO A 333 4.05 14.96 -47.29
C PRO A 333 4.60 14.18 -46.11
N ALA A 334 4.82 14.90 -45.01
CA ALA A 334 5.44 14.29 -43.85
C ALA A 334 4.52 13.23 -43.21
N TYR A 335 5.15 12.23 -42.63
CA TYR A 335 4.47 11.15 -41.91
C TYR A 335 4.60 11.51 -40.43
N ILE A 336 3.51 11.95 -39.81
CA ILE A 336 3.62 12.58 -38.48
C ILE A 336 3.85 11.53 -37.39
N TRP A 337 4.87 11.78 -36.58
CA TRP A 337 5.13 11.09 -35.31
C TRP A 337 4.76 12.08 -34.21
N TRP A 338 3.57 11.91 -33.62
CA TRP A 338 3.05 12.87 -32.64
C TRP A 338 3.35 12.39 -31.23
N ASN A 339 4.13 13.17 -30.49
CA ASN A 339 4.61 12.75 -29.17
C ASN A 339 3.61 13.10 -28.08
N PHE A 340 2.44 12.48 -28.21
CA PHE A 340 1.44 12.45 -27.14
C PHE A 340 0.64 11.16 -27.29
N PRO A 341 0.38 10.46 -26.19
CA PRO A 341 0.63 10.79 -24.78
C PRO A 341 1.96 10.31 -24.20
N VAL A 342 3.02 10.11 -25.01
CA VAL A 342 4.27 9.58 -24.46
C VAL A 342 4.68 10.36 -23.22
N SER A 343 5.10 9.65 -22.17
CA SER A 343 5.40 10.26 -20.88
C SER A 343 6.80 9.87 -20.41
N ASP A 344 7.65 9.38 -21.31
CA ASP A 344 8.91 8.79 -20.88
C ASP A 344 9.91 9.84 -20.40
N TYR A 345 9.57 11.12 -20.47
CA TYR A 345 10.35 12.19 -19.90
C TYR A 345 9.63 12.86 -18.74
N VAL A 346 8.44 12.35 -18.38
CA VAL A 346 7.72 12.80 -17.19
C VAL A 346 7.07 11.57 -16.57
N ARG A 347 7.90 10.57 -16.25
CA ARG A 347 7.42 9.23 -15.93
C ARG A 347 6.63 9.13 -14.64
N ASP A 348 6.61 10.16 -13.81
CA ASP A 348 5.76 10.19 -12.62
C ASP A 348 4.36 10.78 -12.88
N HIS A 349 4.01 11.08 -14.13
CA HIS A 349 2.69 11.59 -14.49
C HIS A 349 2.00 10.61 -15.43
N LEU A 350 0.68 10.44 -15.27
CA LEU A 350 -0.13 9.82 -16.31
C LEU A 350 -0.70 10.94 -17.17
N LEU A 351 -0.79 10.71 -18.49
CA LEU A 351 -1.33 11.72 -19.41
C LEU A 351 -2.62 11.17 -20.01
N LEU A 352 -3.73 11.41 -19.31
CA LEU A 352 -5.01 10.82 -19.66
C LEU A 352 -6.03 11.81 -20.22
N GLY A 353 -5.62 13.02 -20.61
CA GLY A 353 -6.55 14.03 -21.05
C GLY A 353 -6.84 13.89 -22.54
N PRO A 354 -7.68 14.79 -23.05
CA PRO A 354 -8.07 14.74 -24.46
C PRO A 354 -6.92 15.02 -25.41
N VAL A 355 -7.13 14.60 -26.66
CA VAL A 355 -6.20 14.82 -27.76
C VAL A 355 -6.60 16.11 -28.47
N TYR A 356 -5.70 17.09 -28.50
CA TYR A 356 -6.03 18.36 -29.14
C TYR A 356 -4.76 19.10 -29.56
N GLY A 357 -4.97 20.16 -30.34
CA GLY A 357 -3.94 21.06 -30.80
C GLY A 357 -3.54 20.90 -32.26
N ASN A 358 -3.89 19.78 -32.88
CA ASN A 358 -3.47 19.47 -34.24
C ASN A 358 -4.47 20.05 -35.23
N ASP A 359 -3.97 20.79 -36.21
CA ASP A 359 -4.84 21.41 -37.21
C ASP A 359 -5.71 20.35 -37.88
N THR A 360 -6.97 20.67 -38.06
CA THR A 360 -7.97 19.74 -38.53
C THR A 360 -8.21 19.82 -40.04
N THR A 361 -7.44 20.66 -40.75
CA THR A 361 -7.70 20.93 -42.15
C THR A 361 -6.56 20.48 -43.06
N ILE A 362 -5.55 19.81 -42.52
CA ILE A 362 -4.30 19.56 -43.23
C ILE A 362 -4.12 18.08 -43.58
N ALA A 363 -5.22 17.32 -43.63
CA ALA A 363 -5.14 15.91 -43.94
C ALA A 363 -4.42 15.65 -45.27
N LYS A 364 -4.66 16.49 -46.28
CA LYS A 364 -3.98 16.26 -47.55
C LYS A 364 -2.47 16.42 -47.43
N GLU A 365 -2.00 17.13 -46.40
CA GLU A 365 -0.59 17.53 -46.28
C GLU A 365 0.25 16.55 -45.49
N MET A 366 -0.32 15.45 -45.02
CA MET A 366 0.43 14.43 -44.29
C MET A 366 0.22 13.08 -44.92
N SER A 367 1.30 12.28 -44.89
CA SER A 367 1.25 10.94 -45.46
C SER A 367 0.69 9.95 -44.46
N GLY A 368 0.87 10.24 -43.18
CA GLY A 368 0.43 9.37 -42.11
C GLY A 368 0.43 10.18 -40.84
N PHE A 369 -0.26 9.63 -39.85
CA PHE A 369 -0.29 10.23 -38.50
C PHE A 369 -0.29 9.09 -37.49
N VAL A 370 0.77 8.99 -36.66
CA VAL A 370 0.85 7.97 -35.63
C VAL A 370 1.18 8.65 -34.31
N THR A 371 0.64 8.08 -33.22
CA THR A 371 0.89 8.55 -31.86
C THR A 371 1.92 7.66 -31.18
N ASN A 372 2.86 8.31 -30.49
CA ASN A 372 3.81 7.65 -29.60
C ASN A 372 3.19 7.62 -28.21
N PRO A 373 2.84 6.46 -27.66
CA PRO A 373 2.03 6.42 -26.43
C PRO A 373 2.88 6.34 -25.16
N MET A 374 2.21 6.19 -24.01
CA MET A 374 2.89 5.92 -22.75
C MET A 374 3.30 4.43 -22.71
N GLU A 375 4.29 4.14 -21.87
CA GLU A 375 4.58 2.72 -21.66
C GLU A 375 3.40 2.01 -20.99
N HIS A 376 2.41 2.76 -20.48
CA HIS A 376 1.16 2.20 -19.96
C HIS A 376 0.21 1.99 -21.15
N ALA A 377 0.07 0.74 -21.58
CA ALA A 377 -0.59 0.45 -22.85
C ALA A 377 -2.08 0.70 -22.78
N GLU A 378 -2.75 0.16 -21.75
CA GLU A 378 -4.19 0.33 -21.66
C GLU A 378 -4.54 1.81 -21.44
N SER A 379 -3.80 2.48 -20.54
CA SER A 379 -4.05 3.90 -20.26
C SER A 379 -3.96 4.76 -21.52
N SER A 380 -3.17 4.33 -22.51
CA SER A 380 -2.94 5.09 -23.73
C SER A 380 -4.08 4.94 -24.71
N LYS A 381 -5.05 4.05 -24.42
CA LYS A 381 -6.16 3.86 -25.34
C LYS A 381 -7.05 5.10 -25.41
N ILE A 382 -7.04 5.95 -24.40
CA ILE A 382 -7.81 7.20 -24.45
C ILE A 382 -7.30 8.07 -25.58
N ALA A 383 -5.97 8.23 -25.66
CA ALA A 383 -5.39 9.07 -26.69
C ALA A 383 -5.41 8.35 -28.04
N ILE A 384 -5.17 7.03 -28.03
CA ILE A 384 -5.13 6.25 -29.27
C ILE A 384 -6.49 6.27 -29.98
N TYR A 385 -7.55 5.96 -29.25
CA TYR A 385 -8.93 6.09 -29.76
C TYR A 385 -9.19 7.47 -30.35
N SER A 386 -8.68 8.52 -29.70
CA SER A 386 -8.98 9.88 -30.16
C SER A 386 -8.16 10.23 -31.39
N VAL A 387 -6.91 9.78 -31.45
CA VAL A 387 -6.13 9.95 -32.68
C VAL A 387 -6.77 9.18 -33.82
N ALA A 388 -7.25 7.97 -33.54
CA ALA A 388 -7.95 7.20 -34.57
C ALA A 388 -9.09 8.01 -35.17
N SER A 389 -9.90 8.66 -34.31
CA SER A 389 -11.03 9.46 -34.78
C SER A 389 -10.54 10.68 -35.56
N TYR A 390 -9.52 11.36 -35.03
CA TYR A 390 -8.99 12.56 -35.66
C TYR A 390 -8.45 12.24 -37.05
N ALA A 391 -7.65 11.18 -37.14
CA ALA A 391 -6.95 10.86 -38.37
C ALA A 391 -7.92 10.43 -39.48
N TRP A 392 -8.99 9.71 -39.11
CA TRP A 392 -9.94 9.20 -40.08
C TRP A 392 -10.85 10.30 -40.61
N ASN A 393 -11.31 11.18 -39.74
CA ASN A 393 -12.22 12.26 -40.12
C ASN A 393 -11.86 13.51 -39.34
N PRO A 394 -10.80 14.21 -39.74
CA PRO A 394 -10.39 15.36 -38.92
C PRO A 394 -11.39 16.49 -39.00
N ALA A 395 -12.01 16.74 -40.17
CA ALA A 395 -12.92 17.88 -40.30
C ALA A 395 -14.03 17.85 -39.26
N LYS A 396 -14.41 16.65 -38.80
CA LYS A 396 -15.45 16.49 -37.79
C LYS A 396 -14.88 16.15 -36.42
N TYR A 397 -13.59 16.36 -36.21
CA TYR A 397 -12.98 15.89 -34.96
C TYR A 397 -13.48 16.70 -33.77
N ASP A 398 -14.02 15.99 -32.77
CA ASP A 398 -14.67 16.57 -31.60
C ASP A 398 -13.83 16.12 -30.40
N THR A 399 -12.99 17.04 -29.90
CA THR A 399 -12.00 16.71 -28.88
C THR A 399 -12.64 16.06 -27.67
N TRP A 400 -13.58 16.77 -27.06
CA TRP A 400 -14.13 16.36 -25.78
C TRP A 400 -15.06 15.18 -25.94
N GLN A 401 -15.92 15.18 -26.95
CA GLN A 401 -16.83 14.06 -27.15
C GLN A 401 -16.07 12.77 -27.38
N THR A 402 -15.01 12.83 -28.18
CA THR A 402 -14.23 11.63 -28.49
C THR A 402 -13.50 11.15 -27.23
N TRP A 403 -13.03 12.08 -26.40
CA TRP A 403 -12.41 11.70 -25.12
C TRP A 403 -13.40 10.96 -24.24
N LYS A 404 -14.61 11.52 -24.09
CA LYS A 404 -15.67 10.86 -23.34
C LYS A 404 -16.05 9.53 -23.97
N ASP A 405 -16.17 9.47 -25.31
CA ASP A 405 -16.47 8.19 -25.97
C ASP A 405 -15.37 7.16 -25.73
N ALA A 406 -14.10 7.58 -25.76
CA ALA A 406 -13.00 6.65 -25.51
C ALA A 406 -13.11 6.02 -24.13
N ILE A 407 -13.35 6.85 -23.12
CA ILE A 407 -13.42 6.36 -21.74
C ILE A 407 -14.59 5.40 -21.58
N ARG A 408 -15.71 5.70 -22.21
CA ARG A 408 -16.90 4.86 -22.09
C ARG A 408 -16.67 3.51 -22.75
N THR A 409 -15.80 3.47 -23.77
CA THR A 409 -15.46 2.25 -24.47
C THR A 409 -14.46 1.42 -23.67
N ILE A 410 -13.47 2.08 -23.08
CA ILE A 410 -12.43 1.37 -22.33
C ILE A 410 -12.97 0.80 -21.03
N LEU A 411 -13.90 1.51 -20.37
CA LEU A 411 -14.36 1.13 -19.03
C LEU A 411 -15.83 1.48 -18.86
N PRO A 412 -16.71 0.79 -19.60
CA PRO A 412 -18.13 1.15 -19.52
C PRO A 412 -18.71 1.03 -18.12
N SER A 413 -18.21 0.08 -17.32
CA SER A 413 -18.80 -0.12 -16.00
C SER A 413 -18.44 0.98 -15.01
N ALA A 414 -17.49 1.84 -15.36
CA ALA A 414 -17.02 2.89 -14.44
C ALA A 414 -16.54 4.10 -15.24
N ALA A 415 -17.27 4.45 -16.30
CA ALA A 415 -16.83 5.53 -17.19
C ALA A 415 -16.80 6.88 -16.49
N GLU A 416 -17.81 7.18 -15.66
CA GLU A 416 -17.82 8.43 -14.91
C GLU A 416 -16.63 8.51 -13.95
N GLU A 417 -16.27 7.40 -13.33
CA GLU A 417 -15.14 7.41 -12.40
C GLU A 417 -13.82 7.59 -13.14
N LEU A 418 -13.70 7.00 -14.33
CA LEU A 418 -12.48 7.19 -15.12
C LEU A 418 -12.39 8.61 -15.67
N GLU A 419 -13.54 9.21 -16.02
CA GLU A 419 -13.55 10.62 -16.43
C GLU A 419 -13.03 11.50 -15.32
N CYS A 420 -13.58 11.33 -14.12
CA CYS A 420 -13.12 12.11 -12.97
C CYS A 420 -11.61 11.96 -12.78
N PHE A 421 -11.11 10.72 -12.77
CA PHE A 421 -9.68 10.48 -12.63
C PHE A 421 -8.89 11.11 -13.77
N ALA A 422 -9.32 10.90 -15.02
CA ALA A 422 -8.57 11.39 -16.16
C ALA A 422 -8.53 12.92 -16.20
N MET A 423 -9.65 13.57 -15.84
CA MET A 423 -9.76 15.03 -15.92
C MET A 423 -8.67 15.71 -15.11
N HIS A 424 -8.24 15.08 -14.02
CA HIS A 424 -7.27 15.64 -13.09
C HIS A 424 -5.90 14.98 -13.22
N ASN A 425 -5.69 14.23 -14.29
CA ASN A 425 -4.42 13.56 -14.56
C ASN A 425 -4.11 13.77 -16.04
N SER A 426 -3.88 15.02 -16.42
CA SER A 426 -3.69 15.30 -17.86
C SER A 426 -2.48 16.19 -18.10
N ASP A 427 -2.09 17.03 -17.14
CA ASP A 427 -0.93 17.88 -17.33
C ASP A 427 0.35 17.09 -17.08
N LEU A 428 1.44 17.54 -17.70
CA LEU A 428 2.75 16.92 -17.59
C LEU A 428 3.59 17.49 -16.44
N GLY A 429 3.23 18.66 -15.93
CA GLY A 429 4.08 19.36 -14.99
C GLY A 429 5.25 20.00 -15.73
N PRO A 430 6.05 20.78 -15.01
CA PRO A 430 7.22 21.41 -15.64
C PRO A 430 8.18 20.36 -16.21
N ASN A 431 8.74 20.66 -17.39
CA ASN A 431 9.64 19.71 -18.06
C ASN A 431 10.51 20.43 -19.08
N GLY A 432 11.58 19.76 -19.48
CA GLY A 432 12.58 20.35 -20.35
C GLY A 432 12.08 20.67 -21.75
N HIS A 433 11.04 19.99 -22.21
CA HIS A 433 10.46 20.22 -23.52
C HIS A 433 9.47 21.36 -23.55
N GLY A 434 9.03 21.84 -22.39
CA GLY A 434 8.08 22.92 -22.31
C GLY A 434 6.66 22.56 -22.72
N TYR A 435 6.34 21.29 -22.85
CA TYR A 435 5.02 20.87 -23.31
C TYR A 435 4.09 20.69 -22.12
N ARG A 436 2.93 21.32 -22.17
CA ARG A 436 1.95 21.22 -21.10
C ARG A 436 0.58 20.89 -21.68
N ARG A 437 -0.32 20.46 -20.80
CA ARG A 437 -1.71 20.23 -21.15
C ARG A 437 -2.62 20.85 -20.09
N GLU A 438 -3.79 21.31 -20.52
CA GLU A 438 -4.78 21.76 -19.56
CA GLU A 438 -4.80 21.75 -19.57
C GLU A 438 -5.12 20.62 -18.60
N GLU A 439 -5.64 20.99 -17.44
CA GLU A 439 -6.03 20.04 -16.42
C GLU A 439 -6.99 20.71 -15.44
N SER A 440 -7.97 19.95 -14.96
CA SER A 440 -8.90 20.39 -13.93
C SER A 440 -9.57 21.71 -14.30
N MET A 441 -9.78 21.94 -15.60
CA MET A 441 -10.34 23.21 -16.02
C MET A 441 -11.75 23.44 -15.47
N ASP A 442 -12.50 22.36 -15.22
CA ASP A 442 -13.85 22.49 -14.71
C ASP A 442 -13.90 23.26 -13.38
N ILE A 443 -13.00 22.94 -12.45
CA ILE A 443 -13.04 23.57 -11.13
C ILE A 443 -11.98 24.64 -10.98
N GLN A 444 -11.16 24.89 -12.00
CA GLN A 444 -10.06 25.84 -11.84
C GLN A 444 -10.53 27.25 -11.51
N PRO A 445 -11.59 27.79 -12.11
CA PRO A 445 -12.00 29.17 -11.75
C PRO A 445 -12.45 29.28 -10.30
N ALA A 446 -13.19 28.29 -9.80
CA ALA A 446 -13.61 28.31 -8.40
C ALA A 446 -12.44 28.19 -7.45
N ALA A 447 -11.40 27.42 -7.83
CA ALA A 447 -10.21 27.32 -6.99
C ALA A 447 -9.45 28.64 -6.93
N GLU A 448 -9.29 29.30 -8.09
CA GLU A 448 -8.59 30.58 -8.14
C GLU A 448 -9.32 31.65 -7.33
N ARG A 449 -10.64 31.70 -7.45
CA ARG A 449 -11.40 32.71 -6.71
C ARG A 449 -11.36 32.44 -5.20
N PHE A 450 -11.56 31.18 -4.80
CA PHE A 450 -11.53 30.83 -3.39
C PHE A 450 -10.21 31.21 -2.75
N LEU A 451 -9.11 30.96 -3.44
CA LEU A 451 -7.81 31.12 -2.80
C LEU A 451 -7.41 32.59 -2.73
N LYS A 452 -7.78 33.37 -3.75
CA LYS A 452 -7.49 34.80 -3.72
C LYS A 452 -8.22 35.48 -2.57
N ALA A 453 -9.52 35.20 -2.42
CA ALA A 453 -10.26 35.77 -1.31
C ALA A 453 -9.71 35.32 0.03
N PHE A 454 -9.57 34.01 0.21
CA PHE A 454 -9.09 33.49 1.48
C PHE A 454 -7.77 34.16 1.89
N LYS A 455 -6.83 34.25 0.95
CA LYS A 455 -5.54 34.88 1.24
C LYS A 455 -5.69 36.35 1.60
N GLU A 456 -6.63 37.03 0.95
CA GLU A 456 -6.77 38.47 1.12
C GLU A 456 -7.58 38.85 2.35
N GLY A 457 -8.27 37.90 2.99
CA GLY A 457 -9.16 38.23 4.08
C GLY A 457 -10.50 38.72 3.62
N LYS A 458 -10.89 38.37 2.40
CA LYS A 458 -12.23 38.60 1.89
C LYS A 458 -13.04 37.32 2.01
N ASN A 459 -14.34 37.47 2.05
CA ASN A 459 -15.21 36.31 2.06
C ASN A 459 -15.12 35.59 0.72
N TYR A 460 -14.95 34.28 0.76
CA TYR A 460 -15.03 33.50 -0.48
C TYR A 460 -16.50 33.18 -0.77
N ASP A 461 -16.79 32.94 -2.05
CA ASP A 461 -18.14 32.56 -2.44
C ASP A 461 -18.47 31.17 -1.91
N LYS A 462 -19.62 31.04 -1.24
CA LYS A 462 -20.06 29.73 -0.78
C LYS A 462 -20.09 28.71 -1.92
N ALA A 463 -20.57 29.13 -3.09
CA ALA A 463 -20.65 28.22 -4.23
C ALA A 463 -19.28 27.67 -4.59
N ASP A 464 -18.24 28.50 -4.52
CA ASP A 464 -16.91 28.00 -4.82
C ASP A 464 -16.44 26.99 -3.78
N PHE A 465 -16.68 27.26 -2.50
CA PHE A 465 -16.31 26.31 -1.47
C PHE A 465 -16.98 24.95 -1.71
N GLU A 466 -18.26 24.96 -2.07
CA GLU A 466 -19.00 23.72 -2.26
C GLU A 466 -18.55 23.00 -3.51
N THR A 467 -18.14 23.75 -4.54
CA THR A 467 -17.57 23.10 -5.74
C THR A 467 -16.32 22.32 -5.36
N LEU A 468 -15.48 22.88 -4.48
CA LEU A 468 -14.28 22.20 -4.04
C LEU A 468 -14.62 20.97 -3.19
N GLN A 469 -15.52 21.15 -2.21
CA GLN A 469 -16.05 20.03 -1.44
C GLN A 469 -16.53 18.90 -2.36
N TYR A 470 -17.38 19.26 -3.34
CA TYR A 470 -17.90 18.27 -4.29
C TYR A 470 -16.80 17.52 -5.01
N THR A 471 -15.78 18.25 -5.44
CA THR A 471 -14.70 17.65 -6.22
C THR A 471 -14.00 16.58 -5.41
N PHE A 472 -13.71 16.88 -4.14
CA PHE A 472 -12.93 15.95 -3.33
C PHE A 472 -13.74 14.70 -3.02
N GLU A 473 -15.04 14.86 -2.79
CA GLU A 473 -15.92 13.73 -2.58
C GLU A 473 -15.93 12.82 -3.81
N ARG A 474 -16.18 13.41 -4.99
CA ARG A 474 -16.20 12.62 -6.22
C ARG A 474 -14.84 11.97 -6.49
N MET A 475 -13.75 12.62 -6.12
CA MET A 475 -12.43 12.03 -6.29
C MET A 475 -12.28 10.76 -5.46
N LYS A 476 -12.72 10.79 -4.19
CA LYS A 476 -12.64 9.60 -3.35
C LYS A 476 -13.52 8.47 -3.87
N GLU A 477 -14.76 8.81 -4.28
CA GLU A 477 -15.63 7.82 -4.88
C GLU A 477 -14.96 7.16 -6.08
N SER A 478 -14.36 7.97 -6.95
CA SER A 478 -13.85 7.45 -8.20
C SER A 478 -12.62 6.60 -7.95
N ALA A 479 -11.74 7.04 -7.05
CA ALA A 479 -10.57 6.25 -6.68
C ALA A 479 -10.95 4.87 -6.18
N ASP A 480 -11.85 4.81 -5.20
CA ASP A 480 -12.21 3.53 -4.61
C ASP A 480 -12.90 2.62 -5.62
N ILE A 481 -13.75 3.18 -6.47
CA ILE A 481 -14.45 2.37 -7.47
C ILE A 481 -13.48 1.84 -8.53
N LEU A 482 -12.55 2.67 -8.98
CA LEU A 482 -11.60 2.22 -9.98
C LEU A 482 -10.71 1.10 -9.43
N LEU A 483 -10.25 1.26 -8.18
CA LEU A 483 -9.38 0.26 -7.57
C LEU A 483 -9.98 -1.13 -7.62
N MET A 484 -11.29 -1.24 -7.46
CA MET A 484 -11.91 -2.55 -7.39
C MET A 484 -12.49 -3.02 -8.72
N ASN A 485 -12.35 -2.23 -9.79
CA ASN A 485 -12.96 -2.56 -11.06
C ASN A 485 -12.25 -3.77 -11.69
N THR A 486 -13.03 -4.73 -12.20
CA THR A 486 -12.49 -5.98 -12.74
C THR A 486 -12.81 -6.13 -14.22
N GLU A 487 -13.37 -5.10 -14.83
CA GLU A 487 -13.72 -5.15 -16.24
C GLU A 487 -12.49 -5.02 -17.12
N ASN A 488 -11.52 -4.21 -16.70
CA ASN A 488 -10.26 -4.05 -17.42
C ASN A 488 -9.18 -4.12 -16.34
N LYS A 489 -8.86 -5.34 -15.92
CA LYS A 489 -7.84 -5.51 -14.89
C LYS A 489 -6.49 -4.96 -15.34
N PRO A 490 -6.07 -5.14 -16.59
CA PRO A 490 -4.77 -4.57 -16.99
C PRO A 490 -4.68 -3.07 -16.84
N LEU A 491 -5.74 -2.34 -17.21
CA LEU A 491 -5.78 -0.89 -16.99
C LEU A 491 -5.59 -0.55 -15.52
N ILE A 492 -6.31 -1.24 -14.65
CA ILE A 492 -6.29 -0.86 -13.23
C ILE A 492 -4.93 -1.16 -12.64
N VAL A 493 -4.29 -2.25 -13.07
CA VAL A 493 -2.91 -2.52 -12.66
C VAL A 493 -2.02 -1.33 -13.01
N GLU A 494 -2.18 -0.77 -14.21
CA GLU A 494 -1.32 0.34 -14.64
C GLU A 494 -1.50 1.58 -13.76
N ILE A 495 -2.75 1.95 -13.46
CA ILE A 495 -3.01 3.25 -12.84
C ILE A 495 -3.06 3.19 -11.30
N THR A 496 -3.09 2.00 -10.72
CA THR A 496 -3.33 1.88 -9.27
C THR A 496 -2.45 2.76 -8.41
N PRO A 497 -1.14 2.89 -8.63
CA PRO A 497 -0.36 3.78 -7.77
C PRO A 497 -0.86 5.22 -7.79
N TRP A 498 -1.17 5.72 -8.98
CA TRP A 498 -1.76 7.04 -9.12
C TRP A 498 -3.16 7.09 -8.51
N VAL A 499 -3.92 6.00 -8.61
CA VAL A 499 -5.24 6.01 -7.97
C VAL A 499 -5.10 6.18 -6.46
N HIS A 500 -4.16 5.46 -5.85
CA HIS A 500 -3.92 5.60 -4.40
C HIS A 500 -3.55 7.02 -4.04
N GLN A 501 -2.61 7.61 -4.78
CA GLN A 501 -2.19 8.98 -4.52
C GLN A 501 -3.31 9.97 -4.76
N PHE A 502 -4.18 9.66 -5.73
CA PHE A 502 -5.31 10.50 -6.07
C PHE A 502 -6.31 10.54 -4.93
N LYS A 503 -6.56 9.39 -4.31
CA LYS A 503 -7.46 9.38 -3.18
C LYS A 503 -6.86 10.16 -2.01
N LEU A 504 -5.55 10.01 -1.78
CA LEU A 504 -4.89 10.72 -0.69
C LEU A 504 -4.99 12.22 -0.90
N THR A 505 -4.85 12.67 -2.15
CA THR A 505 -5.03 14.08 -2.47
C THR A 505 -6.43 14.54 -2.04
N ALA A 506 -7.44 13.75 -2.40
CA ALA A 506 -8.82 14.11 -2.12
C ALA A 506 -9.09 14.16 -0.62
N GLU A 507 -8.57 13.18 0.13
CA GLU A 507 -8.76 13.19 1.59
C GLU A 507 -8.09 14.41 2.21
N MET A 508 -6.85 14.68 1.80
CA MET A 508 -6.16 15.87 2.27
C MET A 508 -6.97 17.12 1.96
N GLY A 509 -7.47 17.24 0.72
CA GLY A 509 -8.27 18.40 0.37
C GLY A 509 -9.48 18.56 1.26
N GLU A 510 -10.18 17.47 1.56
CA GLU A 510 -11.31 17.56 2.49
C GLU A 510 -10.86 18.07 3.85
N GLU A 511 -9.74 17.55 4.37
CA GLU A 511 -9.35 17.92 5.73
C GLU A 511 -8.91 19.38 5.81
N VAL A 512 -8.28 19.89 4.74
CA VAL A 512 -7.89 21.29 4.72
C VAL A 512 -9.13 22.18 4.68
N LEU A 513 -10.12 21.81 3.87
CA LEU A 513 -11.36 22.58 3.87
C LEU A 513 -12.03 22.58 5.24
N LYS A 514 -11.92 21.48 5.99
CA LYS A 514 -12.44 21.49 7.36
C LYS A 514 -11.61 22.40 8.25
N MET A 515 -10.31 22.51 8.01
CA MET A 515 -9.53 23.50 8.73
C MET A 515 -9.99 24.92 8.42
N VAL A 516 -10.43 25.19 7.18
CA VAL A 516 -10.91 26.52 6.82
C VAL A 516 -12.21 26.84 7.55
N GLU A 517 -13.15 25.89 7.57
CA GLU A 517 -14.43 26.01 8.27
C GLU A 517 -14.28 25.88 9.77
N GLY A 518 -13.13 25.43 10.25
CA GLY A 518 -12.91 25.07 11.63
C GLY A 518 -13.34 26.14 12.60
N ARG A 519 -13.93 25.71 13.71
CA ARG A 519 -14.59 26.61 14.65
C ARG A 519 -14.08 26.47 16.07
N ASN A 520 -13.24 25.48 16.36
CA ASN A 520 -12.63 25.45 17.68
C ASN A 520 -11.23 24.87 17.53
N GLU A 521 -10.40 25.20 18.52
CA GLU A 521 -8.98 24.92 18.42
C GLU A 521 -8.73 23.41 18.39
N SER A 522 -9.40 22.67 19.27
CA SER A 522 -9.23 21.22 19.34
C SER A 522 -9.57 20.56 18.01
N TYR A 523 -10.67 20.97 17.39
CA TYR A 523 -11.05 20.38 16.12
C TYR A 523 -10.02 20.70 15.04
N PHE A 524 -9.61 21.96 14.96
CA PHE A 524 -8.59 22.34 13.98
C PHE A 524 -7.34 21.47 14.13
N LEU A 525 -6.93 21.19 15.37
CA LEU A 525 -5.67 20.49 15.60
C LEU A 525 -5.76 19.02 15.17
N ARG A 526 -6.88 18.34 15.44
CA ARG A 526 -7.10 17.02 14.88
C ARG A 526 -6.95 17.03 13.37
N LYS A 527 -7.57 18.01 12.71
CA LYS A 527 -7.51 18.07 11.25
C LYS A 527 -6.09 18.35 10.79
N TYR A 528 -5.38 19.21 11.51
CA TYR A 528 -3.98 19.51 11.17
C TYR A 528 -3.12 18.27 11.29
N ASN A 529 -3.24 17.53 12.39
CA ASN A 529 -2.53 16.27 12.53
C ASN A 529 -2.94 15.27 11.47
N HIS A 530 -4.22 15.22 11.11
CA HIS A 530 -4.60 14.30 10.05
C HIS A 530 -3.92 14.69 8.75
N VAL A 531 -3.92 15.98 8.40
CA VAL A 531 -3.26 16.38 7.16
C VAL A 531 -1.80 15.95 7.17
N LYS A 532 -1.10 16.12 8.29
CA LYS A 532 0.31 15.73 8.33
C LYS A 532 0.49 14.24 8.07
N ALA A 533 -0.38 13.40 8.63
CA ALA A 533 -0.24 11.97 8.42
C ALA A 533 -0.52 11.61 6.98
N LEU A 534 -1.45 12.32 6.34
CA LEU A 534 -1.74 12.12 4.92
C LEU A 534 -0.57 12.52 4.05
N GLN A 535 0.08 13.64 4.39
CA GLN A 535 1.33 14.03 3.72
C GLN A 535 2.35 12.90 3.77
N GLN A 536 2.48 12.28 4.95
CA GLN A 536 3.43 11.18 5.13
C GLN A 536 3.06 9.98 4.28
N GLN A 537 1.76 9.71 4.14
CA GLN A 537 1.35 8.60 3.28
C GLN A 537 1.65 8.90 1.82
N MET A 538 1.39 10.13 1.37
CA MET A 538 1.73 10.42 -0.01
C MET A 538 3.24 10.27 -0.25
N PHE A 539 4.06 10.60 0.75
CA PHE A 539 5.51 10.46 0.60
C PHE A 539 5.85 9.00 0.44
N TYR A 540 5.27 8.15 1.30
CA TYR A 540 5.47 6.72 1.19
C TYR A 540 5.12 6.21 -0.21
N ILE A 541 3.96 6.60 -0.74
CA ILE A 541 3.61 6.14 -2.08
C ILE A 541 4.63 6.64 -3.10
N ASP A 542 5.01 7.92 -2.99
CA ASP A 542 5.99 8.49 -3.92
C ASP A 542 7.34 7.76 -3.88
N GLN A 543 7.67 7.10 -2.77
CA GLN A 543 8.97 6.45 -2.60
C GLN A 543 8.94 4.97 -2.87
N THR A 544 7.76 4.33 -2.95
CA THR A 544 7.69 2.89 -3.13
C THR A 544 7.02 2.44 -4.43
N SER A 545 6.33 3.33 -5.12
CA SER A 545 5.70 3.03 -6.39
C SER A 545 6.44 3.71 -7.54
N ASN A 546 6.42 3.06 -8.71
CA ASN A 546 6.98 3.62 -9.94
C ASN A 546 8.39 4.15 -9.75
N GLN A 547 9.24 3.33 -9.12
CA GLN A 547 10.64 3.72 -8.86
C GLN A 547 11.50 3.46 -10.09
N ASN A 548 11.22 4.22 -11.15
CA ASN A 548 12.05 4.18 -12.34
C ASN A 548 13.27 5.08 -12.14
N PRO A 549 14.30 4.95 -12.99
CA PRO A 549 15.55 5.67 -12.73
C PRO A 549 15.53 7.16 -13.07
N TYR A 550 14.47 7.69 -13.68
CA TYR A 550 14.54 9.03 -14.25
C TYR A 550 13.58 10.02 -13.61
N GLN A 551 12.29 9.69 -13.51
CA GLN A 551 11.32 10.47 -12.74
C GLN A 551 10.56 9.49 -11.87
N PRO A 552 11.16 9.04 -10.76
CA PRO A 552 10.49 8.07 -9.89
C PRO A 552 9.30 8.69 -9.18
N GLY A 553 8.39 7.84 -8.77
CA GLY A 553 7.31 8.29 -7.91
C GLY A 553 6.02 8.48 -8.67
N VAL A 554 5.07 9.12 -7.97
CA VAL A 554 3.69 9.20 -8.41
C VAL A 554 3.22 10.61 -8.12
N LYS A 555 2.90 11.36 -9.18
CA LYS A 555 2.31 12.69 -9.07
C LYS A 555 0.96 12.68 -9.75
N THR A 556 0.00 13.40 -9.16
CA THR A 556 -1.38 13.39 -9.60
C THR A 556 -2.00 14.72 -9.24
N ALA A 557 -2.93 15.19 -10.08
CA ALA A 557 -3.69 16.42 -9.87
C ALA A 557 -2.78 17.61 -9.57
N THR A 558 -1.78 17.77 -10.43
CA THR A 558 -0.64 18.64 -10.11
C THR A 558 -0.82 20.07 -10.58
N ARG A 559 -1.61 20.30 -11.62
CA ARG A 559 -1.68 21.64 -12.18
C ARG A 559 -2.48 22.59 -11.29
N VAL A 560 -3.62 22.15 -10.79
CA VAL A 560 -4.55 23.02 -10.07
C VAL A 560 -4.77 22.57 -8.64
N ILE A 561 -5.08 21.28 -8.44
CA ILE A 561 -5.63 20.85 -7.15
C ILE A 561 -4.54 20.81 -6.08
N LYS A 562 -3.38 20.21 -6.37
CA LYS A 562 -2.33 20.16 -5.35
CA LYS A 562 -2.34 20.16 -5.36
C LYS A 562 -1.88 21.56 -4.93
N PRO A 563 -1.61 22.49 -5.85
CA PRO A 563 -1.31 23.87 -5.43
C PRO A 563 -2.42 24.50 -4.61
N LEU A 564 -3.67 24.30 -5.00
CA LEU A 564 -4.79 24.82 -4.20
C LEU A 564 -4.70 24.33 -2.77
N ILE A 565 -4.57 23.02 -2.60
CA ILE A 565 -4.59 22.42 -1.27
C ILE A 565 -3.39 22.90 -0.46
N ASP A 566 -2.19 22.84 -1.05
CA ASP A 566 -0.97 23.24 -0.34
C ASP A 566 -1.03 24.69 0.10
N ARG A 567 -1.45 25.57 -0.82
CA ARG A 567 -1.51 27.00 -0.50
C ARG A 567 -2.62 27.32 0.51
N THR A 568 -3.72 26.57 0.46
CA THR A 568 -4.78 26.77 1.44
C THR A 568 -4.34 26.24 2.81
N PHE A 569 -3.69 25.09 2.83
CA PHE A 569 -3.13 24.59 4.09
C PHE A 569 -2.16 25.60 4.69
N ALA A 570 -1.23 26.13 3.89
CA ALA A 570 -0.23 27.05 4.40
C ALA A 570 -0.88 28.31 4.95
N THR A 571 -1.91 28.81 4.27
CA THR A 571 -2.55 30.05 4.65
C THR A 571 -3.34 29.89 5.93
N VAL A 572 -4.04 28.77 6.09
CA VAL A 572 -4.88 28.62 7.27
C VAL A 572 -4.04 28.33 8.52
N VAL A 573 -2.92 27.63 8.35
CA VAL A 573 -1.97 27.43 9.44
C VAL A 573 -1.33 28.75 9.85
N LYS A 574 -1.01 29.60 8.86
CA LYS A 574 -0.51 30.94 9.21
C LYS A 574 -1.55 31.72 10.01
N PHE A 575 -2.82 31.62 9.62
CA PHE A 575 -3.88 32.31 10.35
C PHE A 575 -4.03 31.77 11.75
N PHE A 576 -3.86 30.45 11.92
CA PHE A 576 -3.96 29.85 13.23
C PHE A 576 -2.82 30.29 14.12
N ASN A 577 -1.60 30.31 13.57
CA ASN A 577 -0.44 30.73 14.34
C ASN A 577 -0.58 32.18 14.79
N GLN A 578 -1.08 33.04 13.89
CA GLN A 578 -1.35 34.43 14.25
C GLN A 578 -2.36 34.47 15.39
N LYS A 579 -3.47 33.76 15.24
CA LYS A 579 -4.59 33.92 16.15
C LYS A 579 -4.25 33.41 17.54
N PHE A 580 -3.59 32.26 17.62
CA PHE A 580 -3.30 31.61 18.88
C PHE A 580 -1.84 31.78 19.29
N ASN A 581 -1.11 32.68 18.66
CA ASN A 581 0.32 32.87 18.93
C ASN A 581 1.01 31.51 19.01
N ALA A 582 0.83 30.74 17.94
CA ALA A 582 1.26 29.36 17.88
C ALA A 582 2.39 29.22 16.85
N HIS A 583 2.96 28.03 16.78
CA HIS A 583 4.10 27.79 15.90
C HIS A 583 3.94 26.45 15.19
N LEU A 584 2.74 26.20 14.64
CA LEU A 584 2.54 25.02 13.81
C LEU A 584 3.35 25.15 12.53
N ASP A 585 3.95 24.02 12.13
CA ASP A 585 4.69 23.93 10.88
C ASP A 585 3.72 23.96 9.70
N ALA A 586 4.00 24.84 8.73
CA ALA A 586 3.16 25.03 7.56
C ALA A 586 3.67 24.30 6.32
N THR A 587 4.67 23.42 6.47
CA THR A 587 5.20 22.67 5.35
C THR A 587 4.12 21.81 4.71
N THR A 588 4.15 21.74 3.39
CA THR A 588 3.12 21.05 2.62
C THR A 588 3.53 19.71 2.04
N ASP A 589 4.78 19.29 2.21
CA ASP A 589 5.20 17.97 1.77
C ASP A 589 6.09 17.37 2.84
N TYR A 590 5.85 16.10 3.15
CA TYR A 590 6.59 15.44 4.22
C TYR A 590 8.03 15.24 3.81
N MET A 591 8.92 15.42 4.76
CA MET A 591 10.34 15.28 4.49
C MET A 591 10.97 14.74 5.76
N PRO A 592 11.47 13.50 5.75
CA PRO A 592 11.96 12.91 7.00
C PRO A 592 13.27 13.52 7.45
N HIS A 593 14.04 14.05 6.52
CA HIS A 593 15.30 14.72 6.80
C HIS A 593 15.03 16.19 7.09
N LYS A 594 16.07 16.86 7.59
CA LYS A 594 15.98 18.26 7.95
C LYS A 594 17.11 19.03 7.28
N MET A 595 16.87 20.31 7.06
CA MET A 595 17.89 21.18 6.52
C MET A 595 17.65 22.57 7.09
N ILE A 596 18.74 23.21 7.49
CA ILE A 596 18.70 24.55 8.06
C ILE A 596 19.76 25.39 7.36
N SER A 597 19.52 26.70 7.29
CA SER A 597 20.45 27.58 6.61
C SER A 597 20.26 29.01 7.11
N ASN A 598 21.36 29.76 7.11
CA ASN A 598 21.33 31.20 7.29
C ASN A 598 21.20 31.95 5.97
N VAL A 599 21.41 31.25 4.85
CA VAL A 599 21.14 31.78 3.51
C VAL A 599 19.67 31.58 3.19
N GLU A 600 19.06 32.52 2.46
CA GLU A 600 17.63 32.41 2.23
C GLU A 600 17.06 32.80 0.87
N GLN A 601 17.31 31.93 -0.10
CA GLN A 601 16.21 31.28 -0.80
C GLN A 601 16.32 29.84 -0.32
N ILE A 602 17.55 29.46 0.05
CA ILE A 602 17.86 28.10 0.46
C ILE A 602 17.04 27.69 1.67
N LYS A 603 16.99 28.55 2.69
CA LYS A 603 16.25 28.23 3.91
C LYS A 603 14.86 27.69 3.62
N ASN A 604 14.22 28.19 2.56
CA ASN A 604 12.87 27.77 2.17
C ASN A 604 12.84 26.77 1.02
N LEU A 605 13.99 26.44 0.41
CA LEU A 605 14.04 25.36 -0.58
C LEU A 605 13.77 24.02 0.10
N PRO A 606 12.75 23.27 -0.31
CA PRO A 606 12.51 21.97 0.31
C PRO A 606 13.50 20.90 -0.16
N LEU A 607 13.85 20.01 0.76
CA LEU A 607 14.58 18.81 0.38
C LEU A 607 13.68 17.87 -0.39
N GLN A 608 14.29 16.99 -1.18
CA GLN A 608 13.56 15.91 -1.85
C GLN A 608 14.36 14.62 -1.72
N VAL A 609 13.63 13.51 -1.64
CA VAL A 609 14.20 12.17 -1.71
C VAL A 609 13.81 11.56 -3.04
N LYS A 610 14.81 11.08 -3.79
CA LYS A 610 14.59 10.36 -5.04
C LYS A 610 15.51 9.16 -5.02
N ALA A 611 14.94 7.97 -4.89
CA ALA A 611 15.68 6.72 -4.76
C ALA A 611 16.58 6.86 -3.53
N ASN A 612 17.88 6.66 -3.66
CA ASN A 612 18.83 6.77 -2.57
C ASN A 612 19.54 8.12 -2.56
N ARG A 613 18.86 9.15 -3.06
CA ARG A 613 19.41 10.51 -3.13
C ARG A 613 18.63 11.44 -2.22
N VAL A 614 19.33 12.40 -1.63
CA VAL A 614 18.74 13.43 -0.78
C VAL A 614 19.24 14.75 -1.33
N LEU A 615 18.33 15.59 -1.81
CA LEU A 615 18.73 16.75 -2.60
C LEU A 615 17.92 17.98 -2.21
N ILE A 616 18.56 19.13 -2.33
CA ILE A 616 17.87 20.41 -2.13
C ILE A 616 17.18 20.76 -3.44
N SER A 617 15.89 21.10 -3.35
CA SER A 617 15.16 21.53 -4.53
C SER A 617 15.93 22.65 -5.21
N PRO A 618 16.35 22.46 -6.47
CA PRO A 618 17.01 23.57 -7.19
C PRO A 618 16.11 24.79 -7.27
N ALA A 619 16.74 25.96 -7.31
CA ALA A 619 16.05 27.23 -7.44
C ALA A 619 16.41 27.87 -8.76
N ASN A 620 15.73 29.00 -9.04
CA ASN A 620 16.01 29.82 -10.22
C ASN A 620 16.50 31.21 -9.89
N GLU A 621 16.28 31.70 -8.68
CA GLU A 621 16.64 33.06 -8.31
C GLU A 621 17.98 33.11 -7.60
N VAL A 622 18.51 34.34 -7.49
CA VAL A 622 19.84 34.56 -6.92
C VAL A 622 19.87 34.16 -5.46
N VAL A 623 20.87 33.37 -5.09
CA VAL A 623 21.11 32.99 -3.70
C VAL A 623 22.34 33.78 -3.24
N LYS A 624 22.11 34.81 -2.42
CA LYS A 624 23.20 35.61 -1.86
C LYS A 624 23.73 34.89 -0.62
N TRP A 625 24.91 34.30 -0.74
CA TRP A 625 25.52 33.50 0.33
C TRP A 625 26.45 34.41 1.14
N ALA A 626 26.00 34.83 2.32
CA ALA A 626 26.77 35.77 3.11
C ALA A 626 28.05 35.11 3.62
N ALA A 627 28.90 35.93 4.26
CA ALA A 627 30.26 35.53 4.59
C ALA A 627 30.30 34.26 5.45
N GLY A 628 29.63 34.30 6.61
CA GLY A 628 29.67 33.18 7.53
C GLY A 628 28.58 32.14 7.38
N ASN A 629 27.55 32.42 6.57
CA ASN A 629 26.38 31.56 6.50
C ASN A 629 26.73 30.17 5.99
N SER A 630 25.82 29.23 6.24
CA SER A 630 26.04 27.84 5.89
C SER A 630 24.70 27.20 5.57
N VAL A 631 24.78 25.96 5.07
CA VAL A 631 23.63 25.08 4.91
C VAL A 631 24.01 23.73 5.47
N GLU A 632 23.15 23.16 6.31
CA GLU A 632 23.40 21.87 6.94
C GLU A 632 22.20 20.97 6.73
N ILE A 633 22.47 19.77 6.19
CA ILE A 633 21.48 18.70 6.06
C ILE A 633 21.67 17.72 7.21
N GLU A 634 20.57 17.27 7.80
CA GLU A 634 20.59 16.26 8.84
C GLU A 634 19.63 15.16 8.42
N LEU A 635 20.18 13.98 8.16
CA LEU A 635 19.41 12.80 7.79
C LEU A 635 18.71 12.21 9.02
N ASP A 636 17.69 11.40 8.77
CA ASP A 636 16.96 10.80 9.87
C ASP A 636 17.70 9.61 10.46
N ALA A 637 18.88 9.27 9.96
CA ALA A 637 19.66 8.17 10.51
C ALA A 637 21.08 8.28 9.96
N ILE A 638 21.96 7.39 10.42
CA ILE A 638 23.30 7.26 9.87
C ILE A 638 23.22 6.29 8.69
N TYR A 639 23.76 6.72 7.56
CA TYR A 639 23.76 5.91 6.36
C TYR A 639 25.18 5.85 5.79
N PRO A 640 25.52 4.76 5.12
CA PRO A 640 26.79 4.75 4.38
C PRO A 640 26.70 5.70 3.19
N GLY A 641 27.68 6.58 3.06
CA GLY A 641 27.66 7.57 2.01
C GLY A 641 28.29 7.07 0.72
N GLU A 642 27.75 7.56 -0.41
CA GLU A 642 28.30 7.30 -1.74
C GLU A 642 29.02 8.51 -2.30
N ASN A 643 28.34 9.65 -2.44
CA ASN A 643 28.96 10.84 -3.00
C ASN A 643 28.11 12.05 -2.71
N ILE A 644 28.73 13.22 -2.86
CA ILE A 644 28.03 14.49 -2.84
C ILE A 644 28.38 15.20 -4.15
N GLN A 645 27.36 15.75 -4.81
CA GLN A 645 27.52 16.53 -6.04
C GLN A 645 26.80 17.85 -5.87
N ILE A 646 27.49 18.94 -6.18
CA ILE A 646 26.94 20.29 -6.04
C ILE A 646 27.16 21.03 -7.35
N ASN A 647 26.28 21.99 -7.62
CA ASN A 647 26.26 22.73 -8.88
C ASN A 647 25.76 24.15 -8.60
N PHE A 648 26.68 25.12 -8.58
CA PHE A 648 26.41 26.50 -8.17
C PHE A 648 26.28 27.49 -9.35
N GLY A 649 25.99 27.01 -10.56
CA GLY A 649 25.65 27.92 -11.65
C GLY A 649 26.80 28.55 -12.44
N CYS A 654 35.37 26.88 -6.62
CA CYS A 654 34.88 27.01 -5.26
C CYS A 654 36.02 27.01 -4.23
N THR A 655 36.51 28.21 -3.91
CA THR A 655 37.54 28.40 -2.88
C THR A 655 36.99 29.16 -1.68
N TRP A 656 35.65 29.24 -1.55
CA TRP A 656 34.98 29.98 -0.50
C TRP A 656 34.21 29.09 0.47
N GLY A 657 33.84 27.88 0.05
CA GLY A 657 33.06 26.98 0.87
C GLY A 657 33.89 25.81 1.38
N ARG A 658 33.31 25.09 2.35
CA ARG A 658 33.94 23.91 2.94
C ARG A 658 32.86 22.88 3.18
N LEU A 659 33.05 21.69 2.60
CA LEU A 659 32.08 20.59 2.73
C LEU A 659 32.58 19.64 3.82
N GLU A 660 31.74 19.40 4.83
CA GLU A 660 32.07 18.54 5.95
C GLU A 660 30.92 17.57 6.19
N ILE A 661 31.26 16.38 6.67
CA ILE A 661 30.27 15.39 7.09
C ILE A 661 30.52 15.01 8.54
N SER A 662 29.52 14.37 9.13
CA SER A 662 29.57 13.99 10.53
C SER A 662 28.45 12.99 10.80
N THR A 663 28.62 12.22 11.86
CA THR A 663 27.57 11.33 12.34
C THR A 663 26.80 11.89 13.52
N ASP A 664 27.36 12.87 14.24
CA ASP A 664 26.72 13.43 15.44
C ASP A 664 26.57 14.94 15.41
N GLY A 665 27.08 15.61 14.39
CA GLY A 665 27.05 17.06 14.36
C GLY A 665 28.07 17.74 15.24
N LYS A 666 28.84 16.98 16.02
CA LYS A 666 29.89 17.53 16.86
C LYS A 666 31.26 17.38 16.20
N GLU A 667 31.65 16.15 15.91
CA GLU A 667 32.91 15.85 15.24
C GLU A 667 32.66 15.79 13.74
N TRP A 668 33.40 16.61 12.99
CA TRP A 668 33.22 16.76 11.55
C TRP A 668 34.47 16.29 10.82
N LYS A 669 34.26 15.84 9.58
CA LYS A 669 35.34 15.42 8.70
C LYS A 669 35.18 16.16 7.38
N THR A 670 36.15 16.99 7.05
CA THR A 670 36.12 17.72 5.79
C THR A 670 36.25 16.76 4.61
N VAL A 671 35.48 17.02 3.55
CA VAL A 671 35.58 16.29 2.30
C VAL A 671 35.90 17.29 1.19
N ASP A 672 36.85 16.93 0.33
CA ASP A 672 37.37 17.83 -0.68
C ASP A 672 36.59 17.64 -1.99
N LEU A 673 36.04 18.73 -2.50
CA LEU A 673 35.25 18.70 -3.73
C LEU A 673 36.16 18.75 -4.95
N LYS A 674 35.96 17.81 -5.88
CA LYS A 674 36.70 17.78 -7.13
C LYS A 674 35.98 18.61 -8.18
N GLN A 675 36.76 19.38 -8.94
CA GLN A 675 36.22 20.34 -9.91
C GLN A 675 36.38 19.79 -11.32
N LYS A 676 35.46 20.18 -12.19
CA LYS A 676 35.31 19.62 -13.53
C LYS A 676 34.15 20.35 -14.18
N GLU A 677 34.05 20.24 -15.51
CA GLU A 677 32.89 20.79 -16.22
C GLU A 677 31.59 20.27 -15.62
N SER A 678 31.51 18.96 -15.38
CA SER A 678 30.35 18.35 -14.71
C SER A 678 30.20 18.83 -13.26
N ARG A 679 31.24 19.44 -12.71
CA ARG A 679 31.21 20.28 -11.51
C ARG A 679 31.45 19.53 -10.21
N LEU A 680 31.37 20.28 -9.12
CA LEU A 680 31.88 19.88 -7.81
C LEU A 680 31.30 18.53 -7.38
N SER A 681 32.21 17.58 -7.11
CA SER A 681 31.85 16.21 -6.76
C SER A 681 32.85 15.68 -5.76
N ALA A 682 32.45 14.63 -5.05
CA ALA A 682 33.31 14.02 -4.03
C ALA A 682 32.77 12.65 -3.62
N GLY A 683 33.60 11.62 -3.71
CA GLY A 683 33.22 10.30 -3.23
C GLY A 683 33.34 10.21 -1.72
N LEU A 684 32.41 9.48 -1.11
CA LEU A 684 32.38 9.28 0.34
C LEU A 684 32.87 7.91 0.77
N GLN A 685 32.93 6.95 -0.15
CA GLN A 685 33.60 5.67 0.09
C GLN A 685 32.97 4.92 1.27
N LYS A 686 31.64 4.97 1.35
CA LYS A 686 30.81 4.28 2.35
C LYS A 686 31.02 4.78 3.77
N ALA A 687 31.68 5.92 3.96
CA ALA A 687 31.83 6.47 5.29
C ALA A 687 30.46 6.75 5.91
N PRO A 688 30.27 6.52 7.20
CA PRO A 688 28.97 6.79 7.79
C PRO A 688 28.67 8.28 7.72
N VAL A 689 27.42 8.63 7.41
CA VAL A 689 27.04 10.03 7.31
C VAL A 689 25.61 10.18 7.82
N LYS A 690 25.39 11.22 8.61
CA LYS A 690 24.10 11.71 9.04
C LYS A 690 23.95 13.20 8.81
N PHE A 691 25.03 13.97 8.97
CA PHE A 691 25.06 15.40 8.74
C PHE A 691 26.00 15.71 7.59
N VAL A 692 25.54 16.55 6.67
CA VAL A 692 26.40 17.21 5.69
C VAL A 692 26.28 18.71 5.95
N ARG A 693 27.38 19.43 5.80
CA ARG A 693 27.39 20.86 6.05
C ARG A 693 28.27 21.55 5.00
N PHE A 694 27.75 22.66 4.46
CA PHE A 694 28.49 23.49 3.53
C PHE A 694 28.47 24.93 4.04
N THR A 695 29.65 25.49 4.27
CA THR A 695 29.81 26.75 4.98
C THR A 695 30.72 27.67 4.17
N ASN A 696 30.21 28.84 3.81
CA ASN A 696 31.06 29.89 3.27
C ASN A 696 32.06 30.32 4.34
N VAL A 697 33.36 30.22 4.02
CA VAL A 697 34.43 30.53 4.94
C VAL A 697 35.32 31.66 4.46
N SER A 698 35.08 32.18 3.26
CA SER A 698 35.76 33.38 2.78
C SER A 698 34.96 34.61 3.22
N ASP A 699 35.56 35.79 3.00
CA ASP A 699 35.08 37.02 3.64
C ASP A 699 34.09 37.81 2.79
N GLU A 700 34.12 37.70 1.47
CA GLU A 700 33.20 38.45 0.63
C GLU A 700 31.93 37.64 0.39
N GLU A 701 30.82 38.37 0.19
CA GLU A 701 29.57 37.72 -0.15
C GLU A 701 29.68 37.01 -1.49
N GLN A 702 29.18 35.78 -1.53
CA GLN A 702 29.28 34.92 -2.73
C GLN A 702 27.87 34.60 -3.20
N GLN A 703 27.46 35.24 -4.30
CA GLN A 703 26.15 34.98 -4.88
C GLN A 703 26.25 33.87 -5.92
N VAL A 704 25.29 32.94 -5.88
CA VAL A 704 25.36 31.67 -6.59
C VAL A 704 23.98 31.30 -7.12
N TYR A 705 23.95 30.23 -7.91
CA TYR A 705 22.73 29.62 -8.40
C TYR A 705 22.75 28.13 -8.02
N LEU A 706 21.92 27.74 -7.07
CA LEU A 706 21.82 26.32 -6.71
C LEU A 706 21.16 25.53 -7.83
N ARG A 707 21.98 24.95 -8.72
CA ARG A 707 21.44 24.04 -9.73
C ARG A 707 21.17 22.67 -9.13
N GLN A 708 22.05 22.21 -8.25
CA GLN A 708 21.81 20.96 -7.55
C GLN A 708 22.69 20.89 -6.31
N PHE A 709 22.20 20.12 -5.34
CA PHE A 709 22.91 19.87 -4.08
C PHE A 709 22.39 18.48 -3.68
N VAL A 710 23.17 17.44 -3.96
CA VAL A 710 22.69 16.06 -3.90
C VAL A 710 23.68 15.20 -3.13
N LEU A 711 23.19 14.54 -2.09
CA LEU A 711 23.92 13.48 -1.39
C LEU A 711 23.35 12.13 -1.79
N THR A 712 24.22 11.18 -2.07
CA THR A 712 23.80 9.83 -2.40
C THR A 712 24.30 8.88 -1.31
N ILE A 713 23.41 8.01 -0.85
CA ILE A 713 23.71 7.08 0.23
C ILE A 713 23.37 5.68 -0.23
N GLU A 714 23.97 4.71 0.45
CA GLU A 714 23.67 3.32 0.20
C GLU A 714 22.41 2.95 0.98
N LYS A 715 21.41 2.44 0.28
CA LYS A 715 20.25 1.85 0.93
C LYS A 715 20.26 0.34 0.71
N VAL B 3 1.40 12.29 38.28
CA VAL B 3 1.69 11.38 39.38
C VAL B 3 0.81 10.14 39.23
N SER B 4 0.69 9.67 37.99
CA SER B 4 -0.06 8.46 37.66
C SER B 4 0.81 7.20 37.80
N LEU B 5 1.40 7.06 38.99
CA LEU B 5 2.37 5.99 39.26
C LEU B 5 1.78 4.61 38.98
N GLN B 6 2.51 3.80 38.23
CA GLN B 6 2.09 2.45 37.89
C GLN B 6 3.23 1.48 38.07
N PRO B 7 2.99 0.37 38.78
CA PRO B 7 1.83 0.10 39.63
C PRO B 7 1.74 1.13 40.75
N PRO B 8 0.54 1.39 41.26
CA PRO B 8 0.38 2.33 42.35
C PRO B 8 0.99 1.76 43.62
N PRO B 9 1.76 2.55 44.36
CA PRO B 9 2.43 2.00 45.55
C PRO B 9 1.46 1.71 46.68
N GLN B 10 1.89 0.82 47.58
CA GLN B 10 1.05 0.40 48.70
C GLN B 10 0.67 1.59 49.57
N GLN B 11 1.64 2.45 49.87
CA GLN B 11 1.42 3.59 50.73
C GLN B 11 2.09 4.81 50.13
N LEU B 12 1.39 5.93 50.13
CA LEU B 12 1.88 7.11 49.47
C LEU B 12 1.28 8.33 50.16
N ILE B 13 2.14 9.26 50.55
CA ILE B 13 1.73 10.53 51.13
C ILE B 13 2.37 11.61 50.28
N VAL B 14 1.55 12.50 49.74
CA VAL B 14 2.02 13.52 48.82
C VAL B 14 1.75 14.87 49.45
N GLN B 15 2.82 15.63 49.65
CA GLN B 15 2.69 17.06 49.90
C GLN B 15 2.50 17.77 48.57
N ASN B 16 1.78 18.88 48.59
CA ASN B 16 1.55 19.63 47.37
C ASN B 16 2.65 20.66 47.11
N LYS B 17 3.88 20.31 47.47
CA LYS B 17 5.07 21.09 47.21
C LYS B 17 5.84 20.48 46.03
N THR B 18 6.72 21.29 45.45
CA THR B 18 7.49 20.89 44.28
C THR B 18 8.96 21.23 44.48
N ILE B 19 9.81 20.25 44.22
CA ILE B 19 11.26 20.42 44.23
C ILE B 19 11.73 20.40 42.78
N ASP B 20 12.79 21.15 42.50
CA ASP B 20 13.46 21.03 41.22
C ASP B 20 14.48 19.90 41.26
N LEU B 21 14.53 19.09 40.21
CA LEU B 21 15.59 18.12 40.09
C LEU B 21 16.93 18.84 40.28
N PRO B 22 17.84 18.32 41.09
CA PRO B 22 19.05 19.09 41.42
C PRO B 22 19.96 19.30 40.22
N ALA B 23 20.30 20.56 39.95
CA ALA B 23 21.37 20.85 39.01
C ALA B 23 22.70 20.32 39.53
N VAL B 24 22.90 20.32 40.84
CA VAL B 24 24.08 19.77 41.49
C VAL B 24 23.61 18.91 42.65
N TYR B 25 24.12 17.67 42.72
CA TYR B 25 23.70 16.70 43.72
C TYR B 25 24.91 15.99 44.31
N GLN B 26 24.74 15.50 45.54
CA GLN B 26 25.70 14.62 46.20
C GLN B 26 25.07 13.23 46.34
N LEU B 27 25.85 12.19 46.03
CA LEU B 27 25.33 10.83 46.00
C LEU B 27 25.97 10.01 47.11
N ASN B 28 25.12 9.38 47.93
CA ASN B 28 25.54 8.60 49.07
C ASN B 28 25.11 7.17 48.81
N GLY B 29 26.08 6.26 48.65
CA GLY B 29 25.82 4.85 48.54
C GLY B 29 25.95 4.26 47.14
N GLY B 30 26.54 5.00 46.20
CA GLY B 30 26.66 4.48 44.85
C GLY B 30 27.47 3.20 44.75
N GLU B 31 28.36 2.95 45.72
CA GLU B 31 29.19 1.75 45.72
C GLU B 31 28.64 0.62 46.59
N GLU B 32 27.58 0.86 47.36
CA GLU B 32 26.95 -0.16 48.19
C GLU B 32 25.67 -0.71 47.61
N ALA B 33 24.99 0.09 46.77
CA ALA B 33 23.66 -0.19 46.27
C ALA B 33 23.73 -1.02 45.00
N ASN B 34 22.63 -1.70 44.70
CA ASN B 34 22.44 -2.50 43.49
C ASN B 34 22.94 -1.71 42.29
N PRO B 35 24.02 -2.16 41.63
CA PRO B 35 24.52 -1.43 40.45
C PRO B 35 23.50 -1.28 39.35
N HIS B 36 22.56 -2.21 39.20
CA HIS B 36 21.51 -1.99 38.22
C HIS B 36 20.69 -0.76 38.57
N ALA B 37 20.48 -0.53 39.86
CA ALA B 37 19.73 0.65 40.27
C ALA B 37 20.58 1.90 40.12
N VAL B 38 21.87 1.83 40.46
CA VAL B 38 22.71 3.02 40.39
C VAL B 38 22.84 3.50 38.96
N LYS B 39 22.80 2.57 38.00
CA LYS B 39 22.89 2.96 36.59
C LYS B 39 21.67 3.77 36.17
N VAL B 40 20.47 3.28 36.47
CA VAL B 40 19.25 4.07 36.25
C VAL B 40 19.41 5.47 36.84
N LEU B 41 19.89 5.56 38.07
CA LEU B 41 19.90 6.87 38.74
C LEU B 41 20.80 7.84 38.00
N LYS B 42 22.04 7.44 37.71
CA LYS B 42 22.96 8.33 37.02
C LYS B 42 22.58 8.54 35.55
N GLU B 43 21.64 7.76 35.02
CA GLU B 43 21.07 8.12 33.73
C GLU B 43 20.02 9.21 33.88
N LEU B 44 19.18 9.11 34.93
CA LEU B 44 18.17 10.14 35.18
C LEU B 44 18.81 11.48 35.53
N LEU B 45 19.99 11.47 36.14
CA LEU B 45 20.63 12.70 36.61
C LEU B 45 21.51 13.29 35.51
N SER B 46 21.35 14.58 35.29
CA SER B 46 22.24 15.40 34.48
C SER B 46 23.05 16.31 35.40
N GLY B 47 23.81 17.21 34.80
CA GLY B 47 24.66 18.05 35.62
C GLY B 47 25.71 17.23 36.36
N LYS B 48 26.47 17.95 37.17
CA LYS B 48 27.63 17.37 37.84
C LYS B 48 27.24 16.78 39.19
N GLN B 49 27.80 15.61 39.47
CA GLN B 49 27.85 15.12 40.84
C GLN B 49 28.95 15.86 41.59
N SER B 50 28.70 16.13 42.87
CA SER B 50 29.60 16.95 43.65
C SER B 50 29.54 16.51 45.10
N SER B 51 30.71 16.47 45.73
CA SER B 51 30.81 16.44 47.16
C SER B 51 30.67 17.87 47.68
N LYS B 52 29.75 18.07 48.63
CA LYS B 52 29.38 19.41 49.07
C LYS B 52 28.68 20.17 47.94
N LYS B 53 27.93 21.21 48.28
CA LYS B 53 27.24 22.03 47.28
C LYS B 53 26.31 21.18 46.41
N GLY B 54 25.55 20.30 47.05
CA GLY B 54 24.54 19.53 46.35
C GLY B 54 23.44 19.09 47.29
N MET B 55 22.33 18.68 46.70
CA MET B 55 21.28 18.02 47.45
C MET B 55 21.64 16.55 47.62
N LEU B 56 21.47 16.04 48.85
CA LEU B 56 21.89 14.68 49.17
C LEU B 56 20.89 13.68 48.61
N ILE B 57 21.40 12.70 47.86
CA ILE B 57 20.63 11.58 47.36
C ILE B 57 21.26 10.31 47.93
N SER B 58 20.51 9.58 48.76
CA SER B 58 21.00 8.35 49.38
C SER B 58 20.37 7.16 48.68
N ILE B 59 21.19 6.17 48.30
CA ILE B 59 20.69 4.96 47.65
C ILE B 59 21.36 3.75 48.30
N GLY B 60 20.59 2.69 48.49
CA GLY B 60 21.14 1.51 49.11
C GLY B 60 20.06 0.54 49.53
N GLU B 61 20.51 -0.59 50.04
CA GLU B 61 19.65 -1.65 50.53
C GLU B 61 19.75 -1.71 52.05
N LYS B 62 18.68 -2.21 52.67
CA LYS B 62 18.72 -2.52 54.09
C LYS B 62 20.01 -3.22 54.44
N GLY B 63 20.77 -2.64 55.38
CA GLY B 63 22.08 -3.11 55.76
C GLY B 63 23.21 -2.23 55.28
N ASP B 64 23.01 -1.51 54.18
CA ASP B 64 24.02 -0.57 53.70
C ASP B 64 24.10 0.64 54.62
N LYS B 65 25.33 1.12 54.87
CA LYS B 65 25.51 2.34 55.67
C LYS B 65 24.77 3.50 55.05
N SER B 66 24.62 3.50 53.73
CA SER B 66 24.08 4.64 53.02
C SER B 66 22.64 4.94 53.42
N VAL B 67 21.88 3.93 53.84
CA VAL B 67 20.47 4.09 54.19
C VAL B 67 20.18 3.66 55.63
N ARG B 68 21.21 3.53 56.48
CA ARG B 68 20.97 3.15 57.87
C ARG B 68 19.97 4.09 58.54
N LYS B 69 20.12 5.39 58.33
CA LYS B 69 19.21 6.40 58.90
C LYS B 69 17.74 6.06 58.67
N TYR B 70 17.40 5.46 57.53
CA TYR B 70 16.01 5.22 57.15
C TYR B 70 15.64 3.74 57.24
N SER B 71 16.47 2.94 57.90
CA SER B 71 16.30 1.50 57.86
C SER B 71 14.96 1.07 58.44
N ARG B 72 14.44 1.82 59.42
CA ARG B 72 13.18 1.45 60.03
C ARG B 72 11.99 1.83 59.17
N GLN B 73 12.20 2.64 58.14
CA GLN B 73 11.17 2.98 57.17
C GLN B 73 11.04 1.94 56.05
N ILE B 74 12.06 1.10 55.86
CA ILE B 74 12.05 0.18 54.72
C ILE B 74 11.08 -0.96 55.02
N PRO B 75 10.09 -1.24 54.17
CA PRO B 75 9.17 -2.34 54.47
C PRO B 75 9.91 -3.67 54.54
N ASP B 76 9.46 -4.51 55.47
CA ASP B 76 10.07 -5.82 55.69
C ASP B 76 9.42 -6.87 54.77
N HIS B 77 9.58 -6.64 53.46
CA HIS B 77 9.00 -7.49 52.44
C HIS B 77 10.02 -7.66 51.32
N LYS B 78 10.15 -8.88 50.80
CA LYS B 78 10.86 -9.09 49.54
C LYS B 78 10.39 -8.09 48.50
N GLU B 79 11.34 -7.39 47.89
CA GLU B 79 11.16 -6.44 46.79
C GLU B 79 10.53 -5.11 47.25
N GLY B 80 10.42 -4.88 48.56
CA GLY B 80 9.91 -3.63 49.09
C GLY B 80 10.94 -2.51 49.07
N TYR B 81 10.46 -1.29 49.25
CA TYR B 81 11.37 -0.16 49.31
C TYR B 81 10.70 1.02 49.99
N TYR B 82 11.54 1.93 50.47
CA TYR B 82 11.12 3.23 50.95
C TYR B 82 11.69 4.29 50.02
N LEU B 83 10.86 5.24 49.63
CA LEU B 83 11.25 6.34 48.77
C LEU B 83 10.78 7.65 49.40
N SER B 84 11.63 8.67 49.37
CA SER B 84 11.29 9.97 49.95
C SER B 84 11.88 11.07 49.08
N VAL B 85 11.09 12.12 48.85
CA VAL B 85 11.57 13.34 48.21
C VAL B 85 11.09 14.52 49.05
N ASN B 86 12.01 15.38 49.46
CA ASN B 86 11.65 16.63 50.13
C ASN B 86 12.68 17.69 49.75
N GLU B 87 12.63 18.83 50.42
CA GLU B 87 13.53 19.93 50.09
C GLU B 87 14.98 19.61 50.44
N LYS B 88 15.19 18.70 51.40
CA LYS B 88 16.51 18.45 51.95
C LYS B 88 17.25 17.34 51.21
N GLU B 89 16.55 16.25 50.87
CA GLU B 89 17.23 15.06 50.38
C GLU B 89 16.23 14.13 49.69
N ILE B 90 16.80 13.19 48.94
CA ILE B 90 16.08 12.12 48.26
C ILE B 90 16.58 10.79 48.79
N VAL B 91 15.65 9.87 49.06
CA VAL B 91 15.99 8.58 49.64
C VAL B 91 15.41 7.49 48.74
N LEU B 92 16.23 6.49 48.41
CA LEU B 92 15.85 5.37 47.59
C LEU B 92 16.44 4.13 48.25
N ALA B 93 15.64 3.44 49.07
CA ALA B 93 16.14 2.43 49.99
C ALA B 93 15.33 1.15 49.85
N GLY B 94 15.96 0.09 49.33
CA GLY B 94 15.28 -1.19 49.15
C GLY B 94 15.43 -2.11 50.34
N ASN B 95 14.45 -2.99 50.53
CA ASN B 95 14.64 -4.05 51.51
C ASN B 95 15.69 -5.04 51.02
N ASP B 96 15.89 -5.12 49.72
CA ASP B 96 16.88 -5.96 49.05
C ASP B 96 17.22 -5.26 47.73
N GLU B 97 18.18 -5.81 46.97
CA GLU B 97 18.66 -5.12 45.77
C GLU B 97 17.54 -4.91 44.77
N ARG B 98 16.64 -5.87 44.64
CA ARG B 98 15.55 -5.69 43.68
C ARG B 98 14.63 -4.57 44.13
N GLY B 99 14.43 -4.44 45.45
CA GLY B 99 13.66 -3.31 45.97
C GLY B 99 14.27 -1.96 45.61
N THR B 100 15.59 -1.86 45.67
CA THR B 100 16.25 -0.61 45.30
C THR B 100 15.98 -0.25 43.84
N TYR B 101 16.02 -1.25 42.95
CA TYR B 101 15.74 -1.02 41.55
C TYR B 101 14.29 -0.58 41.36
N TYR B 102 13.38 -1.21 42.10
CA TYR B 102 11.99 -0.86 42.01
C TYR B 102 11.73 0.54 42.58
N ALA B 103 12.50 0.95 43.58
CA ALA B 103 12.39 2.33 44.04
C ALA B 103 12.79 3.29 42.93
N LEU B 104 13.81 2.94 42.16
CA LEU B 104 14.26 3.78 41.05
C LEU B 104 13.20 3.87 39.95
N GLN B 105 12.50 2.76 39.68
CA GLN B 105 11.48 2.79 38.63
C GLN B 105 10.30 3.68 39.03
N THR B 106 9.98 3.72 40.33
CA THR B 106 9.00 4.68 40.81
C THR B 106 9.53 6.10 40.71
N PHE B 107 10.77 6.32 41.15
CA PHE B 107 11.38 7.64 41.08
C PHE B 107 11.38 8.19 39.65
N ALA B 108 11.69 7.33 38.66
CA ALA B 108 11.72 7.79 37.27
C ALA B 108 10.38 8.38 36.84
N GLN B 109 9.27 7.78 37.28
CA GLN B 109 7.92 8.28 36.97
C GLN B 109 7.61 9.60 37.67
N LEU B 110 8.16 9.82 38.87
CA LEU B 110 7.95 11.08 39.58
C LEU B 110 8.52 12.26 38.80
N LEU B 111 9.62 12.05 38.11
CA LEU B 111 10.37 13.13 37.48
C LEU B 111 9.56 13.69 36.31
N LYS B 112 9.27 14.99 36.34
CA LYS B 112 8.39 15.60 35.35
C LYS B 112 8.89 17.01 35.09
N ASP B 113 9.38 17.26 33.86
CA ASP B 113 9.88 18.58 33.48
C ASP B 113 10.95 19.06 34.47
N GLY B 114 11.86 18.16 34.83
CA GLY B 114 12.95 18.49 35.73
C GLY B 114 12.54 18.84 37.15
N LYS B 115 11.30 18.56 37.53
CA LYS B 115 10.80 18.83 38.87
C LYS B 115 10.26 17.54 39.47
N LEU B 116 10.12 17.55 40.80
CA LEU B 116 9.72 16.40 41.58
C LEU B 116 8.71 16.81 42.63
N PRO B 117 7.71 15.99 42.91
CA PRO B 117 6.82 16.27 44.03
C PRO B 117 7.45 15.83 45.35
N GLU B 118 7.06 16.52 46.40
CA GLU B 118 7.42 16.11 47.75
C GLU B 118 6.51 14.93 48.11
N VAL B 119 7.11 13.76 48.31
CA VAL B 119 6.35 12.52 48.49
C VAL B 119 7.09 11.59 49.44
N GLU B 120 6.33 10.71 50.09
CA GLU B 120 6.88 9.63 50.89
C GLU B 120 6.12 8.37 50.52
N ILE B 121 6.87 7.30 50.20
CA ILE B 121 6.33 6.06 49.66
C ILE B 121 6.90 4.87 50.41
N LYS B 122 6.02 3.99 50.88
CA LYS B 122 6.40 2.65 51.33
C LYS B 122 5.66 1.67 50.42
N ASP B 123 6.40 0.75 49.81
CA ASP B 123 5.87 -0.03 48.72
C ASP B 123 6.49 -1.41 48.70
N TYR B 124 5.73 -2.36 48.15
CA TYR B 124 6.08 -3.78 48.06
C TYR B 124 4.99 -4.47 47.24
N PRO B 125 5.29 -5.63 46.66
CA PRO B 125 4.30 -6.35 45.84
C PRO B 125 3.36 -7.20 46.69
N SER B 126 2.11 -7.27 46.25
CA SER B 126 1.13 -8.13 46.91
C SER B 126 1.24 -9.58 46.45
N VAL B 127 1.71 -9.80 45.23
CA VAL B 127 1.88 -11.14 44.65
C VAL B 127 3.37 -11.38 44.40
N ARG B 128 3.85 -12.57 44.78
CA ARG B 128 5.30 -12.84 44.80
C ARG B 128 5.91 -12.83 43.40
N TYR B 129 5.31 -13.58 42.46
CA TYR B 129 5.81 -13.70 41.08
C TYR B 129 4.82 -13.05 40.13
N ARG B 130 5.32 -12.14 39.31
CA ARG B 130 4.48 -11.32 38.44
C ARG B 130 5.16 -11.18 37.09
N GLY B 131 4.45 -11.49 36.02
CA GLY B 131 5.05 -11.29 34.73
C GLY B 131 4.31 -11.90 33.56
N VAL B 132 5.08 -12.49 32.64
CA VAL B 132 4.62 -12.89 31.32
C VAL B 132 5.12 -14.30 31.04
N VAL B 133 4.25 -15.16 30.51
CA VAL B 133 4.67 -16.44 29.93
C VAL B 133 4.49 -16.34 28.42
N GLU B 134 5.59 -16.45 27.68
CA GLU B 134 5.48 -16.55 26.23
C GLU B 134 5.13 -17.99 25.95
N GLY B 135 3.84 -18.31 26.07
CA GLY B 135 3.41 -19.70 26.04
C GLY B 135 2.39 -20.03 24.98
N PHE B 136 2.33 -19.20 23.94
CA PHE B 136 1.28 -19.31 22.95
C PHE B 136 1.71 -20.17 21.76
N TYR B 137 0.71 -20.56 20.97
CA TYR B 137 0.91 -21.15 19.66
C TYR B 137 1.03 -20.03 18.62
N GLY B 138 1.91 -20.21 17.64
CA GLY B 138 2.12 -19.23 16.59
C GLY B 138 3.58 -18.81 16.52
N THR B 139 3.83 -17.79 15.72
CA THR B 139 5.19 -17.32 15.52
C THR B 139 5.78 -16.82 16.83
N PRO B 140 6.83 -17.47 17.36
CA PRO B 140 7.45 -16.96 18.59
C PRO B 140 7.94 -15.54 18.40
N TRP B 141 7.92 -14.79 19.49
CA TRP B 141 8.46 -13.43 19.51
C TRP B 141 9.87 -13.42 18.95
N SER B 142 10.18 -12.36 18.19
CA SER B 142 11.53 -12.19 17.69
C SER B 142 12.48 -11.86 18.83
N HIS B 143 13.76 -12.04 18.56
CA HIS B 143 14.78 -11.65 19.53
C HIS B 143 14.65 -10.18 19.91
N GLN B 144 14.55 -9.28 18.91
CA GLN B 144 14.44 -7.86 19.21
C GLN B 144 13.20 -7.55 20.03
N ALA B 145 12.10 -8.30 19.79
CA ALA B 145 10.89 -8.09 20.57
C ALA B 145 11.09 -8.49 22.02
N ARG B 146 11.76 -9.62 22.24
CA ARG B 146 12.02 -10.08 23.62
C ARG B 146 12.92 -9.11 24.38
N LEU B 147 13.95 -8.58 23.73
CA LEU B 147 14.77 -7.56 24.39
C LEU B 147 13.93 -6.39 24.84
N SER B 148 12.99 -5.96 24.00
CA SER B 148 12.14 -4.84 24.35
C SER B 148 11.18 -5.20 25.48
N GLN B 149 10.65 -6.43 25.47
CA GLN B 149 9.79 -6.88 26.55
C GLN B 149 10.52 -6.82 27.90
N LEU B 150 11.73 -7.40 27.97
CA LEU B 150 12.41 -7.47 29.27
C LEU B 150 12.64 -6.09 29.86
N LYS B 151 12.96 -5.11 29.04
CA LYS B 151 13.13 -3.76 29.58
C LYS B 151 11.80 -3.22 30.08
N PHE B 152 10.73 -3.53 29.37
CA PHE B 152 9.39 -3.10 29.78
C PHE B 152 8.98 -3.72 31.10
N TYR B 153 9.32 -4.99 31.30
CA TYR B 153 8.98 -5.65 32.56
C TYR B 153 9.70 -4.99 33.74
N GLY B 154 10.98 -4.70 33.58
CA GLY B 154 11.71 -4.00 34.63
C GLY B 154 11.05 -2.69 35.02
N LYS B 155 10.61 -1.91 34.01
CA LYS B 155 9.99 -0.63 34.31
C LYS B 155 8.70 -0.81 35.09
N ASN B 156 8.01 -1.92 34.90
CA ASN B 156 6.72 -2.13 35.54
C ASN B 156 6.77 -3.14 36.67
N LYS B 157 7.98 -3.46 37.15
CA LYS B 157 8.17 -4.28 38.34
C LYS B 157 7.63 -5.69 38.13
N MET B 158 7.70 -6.19 36.91
CA MET B 158 7.39 -7.60 36.66
C MET B 158 8.70 -8.35 36.78
N ASN B 159 8.71 -9.38 37.61
CA ASN B 159 9.95 -10.07 37.96
C ASN B 159 10.06 -11.44 37.31
N THR B 160 9.17 -11.78 36.38
CA THR B 160 9.09 -13.13 35.84
C THR B 160 8.83 -13.13 34.33
N TYR B 161 9.69 -13.81 33.58
CA TYR B 161 9.45 -14.08 32.16
C TYR B 161 9.67 -15.57 31.94
N ILE B 162 8.59 -16.28 31.62
CA ILE B 162 8.65 -17.70 31.35
C ILE B 162 8.69 -17.90 29.84
N TYR B 163 9.83 -18.40 29.37
CA TYR B 163 10.03 -18.74 27.96
C TYR B 163 9.44 -20.12 27.66
N GLY B 164 8.40 -20.16 26.84
CA GLY B 164 7.90 -21.43 26.34
C GLY B 164 7.00 -21.34 25.13
N PRO B 165 7.50 -20.78 24.01
CA PRO B 165 6.70 -20.75 22.77
C PRO B 165 6.42 -22.15 22.28
N LYS B 166 5.14 -22.47 22.12
CA LYS B 166 4.79 -23.85 21.78
C LYS B 166 5.43 -24.31 20.47
N ASP B 167 5.79 -23.39 19.58
CA ASP B 167 6.31 -23.75 18.28
C ASP B 167 7.82 -23.59 18.19
N ASP B 168 8.50 -23.43 19.34
CA ASP B 168 9.95 -23.53 19.39
C ASP B 168 10.33 -25.01 19.43
N PRO B 169 11.01 -25.54 18.39
CA PRO B 169 11.30 -26.99 18.36
C PRO B 169 12.30 -27.44 19.40
N TYR B 170 13.09 -26.54 19.99
CA TYR B 170 14.01 -26.90 21.07
C TYR B 170 13.37 -26.77 22.44
N HIS B 171 12.18 -26.16 22.52
CA HIS B 171 11.33 -26.14 23.71
C HIS B 171 10.41 -27.34 23.75
N SER B 172 9.77 -27.69 22.62
CA SER B 172 8.78 -28.77 22.62
C SER B 172 9.20 -29.87 21.66
N ALA B 173 8.22 -30.60 21.16
CA ALA B 173 8.49 -31.61 20.15
C ALA B 173 8.95 -30.92 18.88
N PRO B 174 9.90 -31.53 18.16
CA PRO B 174 10.48 -32.84 18.47
C PRO B 174 11.81 -32.77 19.21
N ASN B 175 12.41 -31.59 19.32
CA ASN B 175 13.83 -31.48 19.62
C ASN B 175 14.10 -30.94 21.02
N TRP B 176 13.16 -31.18 21.95
CA TRP B 176 13.39 -30.75 23.31
C TRP B 176 14.59 -31.45 23.93
N ARG B 177 15.03 -32.57 23.38
CA ARG B 177 16.18 -33.30 23.90
C ARG B 177 17.51 -32.69 23.47
N LEU B 178 17.52 -31.79 22.49
CA LEU B 178 18.74 -31.29 21.87
C LEU B 178 19.11 -29.90 22.40
N PRO B 179 20.39 -29.58 22.49
CA PRO B 179 20.78 -28.20 22.81
C PRO B 179 20.45 -27.24 21.68
N TYR B 180 20.17 -25.98 22.04
CA TYR B 180 19.93 -24.96 21.03
C TYR B 180 21.15 -24.83 20.12
N PRO B 181 20.96 -24.59 18.83
CA PRO B 181 22.11 -24.26 17.97
C PRO B 181 22.77 -22.97 18.40
N ASP B 182 23.99 -22.78 17.89
CA ASP B 182 24.87 -21.72 18.38
C ASP B 182 24.20 -20.35 18.34
N LYS B 183 23.57 -20.01 17.21
CA LYS B 183 23.02 -18.67 17.07
C LYS B 183 21.93 -18.43 18.09
N GLU B 184 21.04 -19.41 18.25
CA GLU B 184 19.97 -19.28 19.22
C GLU B 184 20.51 -19.28 20.64
N ALA B 185 21.56 -20.06 20.89
CA ALA B 185 22.12 -20.15 22.24
C ALA B 185 22.72 -18.81 22.65
N ALA B 186 23.41 -18.15 21.72
CA ALA B 186 24.01 -16.85 21.99
C ALA B 186 22.92 -15.80 22.21
N GLN B 187 21.82 -15.89 21.47
CA GLN B 187 20.70 -14.98 21.69
C GLN B 187 20.06 -15.20 23.06
N LEU B 188 19.85 -16.47 23.44
CA LEU B 188 19.26 -16.74 24.74
C LEU B 188 20.18 -16.28 25.87
N GLN B 189 21.48 -16.45 25.69
CA GLN B 189 22.45 -15.93 26.65
C GLN B 189 22.35 -14.42 26.79
N GLU B 190 22.11 -13.72 25.68
CA GLU B 190 21.94 -12.28 25.74
C GLU B 190 20.63 -11.94 26.43
N LEU B 191 19.58 -12.71 26.16
CA LEU B 191 18.31 -12.47 26.83
C LEU B 191 18.45 -12.60 28.33
N VAL B 192 19.19 -13.62 28.78
CA VAL B 192 19.40 -13.82 30.21
C VAL B 192 20.15 -12.63 30.80
N ALA B 193 21.14 -12.12 30.09
CA ALA B 193 21.89 -10.97 30.58
C ALA B 193 20.96 -9.78 30.74
N VAL B 194 20.12 -9.53 29.75
CA VAL B 194 19.24 -8.38 29.80
C VAL B 194 18.20 -8.58 30.89
N ALA B 195 17.71 -9.79 31.05
CA ALA B 195 16.76 -10.08 32.11
C ALA B 195 17.37 -9.75 33.47
N ASN B 196 18.61 -10.18 33.69
CA ASN B 196 19.27 -9.94 34.96
C ASN B 196 19.43 -8.44 35.20
N GLU B 197 19.82 -7.70 34.17
CA GLU B 197 19.98 -6.25 34.28
C GLU B 197 18.68 -5.55 34.64
N ASN B 198 17.54 -6.15 34.29
CA ASN B 198 16.22 -5.54 34.54
C ASN B 198 15.47 -6.20 35.69
N GLU B 199 16.18 -6.98 36.52
CA GLU B 199 15.64 -7.64 37.70
C GLU B 199 14.48 -8.59 37.36
N VAL B 200 14.56 -9.24 36.20
CA VAL B 200 13.59 -10.23 35.76
C VAL B 200 14.21 -11.62 35.87
N ASP B 201 13.49 -12.56 36.51
CA ASP B 201 13.85 -13.98 36.50
C ASP B 201 13.49 -14.58 35.13
N PHE B 202 14.50 -14.93 34.33
CA PHE B 202 14.29 -15.64 33.07
C PHE B 202 14.08 -17.12 33.38
N VAL B 203 12.87 -17.60 33.15
CA VAL B 203 12.47 -18.97 33.46
C VAL B 203 12.39 -19.73 32.13
N TRP B 204 13.34 -20.64 31.88
CA TRP B 204 13.30 -21.47 30.69
C TRP B 204 12.42 -22.69 30.97
N ALA B 205 11.34 -22.83 30.19
CA ALA B 205 10.46 -23.99 30.30
C ALA B 205 10.81 -25.02 29.23
N ILE B 206 10.54 -26.29 29.53
CA ILE B 206 10.64 -27.39 28.56
C ILE B 206 9.29 -28.10 28.51
N HIS B 207 8.96 -28.62 27.33
CA HIS B 207 7.64 -29.17 27.01
C HIS B 207 7.80 -30.56 26.37
N PRO B 208 8.14 -31.57 27.17
CA PRO B 208 8.56 -32.87 26.63
C PRO B 208 7.50 -33.96 26.62
N GLY B 209 6.27 -33.66 27.02
CA GLY B 209 5.36 -34.72 27.42
C GLY B 209 4.76 -35.53 26.28
N GLN B 210 4.76 -35.01 25.06
CA GLN B 210 4.11 -35.78 24.00
C GLN B 210 4.87 -37.06 23.64
N ASP B 211 6.20 -37.05 23.70
CA ASP B 211 7.00 -38.23 23.36
C ASP B 211 7.97 -38.62 24.46
N ILE B 212 7.83 -38.08 25.67
CA ILE B 212 8.69 -38.50 26.77
C ILE B 212 8.42 -39.96 27.06
N LYS B 213 9.49 -40.71 27.32
CA LYS B 213 9.40 -42.05 27.88
C LYS B 213 9.80 -41.97 29.35
N TRP B 214 9.09 -42.72 30.20
CA TRP B 214 9.34 -42.68 31.64
C TRP B 214 10.47 -43.67 31.95
N ASN B 215 11.66 -43.32 31.46
CA ASN B 215 12.84 -44.15 31.64
C ASN B 215 14.00 -43.24 32.02
N LYS B 216 15.15 -43.87 32.28
CA LYS B 216 16.34 -43.10 32.67
C LYS B 216 16.91 -42.31 31.51
N GLU B 217 16.87 -42.84 30.29
CA GLU B 217 17.46 -42.15 29.15
C GLU B 217 16.85 -40.75 28.96
N ASP B 218 15.52 -40.66 28.99
CA ASP B 218 14.89 -39.35 28.78
C ASP B 218 15.01 -38.46 30.01
N ARG B 219 14.98 -39.05 31.21
CA ARG B 219 15.20 -38.25 32.42
C ARG B 219 16.54 -37.54 32.34
N ASP B 220 17.61 -38.30 32.04
CA ASP B 220 18.94 -37.70 31.92
C ASP B 220 19.02 -36.69 30.79
N LEU B 221 18.33 -36.93 29.67
CA LEU B 221 18.40 -35.98 28.56
C LEU B 221 17.73 -34.67 28.93
N LEU B 222 16.63 -34.74 29.68
CA LEU B 222 16.01 -33.53 30.20
C LEU B 222 16.97 -32.80 31.13
N LEU B 223 17.60 -33.52 32.07
CA LEU B 223 18.52 -32.85 32.99
C LEU B 223 19.73 -32.31 32.25
N ALA B 224 20.20 -33.01 31.21
CA ALA B 224 21.30 -32.51 30.39
C ALA B 224 20.92 -31.22 29.65
N LYS B 225 19.71 -31.17 29.09
CA LYS B 225 19.23 -29.93 28.49
C LYS B 225 19.17 -28.78 29.51
N PHE B 226 18.68 -29.07 30.72
CA PHE B 226 18.67 -28.06 31.78
C PHE B 226 20.09 -27.59 32.12
N GLU B 227 21.03 -28.53 32.19
CA GLU B 227 22.42 -28.16 32.43
C GLU B 227 22.94 -27.22 31.36
N LYS B 228 22.64 -27.51 30.09
CA LYS B 228 23.05 -26.62 29.00
C LYS B 228 22.44 -25.23 29.15
N MET B 229 21.16 -25.15 29.51
CA MET B 229 20.54 -23.85 29.71
C MET B 229 21.19 -23.13 30.89
N TYR B 230 21.47 -23.86 31.97
CA TYR B 230 22.20 -23.28 33.11
C TYR B 230 23.51 -22.64 32.66
N GLN B 231 24.23 -23.31 31.73
CA GLN B 231 25.49 -22.78 31.22
C GLN B 231 25.33 -21.50 30.42
N LEU B 232 24.16 -21.30 29.82
CA LEU B 232 23.82 -20.02 29.18
C LEU B 232 23.36 -18.95 30.17
N GLY B 233 23.23 -19.30 31.46
CA GLY B 233 22.88 -18.34 32.50
C GLY B 233 21.50 -18.52 33.11
N VAL B 234 20.71 -19.49 32.64
CA VAL B 234 19.37 -19.67 33.18
C VAL B 234 19.45 -20.12 34.63
N ARG B 235 18.62 -19.51 35.49
CA ARG B 235 18.61 -19.85 36.91
C ARG B 235 17.20 -20.14 37.43
N SER B 236 16.21 -20.22 36.54
CA SER B 236 14.88 -20.69 36.89
C SER B 236 14.38 -21.59 35.76
N PHE B 237 13.62 -22.62 36.12
CA PHE B 237 13.28 -23.67 35.17
C PHE B 237 11.83 -24.07 35.34
N ALA B 238 11.21 -24.44 34.22
CA ALA B 238 9.86 -24.99 34.27
C ALA B 238 9.75 -26.22 33.39
N VAL B 239 8.82 -27.10 33.76
CA VAL B 239 8.44 -28.26 32.94
C VAL B 239 6.95 -28.16 32.71
N PHE B 240 6.55 -28.13 31.44
CA PHE B 240 5.16 -28.01 31.05
C PHE B 240 4.62 -29.36 30.57
N PHE B 241 3.43 -29.71 31.04
CA PHE B 241 2.74 -30.92 30.60
C PHE B 241 1.35 -30.62 30.03
N ASP B 242 1.18 -29.44 29.44
CA ASP B 242 -0.11 -29.00 28.92
C ASP B 242 -0.30 -29.44 27.46
N ASP B 243 -1.55 -29.76 27.09
CA ASP B 243 -1.95 -29.97 25.71
C ASP B 243 -1.17 -31.13 25.10
N ILE B 244 -1.21 -32.27 25.79
CA ILE B 244 -0.53 -33.50 25.37
C ILE B 244 -1.45 -34.65 25.72
N SER B 245 -1.22 -35.77 25.06
CA SER B 245 -1.93 -37.00 25.36
C SER B 245 -0.89 -38.10 25.52
N GLY B 246 -1.35 -39.22 26.06
CA GLY B 246 -0.50 -40.38 26.19
C GLY B 246 0.17 -40.45 27.54
N GLU B 247 1.25 -41.24 27.57
CA GLU B 247 1.94 -41.59 28.81
C GLU B 247 2.40 -40.37 29.59
N GLY B 248 2.76 -39.29 28.89
CA GLY B 248 3.24 -38.10 29.57
C GLY B 248 2.23 -37.42 30.48
N THR B 249 0.96 -37.84 30.45
CA THR B 249 -0.07 -37.24 31.30
C THR B 249 -0.11 -37.86 32.70
N ASN B 250 0.76 -38.82 33.00
CA ASN B 250 0.72 -39.56 34.27
C ASN B 250 1.17 -38.67 35.43
N PRO B 251 0.30 -38.33 36.39
CA PRO B 251 0.69 -37.35 37.42
C PRO B 251 1.77 -37.85 38.37
N GLN B 252 1.68 -39.10 38.80
CA GLN B 252 2.76 -39.71 39.60
C GLN B 252 4.12 -39.47 38.94
N LYS B 253 4.24 -39.83 37.67
CA LYS B 253 5.53 -39.75 36.98
C LYS B 253 5.96 -38.29 36.79
N GLN B 254 5.01 -37.39 36.53
CA GLN B 254 5.33 -35.98 36.47
C GLN B 254 5.90 -35.50 37.80
N ALA B 255 5.24 -35.86 38.90
CA ALA B 255 5.68 -35.41 40.22
C ALA B 255 7.05 -35.98 40.55
N GLU B 256 7.27 -37.26 40.23
CA GLU B 256 8.57 -37.87 40.50
C GLU B 256 9.67 -37.21 39.69
N LEU B 257 9.40 -36.86 38.43
CA LEU B 257 10.38 -36.16 37.61
C LEU B 257 10.71 -34.79 38.19
N LEU B 258 9.68 -34.01 38.54
CA LEU B 258 9.91 -32.67 39.08
C LEU B 258 10.66 -32.74 40.42
N ASN B 259 10.29 -33.69 41.28
CA ASN B 259 11.03 -33.85 42.54
C ASN B 259 12.47 -34.27 42.29
N TYR B 260 12.69 -35.09 41.26
CA TYR B 260 14.06 -35.47 40.91
C TYR B 260 14.85 -34.25 40.47
N ILE B 261 14.25 -33.43 39.61
CA ILE B 261 14.90 -32.18 39.19
C ILE B 261 15.19 -31.33 40.40
N ASP B 262 14.24 -31.25 41.32
CA ASP B 262 14.39 -30.40 42.48
C ASP B 262 15.53 -30.90 43.36
N GLU B 263 15.54 -32.19 43.66
CA GLU B 263 16.51 -32.71 44.61
C GLU B 263 17.92 -32.82 44.00
N LYS B 264 18.02 -33.20 42.73
CA LYS B 264 19.32 -33.48 42.13
C LYS B 264 19.87 -32.33 41.28
N PHE B 265 19.13 -31.22 41.14
CA PHE B 265 19.53 -30.12 40.26
C PHE B 265 19.23 -28.79 40.94
N ALA B 266 17.96 -28.48 41.18
CA ALA B 266 17.61 -27.19 41.76
C ALA B 266 18.32 -26.98 43.11
N GLN B 267 18.42 -28.02 43.92
CA GLN B 267 19.04 -27.91 45.23
C GLN B 267 20.55 -28.17 45.21
N VAL B 268 21.08 -28.73 44.13
CA VAL B 268 22.51 -28.97 44.04
C VAL B 268 23.24 -27.71 43.57
N LYS B 269 22.67 -27.00 42.61
CA LYS B 269 23.24 -25.74 42.21
C LYS B 269 23.10 -24.74 43.38
N PRO B 270 23.97 -23.74 43.44
CA PRO B 270 23.90 -22.77 44.54
C PRO B 270 22.88 -21.65 44.34
N ASP B 271 22.33 -21.47 43.13
CA ASP B 271 21.67 -20.20 42.80
C ASP B 271 20.46 -20.35 41.87
N ILE B 272 19.72 -21.45 41.97
CA ILE B 272 18.50 -21.63 41.20
C ILE B 272 17.33 -21.04 41.98
N ASN B 273 16.45 -20.33 41.27
CA ASN B 273 15.35 -19.62 41.90
C ASN B 273 14.04 -20.37 41.72
N GLN B 274 13.29 -20.10 40.65
CA GLN B 274 12.00 -20.73 40.49
C GLN B 274 12.12 -22.11 39.86
N LEU B 275 11.35 -23.05 40.39
CA LEU B 275 11.05 -24.30 39.70
C LEU B 275 9.53 -24.41 39.60
N VAL B 276 9.02 -24.45 38.37
CA VAL B 276 7.59 -24.33 38.07
C VAL B 276 7.17 -25.49 37.20
N MET B 277 5.97 -26.03 37.42
CA MET B 277 5.41 -26.95 36.43
C MET B 277 4.00 -26.50 36.07
N CYS B 278 3.57 -26.88 34.86
CA CYS B 278 2.19 -26.64 34.47
C CYS B 278 1.55 -27.98 34.16
N PRO B 279 0.39 -28.29 34.75
CA PRO B 279 -0.15 -29.65 34.68
C PRO B 279 -0.91 -29.90 33.38
N THR B 280 -1.28 -31.17 33.19
CA THR B 280 -2.06 -31.57 32.03
C THR B 280 -3.53 -31.15 32.19
N GLU B 281 -4.10 -31.29 33.39
CA GLU B 281 -5.42 -30.77 33.72
C GLU B 281 -5.21 -29.42 34.38
N TYR B 282 -5.21 -28.36 33.58
CA TYR B 282 -4.82 -27.03 34.04
C TYR B 282 -6.01 -26.08 34.23
N ASN B 283 -7.24 -26.57 34.11
CA ASN B 283 -8.40 -25.75 34.46
C ASN B 283 -9.50 -26.66 34.94
N LYS B 284 -10.47 -26.08 35.66
CA LYS B 284 -11.46 -26.89 36.35
C LYS B 284 -12.30 -27.68 35.35
N SER B 285 -12.71 -27.06 34.25
CA SER B 285 -13.63 -27.72 33.32
C SER B 285 -12.98 -28.89 32.60
N TRP B 286 -11.65 -28.88 32.43
CA TRP B 286 -10.94 -30.02 31.86
C TRP B 286 -10.50 -31.01 32.91
N SER B 287 -10.72 -30.71 34.18
CA SER B 287 -10.34 -31.62 35.24
C SER B 287 -11.29 -32.81 35.25
N ASN B 288 -10.75 -34.00 35.54
CA ASN B 288 -11.60 -35.18 35.66
C ASN B 288 -12.23 -35.21 37.05
N PRO B 289 -13.52 -35.49 37.15
CA PRO B 289 -14.15 -35.47 38.49
C PRO B 289 -13.58 -36.53 39.42
N ASN B 290 -13.57 -37.79 39.00
CA ASN B 290 -13.04 -38.89 39.82
C ASN B 290 -11.75 -39.43 39.21
N GLY B 291 -10.76 -38.56 39.03
CA GLY B 291 -9.55 -38.89 38.30
C GLY B 291 -8.28 -38.76 39.12
N ASN B 292 -8.36 -38.07 40.26
CA ASN B 292 -7.28 -37.97 41.24
C ASN B 292 -6.03 -37.32 40.68
N TYR B 293 -6.12 -36.64 39.52
CA TYR B 293 -4.93 -36.07 38.92
C TYR B 293 -4.38 -34.92 39.75
N LEU B 294 -5.23 -33.92 40.04
CA LEU B 294 -4.76 -32.74 40.74
C LEU B 294 -4.35 -33.08 42.17
N THR B 295 -5.09 -33.97 42.83
CA THR B 295 -4.74 -34.27 44.22
C THR B 295 -3.48 -35.12 44.30
N THR B 296 -3.23 -35.96 43.29
CA THR B 296 -1.95 -36.67 43.23
C THR B 296 -0.79 -35.68 43.15
N LEU B 297 -0.88 -34.72 42.22
CA LEU B 297 0.12 -33.67 42.12
C LEU B 297 0.24 -32.90 43.43
N GLY B 298 -0.90 -32.52 44.00
CA GLY B 298 -0.87 -31.78 45.25
C GLY B 298 -0.12 -32.51 46.35
N ASP B 299 -0.39 -33.82 46.50
CA ASP B 299 0.24 -34.64 47.54
C ASP B 299 1.70 -34.94 47.22
N LYS B 300 1.98 -35.34 45.98
CA LYS B 300 3.28 -35.91 45.63
C LYS B 300 4.34 -34.86 45.31
N LEU B 301 3.95 -33.69 44.82
CA LEU B 301 4.91 -32.71 44.35
C LEU B 301 5.53 -31.95 45.53
N ASN B 302 6.88 -31.85 45.55
CA ASN B 302 7.59 -31.20 46.65
C ASN B 302 7.00 -29.81 46.90
N PRO B 303 7.01 -29.33 48.15
CA PRO B 303 6.28 -28.10 48.48
C PRO B 303 6.83 -26.84 47.82
N SER B 304 8.10 -26.82 47.44
CA SER B 304 8.70 -25.64 46.82
C SER B 304 8.33 -25.48 45.36
N ILE B 305 7.69 -26.47 44.75
CA ILE B 305 7.46 -26.47 43.30
C ILE B 305 6.09 -25.84 43.02
N GLN B 306 6.09 -24.82 42.18
CA GLN B 306 4.87 -24.11 41.80
C GLN B 306 4.05 -24.92 40.80
N ILE B 307 2.73 -24.78 40.86
CA ILE B 307 1.82 -25.43 39.90
C ILE B 307 0.97 -24.37 39.22
N MET B 308 0.98 -24.38 37.89
CA MET B 308 0.27 -23.40 37.09
C MET B 308 -1.18 -23.82 36.84
N TRP B 309 -2.04 -22.83 36.50
CA TRP B 309 -3.49 -22.97 36.49
C TRP B 309 -4.12 -21.78 35.75
N THR B 310 -5.09 -22.05 34.87
CA THR B 310 -5.71 -21.00 34.07
C THR B 310 -7.08 -20.55 34.58
N GLY B 311 -7.57 -21.15 35.66
CA GLY B 311 -8.88 -20.81 36.19
C GLY B 311 -9.89 -21.91 36.02
N ASP B 312 -11.16 -21.54 35.99
CA ASP B 312 -12.23 -22.52 35.88
C ASP B 312 -12.42 -23.03 34.46
N ARG B 313 -11.81 -22.39 33.46
CA ARG B 313 -11.88 -22.78 32.06
C ARG B 313 -10.55 -22.41 31.43
N VAL B 314 -10.30 -22.90 30.21
CA VAL B 314 -9.03 -22.60 29.55
C VAL B 314 -8.81 -21.10 29.44
N ILE B 315 -9.85 -20.36 29.13
CA ILE B 315 -9.80 -18.91 29.08
C ILE B 315 -10.80 -18.44 30.11
N SER B 316 -10.31 -17.84 31.20
CA SER B 316 -11.19 -17.45 32.28
C SER B 316 -10.50 -16.44 33.16
N ASP B 317 -11.29 -15.70 33.91
CA ASP B 317 -10.77 -14.74 34.88
C ASP B 317 -10.84 -15.38 36.26
N ILE B 318 -9.93 -14.99 37.13
CA ILE B 318 -9.73 -15.68 38.41
C ILE B 318 -10.69 -15.10 39.44
N THR B 319 -11.52 -15.96 40.04
CA THR B 319 -12.44 -15.61 41.10
C THR B 319 -11.97 -16.16 42.45
N ARG B 320 -12.65 -15.74 43.51
CA ARG B 320 -12.30 -16.24 44.83
C ARG B 320 -12.72 -17.69 44.98
N ASP B 321 -13.94 -18.02 44.56
CA ASP B 321 -14.36 -19.42 44.62
C ASP B 321 -13.48 -20.30 43.72
N GLY B 322 -12.97 -19.73 42.62
CA GLY B 322 -12.19 -20.53 41.69
C GLY B 322 -10.81 -20.84 42.22
N ILE B 323 -10.12 -19.82 42.75
CA ILE B 323 -8.80 -20.06 43.30
C ILE B 323 -8.88 -20.94 44.53
N SER B 324 -10.00 -20.91 45.26
CA SER B 324 -10.14 -21.76 46.43
C SER B 324 -10.31 -23.22 46.02
N TRP B 325 -11.04 -23.45 44.93
CA TRP B 325 -11.26 -24.80 44.47
C TRP B 325 -9.94 -25.49 44.10
N ILE B 326 -9.03 -24.77 43.43
CA ILE B 326 -7.77 -25.39 43.02
C ILE B 326 -6.81 -25.52 44.20
N ASN B 327 -6.72 -24.49 45.05
CA ASN B 327 -5.74 -24.51 46.15
C ASN B 327 -5.99 -25.67 47.10
N GLU B 328 -7.26 -25.99 47.34
CA GLU B 328 -7.63 -27.16 48.14
C GLU B 328 -6.98 -28.42 47.62
N ARG B 329 -6.86 -28.54 46.30
CA ARG B 329 -6.42 -29.79 45.70
C ARG B 329 -4.93 -29.85 45.52
N ILE B 330 -4.28 -28.77 45.05
CA ILE B 330 -2.82 -28.84 44.86
C ILE B 330 -2.07 -28.53 46.15
N LYS B 331 -2.77 -28.22 47.24
CA LYS B 331 -2.16 -28.06 48.57
C LYS B 331 -1.14 -26.92 48.61
N ARG B 332 -1.39 -25.88 47.83
CA ARG B 332 -0.54 -24.71 47.78
C ARG B 332 -1.25 -23.63 46.97
N PRO B 333 -0.80 -22.37 47.05
CA PRO B 333 -1.42 -21.31 46.23
C PRO B 333 -1.01 -21.42 44.78
N ALA B 334 -2.01 -21.41 43.91
CA ALA B 334 -1.75 -21.63 42.48
C ALA B 334 -0.98 -20.46 41.90
N TYR B 335 -0.26 -20.76 40.83
CA TYR B 335 0.54 -19.83 40.07
C TYR B 335 -0.26 -19.60 38.80
N ILE B 336 -0.97 -18.47 38.70
CA ILE B 336 -1.97 -18.31 37.65
C ILE B 336 -1.31 -18.08 36.30
N TRP B 337 -1.83 -18.76 35.29
CA TRP B 337 -1.50 -18.57 33.87
C TRP B 337 -2.78 -18.03 33.27
N TRP B 338 -2.84 -16.70 33.08
CA TRP B 338 -4.06 -16.04 32.63
C TRP B 338 -4.03 -15.88 31.10
N ASN B 339 -5.01 -16.47 30.42
CA ASN B 339 -5.03 -16.54 28.96
C ASN B 339 -5.70 -15.31 28.33
N PHE B 340 -5.06 -14.18 28.60
CA PHE B 340 -5.39 -12.91 28.00
C PHE B 340 -4.12 -12.07 28.01
N PRO B 341 -3.77 -11.42 26.90
CA PRO B 341 -4.51 -11.24 25.64
C PRO B 341 -4.25 -12.26 24.53
N VAL B 342 -3.77 -13.47 24.87
CA VAL B 342 -3.42 -14.44 23.84
C VAL B 342 -4.57 -14.59 22.83
N SER B 343 -4.22 -14.58 21.55
CA SER B 343 -5.19 -14.56 20.47
C SER B 343 -4.98 -15.72 19.51
N ASP B 344 -4.25 -16.75 19.92
CA ASP B 344 -3.87 -17.81 19.00
C ASP B 344 -5.05 -18.68 18.59
N TYR B 345 -6.23 -18.47 19.17
CA TYR B 345 -7.44 -19.14 18.75
C TYR B 345 -8.41 -18.19 18.11
N VAL B 346 -8.04 -16.91 17.97
CA VAL B 346 -8.85 -15.92 17.27
C VAL B 346 -7.87 -15.02 16.53
N ARG B 347 -7.08 -15.63 15.63
CA ARG B 347 -5.91 -14.97 15.08
C ARG B 347 -6.24 -13.83 14.12
N ASP B 348 -7.47 -13.73 13.62
CA ASP B 348 -7.86 -12.57 12.83
C ASP B 348 -8.32 -11.39 13.69
N HIS B 349 -8.17 -11.45 15.02
CA HIS B 349 -8.51 -10.39 15.96
C HIS B 349 -7.28 -9.91 16.72
N LEU B 350 -7.20 -8.60 16.93
CA LEU B 350 -6.34 -8.03 17.98
C LEU B 350 -7.17 -7.82 19.23
N LEU B 351 -6.56 -8.06 20.40
CA LEU B 351 -7.22 -7.96 21.70
C LEU B 351 -6.50 -6.86 22.48
N LEU B 352 -6.96 -5.63 22.28
CA LEU B 352 -6.30 -4.43 22.77
C LEU B 352 -7.06 -3.72 23.89
N GLY B 353 -8.11 -4.35 24.44
CA GLY B 353 -8.89 -3.74 25.49
C GLY B 353 -8.25 -3.83 26.86
N PRO B 354 -8.97 -3.35 27.87
CA PRO B 354 -8.44 -3.34 29.22
C PRO B 354 -8.41 -4.73 29.84
N VAL B 355 -7.60 -4.83 30.88
CA VAL B 355 -7.50 -6.03 31.70
C VAL B 355 -8.50 -5.91 32.85
N TYR B 356 -9.45 -6.84 32.90
CA TYR B 356 -10.45 -6.85 33.97
C TYR B 356 -10.98 -8.27 34.15
N GLY B 357 -11.71 -8.44 35.25
CA GLY B 357 -12.43 -9.67 35.53
C GLY B 357 -11.88 -10.48 36.67
N ASN B 358 -10.62 -10.24 37.03
CA ASN B 358 -9.93 -10.99 38.08
C ASN B 358 -10.20 -10.33 39.43
N ASP B 359 -10.53 -11.17 40.42
CA ASP B 359 -10.86 -10.71 41.75
C ASP B 359 -9.66 -9.97 42.34
N THR B 360 -9.89 -8.82 42.95
CA THR B 360 -8.79 -8.01 43.43
C THR B 360 -8.44 -8.26 44.89
N THR B 361 -9.09 -9.20 45.57
CA THR B 361 -8.89 -9.40 47.00
C THR B 361 -8.14 -10.69 47.32
N ILE B 362 -7.64 -11.40 46.32
CA ILE B 362 -7.21 -12.77 46.47
C ILE B 362 -5.69 -12.91 46.33
N ALA B 363 -4.93 -11.81 46.49
CA ALA B 363 -3.47 -11.86 46.36
C ALA B 363 -2.85 -12.96 47.20
N LYS B 364 -3.28 -13.10 48.45
CA LYS B 364 -2.67 -14.11 49.32
C LYS B 364 -2.94 -15.52 48.82
N GLU B 365 -3.86 -15.69 47.88
CA GLU B 365 -4.30 -17.01 47.42
C GLU B 365 -3.58 -17.47 46.17
N MET B 366 -2.64 -16.69 45.64
CA MET B 366 -1.91 -17.04 44.42
C MET B 366 -0.42 -16.87 44.64
N SER B 367 0.36 -17.87 44.24
CA SER B 367 1.81 -17.76 44.30
C SER B 367 2.32 -16.78 43.27
N GLY B 368 1.70 -16.78 42.09
CA GLY B 368 2.16 -15.90 41.04
C GLY B 368 0.99 -15.61 40.11
N PHE B 369 1.23 -14.66 39.21
CA PHE B 369 0.24 -14.30 38.20
C PHE B 369 0.99 -13.83 36.97
N VAL B 370 0.86 -14.58 35.85
CA VAL B 370 1.48 -14.23 34.58
C VAL B 370 0.44 -14.23 33.47
N THR B 371 0.69 -13.40 32.46
CA THR B 371 -0.18 -13.28 31.31
C THR B 371 0.43 -14.00 30.11
N ASN B 372 -0.37 -14.79 29.43
CA ASN B 372 -0.01 -15.40 28.15
C ASN B 372 -0.46 -14.45 27.04
N PRO B 373 0.45 -13.80 26.31
CA PRO B 373 0.06 -12.71 25.42
C PRO B 373 -0.15 -13.13 23.96
N MET B 374 -0.39 -12.14 23.09
CA MET B 374 -0.52 -12.36 21.65
C MET B 374 0.87 -12.57 21.05
N GLU B 375 0.90 -13.16 19.87
CA GLU B 375 2.19 -13.23 19.18
C GLU B 375 2.63 -11.86 18.70
N HIS B 376 1.72 -10.85 18.74
CA HIS B 376 2.06 -9.44 18.56
C HIS B 376 2.56 -8.87 19.88
N ALA B 377 3.88 -8.78 20.02
CA ALA B 377 4.50 -8.49 21.29
C ALA B 377 4.27 -7.05 21.72
N GLU B 378 4.54 -6.10 20.83
CA GLU B 378 4.35 -4.71 21.22
C GLU B 378 2.90 -4.44 21.54
N SER B 379 1.97 -4.97 20.72
CA SER B 379 0.54 -4.79 20.98
C SER B 379 0.12 -5.41 22.31
N SER B 380 0.85 -6.44 22.77
CA SER B 380 0.53 -7.08 24.04
C SER B 380 0.96 -6.22 25.22
N LYS B 381 1.67 -5.13 25.00
CA LYS B 381 2.16 -4.32 26.12
C LYS B 381 1.02 -3.61 26.87
N ILE B 382 -0.11 -3.35 26.21
CA ILE B 382 -1.26 -2.75 26.88
C ILE B 382 -1.71 -3.63 28.03
N ALA B 383 -1.95 -4.91 27.72
CA ALA B 383 -2.39 -5.86 28.74
C ALA B 383 -1.27 -6.15 29.74
N ILE B 384 -0.03 -6.25 29.26
CA ILE B 384 1.10 -6.57 30.15
C ILE B 384 1.31 -5.48 31.19
N TYR B 385 1.39 -4.22 30.76
CA TYR B 385 1.40 -3.07 31.69
C TYR B 385 0.29 -3.15 32.73
N SER B 386 -0.91 -3.57 32.31
CA SER B 386 -2.07 -3.62 33.21
C SER B 386 -1.99 -4.80 34.16
N VAL B 387 -1.52 -5.97 33.68
CA VAL B 387 -1.33 -7.10 34.58
C VAL B 387 -0.28 -6.77 35.63
N ALA B 388 0.76 -6.03 35.24
CA ALA B 388 1.82 -5.68 36.18
C ALA B 388 1.26 -4.82 37.29
N SER B 389 0.43 -3.84 36.92
CA SER B 389 -0.27 -3.01 37.89
C SER B 389 -1.16 -3.86 38.79
N TYR B 390 -1.93 -4.77 38.21
CA TYR B 390 -2.88 -5.55 39.00
C TYR B 390 -2.14 -6.45 40.00
N ALA B 391 -1.08 -7.11 39.54
CA ALA B 391 -0.42 -8.11 40.36
C ALA B 391 0.41 -7.47 41.47
N TRP B 392 0.94 -6.26 41.22
CA TRP B 392 1.69 -5.57 42.27
C TRP B 392 0.76 -5.00 43.34
N ASN B 393 -0.34 -4.35 42.94
CA ASN B 393 -1.27 -3.73 43.89
C ASN B 393 -2.71 -3.98 43.46
N PRO B 394 -3.21 -5.21 43.64
CA PRO B 394 -4.59 -5.51 43.19
C PRO B 394 -5.65 -4.73 43.94
N ALA B 395 -5.43 -4.46 45.23
CA ALA B 395 -6.45 -3.74 46.00
C ALA B 395 -6.71 -2.37 45.42
N LYS B 396 -5.74 -1.78 44.74
CA LYS B 396 -5.91 -0.47 44.12
C LYS B 396 -6.12 -0.58 42.61
N TYR B 397 -6.35 -1.76 42.09
CA TYR B 397 -6.33 -1.92 40.65
C TYR B 397 -7.48 -1.13 40.02
N ASP B 398 -7.13 -0.26 39.07
CA ASP B 398 -8.07 0.60 38.34
C ASP B 398 -8.01 0.24 36.86
N THR B 399 -8.98 -0.57 36.42
CA THR B 399 -8.96 -1.14 35.07
C THR B 399 -8.74 -0.08 34.00
N TRP B 400 -9.60 0.93 33.98
CA TRP B 400 -9.60 1.87 32.87
C TRP B 400 -8.47 2.88 32.96
N GLN B 401 -8.16 3.40 34.14
CA GLN B 401 -7.03 4.32 34.24
C GLN B 401 -5.74 3.62 33.84
N THR B 402 -5.59 2.35 34.21
CA THR B 402 -4.36 1.62 33.87
C THR B 402 -4.30 1.36 32.37
N TRP B 403 -5.43 1.04 31.74
CA TRP B 403 -5.46 0.89 30.28
C TRP B 403 -5.01 2.18 29.60
N LYS B 404 -5.56 3.31 30.03
CA LYS B 404 -5.16 4.60 29.44
C LYS B 404 -3.69 4.90 29.72
N ASP B 405 -3.25 4.64 30.94
CA ASP B 405 -1.84 4.86 31.28
C ASP B 405 -0.93 4.02 30.41
N ALA B 406 -1.28 2.75 30.19
CA ALA B 406 -0.46 1.88 29.34
C ALA B 406 -0.30 2.49 27.96
N ILE B 407 -1.42 2.90 27.35
CA ILE B 407 -1.41 3.42 25.98
C ILE B 407 -0.58 4.70 25.90
N ARG B 408 -0.69 5.57 26.93
CA ARG B 408 0.10 6.80 26.92
C ARG B 408 1.57 6.52 27.12
N THR B 409 1.90 5.41 27.78
CA THR B 409 3.28 4.99 27.96
C THR B 409 3.84 4.37 26.69
N ILE B 410 3.04 3.53 26.03
CA ILE B 410 3.47 2.79 24.86
C ILE B 410 3.62 3.71 23.66
N LEU B 411 2.73 4.69 23.49
CA LEU B 411 2.72 5.52 22.30
C LEU B 411 2.34 6.95 22.64
N PRO B 412 3.19 7.65 23.37
CA PRO B 412 2.83 9.01 23.81
C PRO B 412 2.63 9.98 22.67
N SER B 413 3.29 9.77 21.54
CA SER B 413 3.15 10.70 20.42
C SER B 413 1.78 10.61 19.74
N ALA B 414 1.01 9.55 19.97
CA ALA B 414 -0.30 9.41 19.33
C ALA B 414 -1.25 8.63 20.24
N ALA B 415 -1.31 9.02 21.52
CA ALA B 415 -1.96 8.14 22.50
C ALA B 415 -3.46 8.11 22.28
N GLU B 416 -4.07 9.26 21.98
CA GLU B 416 -5.51 9.29 21.75
C GLU B 416 -5.88 8.45 20.53
N GLU B 417 -5.02 8.43 19.51
CA GLU B 417 -5.28 7.64 18.33
C GLU B 417 -5.21 6.15 18.64
N LEU B 418 -4.22 5.71 19.46
CA LEU B 418 -4.18 4.30 19.87
C LEU B 418 -5.35 3.95 20.78
N GLU B 419 -5.75 4.87 21.67
CA GLU B 419 -6.97 4.65 22.46
C GLU B 419 -8.16 4.38 21.54
N CYS B 420 -8.37 5.26 20.57
CA CYS B 420 -9.48 5.10 19.62
C CYS B 420 -9.42 3.75 18.90
N PHE B 421 -8.24 3.39 18.40
CA PHE B 421 -8.09 2.11 17.71
C PHE B 421 -8.34 0.93 18.66
N ALA B 422 -7.79 1.01 19.88
CA ALA B 422 -7.90 -0.10 20.84
C ALA B 422 -9.31 -0.25 21.37
N MET B 423 -10.02 0.87 21.57
CA MET B 423 -11.38 0.88 22.07
C MET B 423 -12.30 0.01 21.21
N HIS B 424 -12.02 -0.05 19.91
CA HIS B 424 -12.86 -0.78 18.96
C HIS B 424 -12.18 -2.05 18.45
N ASN B 425 -11.13 -2.52 19.14
CA ASN B 425 -10.39 -3.74 18.81
C ASN B 425 -10.09 -4.46 20.12
N SER B 426 -11.13 -4.98 20.76
CA SER B 426 -10.98 -5.60 22.08
C SER B 426 -11.78 -6.88 22.26
N ASP B 427 -12.89 -7.06 21.58
CA ASP B 427 -13.66 -8.28 21.68
C ASP B 427 -13.04 -9.38 20.80
N LEU B 428 -13.37 -10.62 21.13
CA LEU B 428 -12.78 -11.76 20.44
C LEU B 428 -13.62 -12.22 19.27
N GLY B 429 -14.89 -11.85 19.25
CA GLY B 429 -15.84 -12.43 18.33
C GLY B 429 -16.17 -13.82 18.81
N PRO B 430 -17.11 -14.49 18.15
CA PRO B 430 -17.48 -15.83 18.59
C PRO B 430 -16.29 -16.76 18.46
N ASN B 431 -16.13 -17.63 19.45
CA ASN B 431 -14.99 -18.54 19.46
C ASN B 431 -15.39 -19.79 20.24
N GLY B 432 -14.56 -20.84 20.10
CA GLY B 432 -14.84 -22.08 20.78
C GLY B 432 -14.71 -22.02 22.30
N HIS B 433 -13.98 -21.04 22.81
CA HIS B 433 -13.84 -20.96 24.27
C HIS B 433 -14.93 -20.11 24.91
N GLY B 434 -15.82 -19.51 24.13
CA GLY B 434 -16.90 -18.71 24.68
C GLY B 434 -16.46 -17.45 25.40
N TYR B 435 -15.22 -17.02 25.20
CA TYR B 435 -14.65 -15.92 25.95
C TYR B 435 -14.78 -14.64 25.11
N ARG B 436 -15.46 -13.64 25.68
CA ARG B 436 -15.69 -12.37 25.02
C ARG B 436 -15.19 -11.23 25.92
N ARG B 437 -14.98 -10.07 25.29
CA ARG B 437 -14.65 -8.83 25.98
C ARG B 437 -15.54 -7.71 25.47
N GLU B 438 -15.75 -6.70 26.30
CA GLU B 438 -16.51 -5.53 25.87
C GLU B 438 -15.74 -4.78 24.79
N GLU B 439 -16.48 -4.06 23.96
CA GLU B 439 -15.91 -3.26 22.89
C GLU B 439 -16.86 -2.12 22.59
N SER B 440 -16.30 -0.95 22.28
CA SER B 440 -17.07 0.19 21.74
C SER B 440 -18.18 0.65 22.68
N MET B 441 -17.95 0.50 23.99
CA MET B 441 -19.01 0.82 24.93
C MET B 441 -19.33 2.31 24.94
N ASP B 442 -18.38 3.16 24.55
CA ASP B 442 -18.63 4.59 24.52
C ASP B 442 -19.79 4.92 23.59
N ILE B 443 -19.77 4.34 22.39
CA ILE B 443 -20.76 4.67 21.37
C ILE B 443 -21.93 3.70 21.35
N GLN B 444 -21.87 2.62 22.13
CA GLN B 444 -22.97 1.67 22.19
C GLN B 444 -24.32 2.33 22.43
N PRO B 445 -24.48 3.31 23.33
CA PRO B 445 -25.83 3.87 23.53
C PRO B 445 -26.39 4.53 22.28
N ALA B 446 -25.61 5.41 21.65
CA ALA B 446 -26.03 6.09 20.43
C ALA B 446 -26.33 5.09 19.32
N ALA B 447 -25.47 4.07 19.16
CA ALA B 447 -25.65 3.10 18.10
C ALA B 447 -26.98 2.36 18.26
N GLU B 448 -27.28 1.92 19.47
CA GLU B 448 -28.51 1.15 19.67
C GLU B 448 -29.76 2.03 19.55
N ARG B 449 -29.68 3.27 20.07
CA ARG B 449 -30.79 4.21 19.89
C ARG B 449 -31.03 4.50 18.41
N PHE B 450 -29.95 4.60 17.64
CA PHE B 450 -30.05 4.86 16.21
C PHE B 450 -30.69 3.69 15.48
N LEU B 451 -30.14 2.48 15.66
CA LEU B 451 -30.71 1.30 15.03
C LEU B 451 -32.18 1.12 15.38
N LYS B 452 -32.57 1.44 16.62
CA LYS B 452 -33.94 1.17 17.06
C LYS B 452 -34.92 2.13 16.40
N ALA B 453 -34.56 3.41 16.28
CA ALA B 453 -35.39 4.33 15.53
C ALA B 453 -35.63 3.84 14.10
N PHE B 454 -34.64 3.20 13.50
CA PHE B 454 -34.79 2.73 12.13
C PHE B 454 -35.79 1.58 12.04
N LYS B 455 -35.52 0.50 12.76
CA LYS B 455 -36.39 -0.67 12.68
C LYS B 455 -37.73 -0.40 13.35
N GLU B 456 -37.71 0.19 14.55
CA GLU B 456 -38.93 0.45 15.32
C GLU B 456 -39.50 1.81 14.94
N GLY B 457 -39.95 1.89 13.69
CA GLY B 457 -40.62 3.09 13.20
C GLY B 457 -39.64 4.03 12.51
N LYS B 458 -39.48 5.23 13.06
CA LYS B 458 -38.76 6.30 12.36
C LYS B 458 -38.24 7.33 13.35
N ASN B 459 -37.39 8.22 12.80
CA ASN B 459 -36.88 9.43 13.44
C ASN B 459 -35.80 9.11 14.44
N TYR B 460 -34.55 9.22 14.00
CA TYR B 460 -33.39 9.08 14.88
C TYR B 460 -33.06 10.44 15.52
N ASP B 461 -32.29 10.40 16.60
CA ASP B 461 -31.92 11.64 17.30
C ASP B 461 -30.73 12.26 16.59
N LYS B 462 -30.78 13.57 16.40
CA LYS B 462 -29.70 14.27 15.70
C LYS B 462 -28.37 14.10 16.42
N ALA B 463 -28.40 14.06 17.76
CA ALA B 463 -27.18 13.93 18.54
C ALA B 463 -26.53 12.58 18.34
N ASP B 464 -27.33 11.51 18.22
CA ASP B 464 -26.77 10.19 17.94
C ASP B 464 -26.13 10.13 16.56
N PHE B 465 -26.81 10.69 15.55
CA PHE B 465 -26.22 10.78 14.23
C PHE B 465 -24.87 11.47 14.30
N GLU B 466 -24.80 12.58 15.04
CA GLU B 466 -23.54 13.31 15.19
C GLU B 466 -22.50 12.48 15.94
N THR B 467 -22.89 11.79 17.03
CA THR B 467 -21.97 10.90 17.71
C THR B 467 -21.32 9.94 16.73
N LEU B 468 -22.12 9.36 15.82
CA LEU B 468 -21.60 8.37 14.88
C LEU B 468 -20.72 9.03 13.82
N GLN B 469 -21.21 10.12 13.23
CA GLN B 469 -20.36 10.98 12.39
C GLN B 469 -19.01 11.22 13.05
N TYR B 470 -19.02 11.65 14.33
CA TYR B 470 -17.79 11.98 15.04
C TYR B 470 -16.92 10.75 15.21
N THR B 471 -17.54 9.61 15.52
CA THR B 471 -16.80 8.37 15.70
C THR B 471 -16.04 7.96 14.44
N PHE B 472 -16.73 7.97 13.30
CA PHE B 472 -16.09 7.54 12.08
C PHE B 472 -14.99 8.51 11.67
N GLU B 473 -15.24 9.81 11.83
CA GLU B 473 -14.19 10.79 11.54
C GLU B 473 -12.96 10.53 12.40
N ARG B 474 -13.16 10.33 13.71
CA ARG B 474 -12.04 10.12 14.61
C ARG B 474 -11.29 8.84 14.27
N MET B 475 -12.02 7.76 13.96
CA MET B 475 -11.42 6.51 13.49
C MET B 475 -10.51 6.70 12.28
N LYS B 476 -10.92 7.51 11.29
CA LYS B 476 -10.09 7.71 10.11
C LYS B 476 -8.84 8.47 10.45
N GLU B 477 -8.98 9.55 11.24
CA GLU B 477 -7.81 10.29 11.71
C GLU B 477 -6.83 9.34 12.39
N SER B 478 -7.35 8.53 13.33
CA SER B 478 -6.49 7.66 14.12
C SER B 478 -5.81 6.62 13.24
N ALA B 479 -6.52 6.04 12.28
CA ALA B 479 -5.91 5.05 11.41
C ALA B 479 -4.75 5.62 10.63
N ASP B 480 -4.94 6.79 10.02
CA ASP B 480 -3.90 7.37 9.19
C ASP B 480 -2.72 7.84 10.02
N ILE B 481 -2.98 8.35 11.23
CA ILE B 481 -1.89 8.82 12.10
C ILE B 481 -1.08 7.63 12.59
N LEU B 482 -1.75 6.56 13.00
CA LEU B 482 -1.06 5.35 13.42
C LEU B 482 -0.24 4.73 12.30
N LEU B 483 -0.82 4.66 11.10
CA LEU B 483 -0.10 4.08 9.97
C LEU B 483 1.26 4.71 9.77
N MET B 484 1.39 6.00 10.03
CA MET B 484 2.63 6.73 9.75
C MET B 484 3.47 7.01 10.99
N ASN B 485 3.06 6.50 12.15
CA ASN B 485 3.81 6.76 13.38
C ASN B 485 5.15 6.04 13.36
N THR B 486 6.21 6.78 13.68
CA THR B 486 7.57 6.25 13.73
C THR B 486 8.12 6.13 15.15
N GLU B 487 7.30 6.37 16.18
CA GLU B 487 7.81 6.26 17.55
C GLU B 487 7.99 4.82 17.96
N ASN B 488 7.07 3.93 17.55
CA ASN B 488 7.14 2.50 17.83
C ASN B 488 6.87 1.78 16.51
N LYS B 489 7.89 1.75 15.67
CA LYS B 489 7.74 1.08 14.37
C LYS B 489 7.31 -0.38 14.53
N PRO B 490 7.86 -1.17 15.46
CA PRO B 490 7.39 -2.56 15.56
C PRO B 490 5.93 -2.70 15.90
N LEU B 491 5.40 -1.84 16.77
CA LEU B 491 3.97 -1.91 17.05
C LEU B 491 3.17 -1.69 15.77
N ILE B 492 3.58 -0.72 14.97
CA ILE B 492 2.83 -0.38 13.77
C ILE B 492 2.90 -1.50 12.76
N VAL B 493 4.05 -2.20 12.67
CA VAL B 493 4.14 -3.34 11.77
C VAL B 493 3.14 -4.41 12.20
N GLU B 494 2.99 -4.61 13.53
CA GLU B 494 2.08 -5.64 14.01
C GLU B 494 0.64 -5.33 13.61
N ILE B 495 0.20 -4.09 13.81
CA ILE B 495 -1.22 -3.76 13.68
C ILE B 495 -1.62 -3.25 12.28
N THR B 496 -0.68 -2.97 11.39
CA THR B 496 -1.01 -2.27 10.14
C THR B 496 -2.14 -2.90 9.34
N PRO B 497 -2.23 -4.23 9.21
CA PRO B 497 -3.37 -4.80 8.46
C PRO B 497 -4.72 -4.45 9.05
N TRP B 498 -4.83 -4.49 10.37
CA TRP B 498 -6.07 -4.14 11.05
C TRP B 498 -6.32 -2.64 10.97
N VAL B 499 -5.26 -1.83 10.97
CA VAL B 499 -5.43 -0.40 10.78
C VAL B 499 -6.05 -0.10 9.41
N HIS B 500 -5.61 -0.80 8.36
CA HIS B 500 -6.21 -0.59 7.03
C HIS B 500 -7.68 -0.95 7.04
N GLN B 501 -8.02 -2.11 7.59
CA GLN B 501 -9.41 -2.52 7.70
C GLN B 501 -10.23 -1.55 8.54
N PHE B 502 -9.63 -1.02 9.61
CA PHE B 502 -10.30 -0.08 10.51
C PHE B 502 -10.63 1.22 9.78
N LYS B 503 -9.69 1.72 8.97
CA LYS B 503 -9.97 2.91 8.19
C LYS B 503 -11.08 2.67 7.16
N LEU B 504 -11.04 1.52 6.49
CA LEU B 504 -12.12 1.20 5.54
C LEU B 504 -13.45 1.11 6.26
N THR B 505 -13.45 0.52 7.46
CA THR B 505 -14.68 0.48 8.26
C THR B 505 -15.20 1.88 8.49
N ALA B 506 -14.31 2.82 8.86
CA ALA B 506 -14.74 4.17 9.16
C ALA B 506 -15.25 4.88 7.90
N GLU B 507 -14.55 4.72 6.78
CA GLU B 507 -14.99 5.34 5.53
C GLU B 507 -16.36 4.83 5.11
N MET B 508 -16.58 3.53 5.26
CA MET B 508 -17.87 2.95 4.92
C MET B 508 -18.96 3.50 5.82
N GLY B 509 -18.67 3.67 7.12
CA GLY B 509 -19.65 4.26 8.02
C GLY B 509 -20.06 5.66 7.60
N GLU B 510 -19.07 6.50 7.29
CA GLU B 510 -19.39 7.84 6.80
C GLU B 510 -20.29 7.80 5.58
N GLU B 511 -19.95 6.98 4.58
CA GLU B 511 -20.77 6.93 3.37
C GLU B 511 -22.16 6.38 3.64
N VAL B 512 -22.28 5.45 4.58
CA VAL B 512 -23.61 4.95 4.92
C VAL B 512 -24.42 6.04 5.61
N LEU B 513 -23.80 6.82 6.50
CA LEU B 513 -24.54 7.93 7.10
C LEU B 513 -24.99 8.93 6.04
N LYS B 514 -24.13 9.20 5.06
CA LYS B 514 -24.51 10.05 3.93
C LYS B 514 -25.70 9.49 3.19
N MET B 515 -25.75 8.16 3.03
CA MET B 515 -26.92 7.55 2.39
C MET B 515 -28.17 7.76 3.22
N VAL B 516 -28.03 7.74 4.54
CA VAL B 516 -29.18 7.96 5.43
C VAL B 516 -29.74 9.36 5.25
N GLU B 517 -28.87 10.37 5.22
CA GLU B 517 -29.22 11.71 4.76
C GLU B 517 -29.35 11.73 3.25
N GLY B 518 -30.10 10.77 2.70
CA GLY B 518 -29.99 10.41 1.29
C GLY B 518 -30.20 11.55 0.32
N ARG B 519 -30.93 12.59 0.74
CA ARG B 519 -31.42 13.67 -0.14
C ARG B 519 -31.86 13.13 -1.50
N ASN B 520 -31.09 13.37 -2.56
CA ASN B 520 -31.58 13.11 -3.90
C ASN B 520 -31.08 11.77 -4.43
N GLU B 521 -31.76 11.27 -5.46
CA GLU B 521 -31.56 9.90 -5.91
C GLU B 521 -30.16 9.67 -6.45
N SER B 522 -29.66 10.61 -7.26
CA SER B 522 -28.33 10.47 -7.83
C SER B 522 -27.26 10.47 -6.74
N TYR B 523 -27.39 11.37 -5.76
CA TYR B 523 -26.41 11.39 -4.67
C TYR B 523 -26.40 10.09 -3.90
N PHE B 524 -27.58 9.56 -3.59
CA PHE B 524 -27.69 8.27 -2.93
C PHE B 524 -26.95 7.20 -3.72
N LEU B 525 -27.16 7.16 -5.04
CA LEU B 525 -26.56 6.12 -5.88
C LEU B 525 -25.04 6.23 -5.89
N ARG B 526 -24.50 7.46 -5.87
CA ARG B 526 -23.05 7.62 -5.75
C ARG B 526 -22.55 7.05 -4.44
N LYS B 527 -23.27 7.30 -3.35
CA LYS B 527 -22.80 6.79 -2.06
C LYS B 527 -22.93 5.28 -1.99
N TYR B 528 -24.03 4.74 -2.54
CA TYR B 528 -24.21 3.30 -2.63
C TYR B 528 -23.05 2.64 -3.40
N ASN B 529 -22.71 3.21 -4.55
CA ASN B 529 -21.62 2.67 -5.35
C ASN B 529 -20.30 2.70 -4.58
N HIS B 530 -20.08 3.79 -3.83
CA HIS B 530 -18.86 3.90 -3.04
C HIS B 530 -18.81 2.82 -1.98
N VAL B 531 -19.91 2.66 -1.23
CA VAL B 531 -19.97 1.62 -0.20
C VAL B 531 -19.63 0.26 -0.78
N LYS B 532 -20.19 -0.07 -1.96
CA LYS B 532 -19.95 -1.38 -2.56
C LYS B 532 -18.48 -1.59 -2.86
N ALA B 533 -17.78 -0.57 -3.36
CA ALA B 533 -16.34 -0.69 -3.58
C ALA B 533 -15.58 -0.81 -2.27
N LEU B 534 -16.06 -0.17 -1.22
CA LEU B 534 -15.38 -0.28 0.07
C LEU B 534 -15.58 -1.67 0.67
N GLN B 535 -16.77 -2.24 0.52
CA GLN B 535 -16.98 -3.64 0.88
C GLN B 535 -16.00 -4.53 0.16
N GLN B 536 -15.76 -4.24 -1.12
CA GLN B 536 -14.85 -5.05 -1.92
C GLN B 536 -13.43 -4.95 -1.39
N GLN B 537 -12.96 -3.72 -1.11
CA GLN B 537 -11.63 -3.55 -0.54
C GLN B 537 -11.47 -4.28 0.78
N MET B 538 -12.50 -4.28 1.63
CA MET B 538 -12.38 -5.00 2.91
C MET B 538 -12.27 -6.50 2.66
N PHE B 539 -12.98 -7.00 1.64
CA PHE B 539 -12.92 -8.42 1.31
C PHE B 539 -11.51 -8.81 0.88
N TYR B 540 -10.86 -8.00 0.06
CA TYR B 540 -9.54 -8.40 -0.38
C TYR B 540 -8.51 -8.28 0.74
N ILE B 541 -8.68 -7.35 1.67
CA ILE B 541 -7.78 -7.36 2.83
C ILE B 541 -7.99 -8.64 3.63
N ASP B 542 -9.26 -8.97 3.89
CA ASP B 542 -9.58 -10.17 4.65
C ASP B 542 -9.07 -11.44 3.97
N GLN B 543 -8.98 -11.43 2.63
CA GLN B 543 -8.56 -12.60 1.88
C GLN B 543 -7.07 -12.65 1.59
N THR B 544 -6.33 -11.54 1.78
CA THR B 544 -4.94 -11.48 1.38
C THR B 544 -3.96 -11.15 2.51
N SER B 545 -4.43 -10.56 3.61
CA SER B 545 -3.61 -10.27 4.78
C SER B 545 -3.78 -11.35 5.83
N ASN B 546 -2.69 -11.63 6.56
CA ASN B 546 -2.74 -12.51 7.73
C ASN B 546 -3.41 -13.84 7.41
N GLN B 547 -2.98 -14.46 6.30
CA GLN B 547 -3.61 -15.69 5.81
C GLN B 547 -2.96 -16.90 6.47
N ASN B 548 -3.20 -17.04 7.76
CA ASN B 548 -2.71 -18.19 8.52
C ASN B 548 -3.71 -19.33 8.40
N PRO B 549 -3.34 -20.53 8.85
CA PRO B 549 -4.19 -21.72 8.58
C PRO B 549 -5.41 -21.86 9.47
N TYR B 550 -5.57 -21.02 10.48
CA TYR B 550 -6.54 -21.30 11.54
C TYR B 550 -7.68 -20.30 11.55
N GLN B 551 -7.38 -19.01 11.67
CA GLN B 551 -8.38 -17.94 11.57
C GLN B 551 -7.78 -16.87 10.69
N PRO B 552 -7.81 -17.08 9.36
CA PRO B 552 -7.19 -16.13 8.43
C PRO B 552 -7.99 -14.85 8.32
N GLY B 553 -7.30 -13.80 7.92
CA GLY B 553 -7.94 -12.52 7.67
C GLY B 553 -7.76 -11.53 8.79
N VAL B 554 -8.53 -10.46 8.67
CA VAL B 554 -8.39 -9.26 9.47
C VAL B 554 -9.80 -8.77 9.81
N LYS B 555 -10.19 -8.92 11.08
CA LYS B 555 -11.47 -8.41 11.57
C LYS B 555 -11.22 -7.26 12.55
N THR B 556 -12.10 -6.26 12.52
CA THR B 556 -11.91 -5.08 13.35
C THR B 556 -13.28 -4.45 13.60
N ALA B 557 -13.42 -3.86 14.79
CA ALA B 557 -14.63 -3.13 15.16
C ALA B 557 -15.88 -3.99 14.98
N THR B 558 -15.79 -5.21 15.49
CA THR B 558 -16.74 -6.25 15.14
C THR B 558 -17.94 -6.34 16.07
N ARG B 559 -17.84 -5.85 17.30
CA ARG B 559 -18.93 -6.13 18.23
C ARG B 559 -20.11 -5.19 18.02
N VAL B 560 -19.82 -3.91 17.73
CA VAL B 560 -20.83 -2.86 17.66
C VAL B 560 -20.80 -2.15 16.31
N ILE B 561 -19.63 -1.66 15.88
CA ILE B 561 -19.58 -0.72 14.77
C ILE B 561 -19.90 -1.41 13.44
N LYS B 562 -19.23 -2.54 13.15
CA LYS B 562 -19.49 -3.21 11.87
C LYS B 562 -20.95 -3.66 11.76
N PRO B 563 -21.56 -4.29 12.77
CA PRO B 563 -23.00 -4.59 12.67
C PRO B 563 -23.87 -3.35 12.47
N LEU B 564 -23.50 -2.23 13.11
CA LEU B 564 -24.28 -1.00 12.94
C LEU B 564 -24.25 -0.54 11.49
N ILE B 565 -23.06 -0.51 10.90
CA ILE B 565 -22.94 -0.08 9.51
C ILE B 565 -23.71 -1.02 8.59
N ASP B 566 -23.50 -2.33 8.77
CA ASP B 566 -24.14 -3.31 7.90
C ASP B 566 -25.67 -3.21 7.96
N ARG B 567 -26.23 -3.18 9.17
CA ARG B 567 -27.69 -3.17 9.29
C ARG B 567 -28.27 -1.86 8.79
N THR B 568 -27.56 -0.75 9.01
CA THR B 568 -28.03 0.53 8.50
C THR B 568 -28.02 0.54 6.98
N PHE B 569 -26.97 -0.04 6.39
CA PHE B 569 -26.88 -0.10 4.94
C PHE B 569 -27.98 -0.96 4.33
N ALA B 570 -28.24 -2.14 4.92
CA ALA B 570 -29.32 -2.99 4.42
C ALA B 570 -30.67 -2.29 4.50
N THR B 571 -30.92 -1.59 5.60
CA THR B 571 -32.20 -0.91 5.79
C THR B 571 -32.41 0.19 4.75
N VAL B 572 -31.40 1.02 4.53
CA VAL B 572 -31.60 2.17 3.67
C VAL B 572 -31.76 1.73 2.22
N VAL B 573 -31.01 0.70 1.80
CA VAL B 573 -31.17 0.14 0.46
C VAL B 573 -32.59 -0.38 0.28
N LYS B 574 -33.08 -1.13 1.26
CA LYS B 574 -34.43 -1.68 1.18
C LYS B 574 -35.46 -0.56 1.05
N PHE B 575 -35.31 0.51 1.83
CA PHE B 575 -36.20 1.66 1.71
C PHE B 575 -36.07 2.31 0.34
N PHE B 576 -34.84 2.42 -0.18
CA PHE B 576 -34.63 3.00 -1.50
C PHE B 576 -35.26 2.14 -2.59
N ASN B 577 -35.13 0.80 -2.49
CA ASN B 577 -35.74 -0.09 -3.46
C ASN B 577 -37.26 0.07 -3.49
N GLN B 578 -37.89 0.22 -2.32
CA GLN B 578 -39.33 0.44 -2.29
C GLN B 578 -39.70 1.77 -2.92
N LYS B 579 -38.92 2.82 -2.64
CA LYS B 579 -39.30 4.16 -3.04
C LYS B 579 -39.17 4.37 -4.54
N PHE B 580 -38.12 3.82 -5.16
CA PHE B 580 -37.88 3.99 -6.58
C PHE B 580 -38.14 2.71 -7.38
N ASN B 581 -38.75 1.70 -6.77
CA ASN B 581 -38.96 0.40 -7.41
C ASN B 581 -37.65 -0.11 -8.00
N ALA B 582 -36.57 0.08 -7.27
CA ALA B 582 -35.23 -0.29 -7.70
C ALA B 582 -34.83 -1.65 -7.15
N HIS B 583 -33.72 -2.17 -7.65
CA HIS B 583 -33.28 -3.50 -7.29
C HIS B 583 -31.81 -3.49 -6.88
N LEU B 584 -31.43 -2.51 -6.06
CA LEU B 584 -30.07 -2.45 -5.53
C LEU B 584 -29.80 -3.66 -4.64
N ASP B 585 -28.53 -4.06 -4.62
CA ASP B 585 -28.09 -5.20 -3.82
C ASP B 585 -27.85 -4.73 -2.38
N ALA B 586 -28.63 -5.25 -1.43
CA ALA B 586 -28.49 -4.90 -0.02
C ALA B 586 -27.54 -5.84 0.74
N THR B 587 -26.90 -6.78 0.05
CA THR B 587 -25.90 -7.63 0.69
C THR B 587 -24.74 -6.79 1.22
N THR B 588 -24.20 -7.19 2.38
CA THR B 588 -23.08 -6.49 2.97
C THR B 588 -21.73 -7.18 2.77
N ASP B 589 -21.70 -8.49 2.56
CA ASP B 589 -20.45 -9.22 2.34
C ASP B 589 -20.23 -9.39 0.84
N TYR B 590 -19.15 -8.79 0.33
CA TYR B 590 -18.86 -8.89 -1.10
C TYR B 590 -18.56 -10.32 -1.49
N MET B 591 -19.05 -10.70 -2.67
CA MET B 591 -18.79 -12.04 -3.20
C MET B 591 -18.42 -11.92 -4.67
N PRO B 592 -17.16 -12.22 -5.04
CA PRO B 592 -16.75 -12.05 -6.45
C PRO B 592 -17.33 -13.11 -7.37
N HIS B 593 -17.75 -14.25 -6.84
CA HIS B 593 -18.35 -15.31 -7.64
C HIS B 593 -19.86 -15.16 -7.63
N LYS B 594 -20.51 -15.82 -8.58
CA LYS B 594 -21.96 -15.75 -8.72
C LYS B 594 -22.53 -17.17 -8.71
N MET B 595 -23.82 -17.27 -8.41
CA MET B 595 -24.51 -18.54 -8.52
C MET B 595 -25.98 -18.30 -8.85
N ILE B 596 -26.55 -19.23 -9.61
CA ILE B 596 -27.96 -19.19 -10.03
C ILE B 596 -28.53 -20.59 -9.89
N SER B 597 -29.79 -20.66 -9.47
CA SER B 597 -30.52 -21.93 -9.39
C SER B 597 -31.54 -22.05 -10.52
N GLN B 601 -35.61 -23.03 -5.40
CA GLN B 601 -36.11 -21.98 -4.51
C GLN B 601 -35.43 -22.05 -3.14
N ILE B 602 -35.22 -23.27 -2.66
CA ILE B 602 -34.58 -23.45 -1.35
C ILE B 602 -33.13 -22.98 -1.39
N LYS B 603 -32.50 -22.99 -2.57
CA LYS B 603 -31.08 -22.67 -2.70
C LYS B 603 -30.84 -21.33 -3.41
N ASN B 604 -31.38 -20.26 -2.84
CA ASN B 604 -31.12 -18.89 -3.30
C ASN B 604 -30.51 -18.12 -2.14
N LEU B 605 -29.25 -18.45 -1.81
CA LEU B 605 -28.56 -17.96 -0.62
C LEU B 605 -27.10 -17.68 -0.97
N PRO B 606 -26.31 -17.12 -0.05
CA PRO B 606 -24.99 -16.60 -0.44
C PRO B 606 -23.90 -17.66 -0.52
N LEU B 607 -22.94 -17.40 -1.42
CA LEU B 607 -21.70 -18.14 -1.45
C LEU B 607 -20.75 -17.63 -0.35
N GLN B 608 -19.70 -18.40 -0.10
CA GLN B 608 -18.67 -18.02 0.85
C GLN B 608 -17.30 -18.41 0.29
N VAL B 609 -16.34 -17.50 0.46
CA VAL B 609 -14.95 -17.74 0.06
C VAL B 609 -14.09 -17.74 1.31
N LYS B 610 -13.30 -18.79 1.46
CA LYS B 610 -12.32 -18.81 2.54
C LYS B 610 -11.15 -19.69 2.11
N ALA B 611 -9.96 -19.10 2.11
CA ALA B 611 -8.75 -19.77 1.64
C ALA B 611 -9.04 -20.18 0.19
N ASN B 612 -8.83 -21.44 -0.18
CA ASN B 612 -9.02 -21.91 -1.54
C ASN B 612 -10.39 -22.55 -1.75
N ARG B 613 -11.34 -22.28 -0.88
CA ARG B 613 -12.63 -22.97 -0.87
C ARG B 613 -13.75 -21.98 -1.17
N VAL B 614 -14.65 -22.38 -2.09
CA VAL B 614 -15.82 -21.60 -2.47
C VAL B 614 -17.04 -22.49 -2.25
N LEU B 615 -17.96 -22.04 -1.40
CA LEU B 615 -19.00 -22.93 -0.91
C LEU B 615 -20.35 -22.23 -0.86
N ILE B 616 -21.39 -23.06 -0.74
CA ILE B 616 -22.74 -22.66 -0.38
C ILE B 616 -22.94 -23.05 1.09
N SER B 617 -23.81 -22.33 1.79
CA SER B 617 -23.76 -22.35 3.25
C SER B 617 -24.47 -23.56 3.88
N PRO B 618 -25.80 -23.74 3.76
CA PRO B 618 -26.34 -24.92 4.45
C PRO B 618 -25.91 -26.25 3.81
N VAL B 631 -28.34 -26.02 -9.99
CA VAL B 631 -27.62 -24.84 -9.51
C VAL B 631 -26.25 -24.73 -10.16
N GLU B 632 -25.89 -23.53 -10.60
CA GLU B 632 -24.64 -23.27 -11.29
C GLU B 632 -23.88 -22.15 -10.60
N ILE B 633 -22.58 -22.37 -10.38
CA ILE B 633 -21.69 -21.37 -9.80
C ILE B 633 -20.76 -20.86 -10.89
N GLU B 634 -20.67 -19.55 -11.04
CA GLU B 634 -19.75 -18.91 -11.98
C GLU B 634 -18.66 -18.21 -11.17
N LEU B 635 -17.44 -18.74 -11.25
CA LEU B 635 -16.32 -18.20 -10.52
C LEU B 635 -15.78 -16.93 -11.18
N ASP B 636 -14.94 -16.23 -10.40
CA ASP B 636 -14.29 -15.00 -10.85
C ASP B 636 -13.56 -15.19 -12.17
N ALA B 637 -12.99 -16.37 -12.39
CA ALA B 637 -12.12 -16.63 -13.52
C ALA B 637 -11.93 -18.14 -13.59
N ILE B 638 -11.04 -18.57 -14.49
CA ILE B 638 -10.69 -19.98 -14.60
C ILE B 638 -9.67 -20.33 -13.53
N TYR B 639 -9.93 -21.40 -12.78
CA TYR B 639 -9.06 -21.88 -11.73
C TYR B 639 -8.84 -23.38 -11.90
N PRO B 640 -7.64 -23.87 -11.65
CA PRO B 640 -7.48 -25.33 -11.54
C PRO B 640 -8.28 -25.85 -10.35
N GLY B 641 -8.96 -26.98 -10.57
CA GLY B 641 -9.89 -27.53 -9.59
C GLY B 641 -9.25 -28.66 -8.79
N GLU B 642 -9.46 -28.62 -7.48
CA GLU B 642 -8.94 -29.65 -6.58
C GLU B 642 -9.96 -30.76 -6.32
N ASN B 643 -11.08 -30.43 -5.68
CA ASN B 643 -12.12 -31.41 -5.43
C ASN B 643 -13.44 -30.69 -5.16
N ILE B 644 -14.52 -31.46 -5.24
CA ILE B 644 -15.86 -31.03 -4.87
C ILE B 644 -16.38 -31.99 -3.82
N GLN B 645 -17.21 -31.47 -2.91
CA GLN B 645 -17.88 -32.34 -1.96
C GLN B 645 -19.24 -31.75 -1.66
N ILE B 646 -20.26 -32.62 -1.66
CA ILE B 646 -21.65 -32.21 -1.50
C ILE B 646 -22.28 -33.14 -0.46
N ASN B 647 -23.34 -32.65 0.17
CA ASN B 647 -24.08 -33.45 1.14
C ASN B 647 -25.53 -32.96 1.26
N TRP B 656 -29.62 -38.75 -9.03
CA TRP B 656 -29.13 -38.30 -10.32
C TRP B 656 -28.58 -36.87 -10.25
N GLY B 657 -27.26 -36.75 -10.33
CA GLY B 657 -26.61 -35.44 -10.42
C GLY B 657 -25.30 -35.57 -11.17
N ARG B 658 -24.97 -34.52 -11.93
CA ARG B 658 -23.82 -34.53 -12.82
C ARG B 658 -22.79 -33.49 -12.35
N LEU B 659 -21.80 -33.23 -13.20
CA LEU B 659 -20.73 -32.30 -12.89
C LEU B 659 -20.64 -31.25 -14.01
N GLU B 660 -19.50 -30.56 -14.11
CA GLU B 660 -19.34 -29.49 -15.08
C GLU B 660 -17.87 -29.20 -15.34
N ILE B 661 -17.55 -28.89 -16.60
CA ILE B 661 -16.33 -28.17 -16.95
C ILE B 661 -16.75 -26.74 -17.27
N SER B 662 -15.90 -25.81 -16.89
CA SER B 662 -16.15 -24.43 -17.14
C SER B 662 -15.85 -24.01 -18.57
N GLU B 667 -19.53 -26.41 -23.70
CA GLU B 667 -18.61 -27.53 -23.52
C GLU B 667 -18.61 -27.97 -22.04
N TRP B 668 -19.24 -29.10 -21.74
CA TRP B 668 -19.44 -29.57 -20.36
C TRP B 668 -18.84 -30.97 -20.22
N LYS B 669 -18.06 -31.18 -19.16
CA LYS B 669 -17.38 -32.44 -18.87
C LYS B 669 -17.78 -32.86 -17.47
N THR B 670 -17.77 -34.17 -17.22
CA THR B 670 -18.39 -34.65 -15.99
C THR B 670 -17.63 -35.84 -15.39
N VAL B 671 -17.59 -35.86 -14.06
CA VAL B 671 -17.10 -36.98 -13.28
C VAL B 671 -18.05 -37.16 -12.10
N ASP B 672 -17.74 -38.10 -11.21
CA ASP B 672 -18.51 -38.27 -9.98
C ASP B 672 -17.82 -39.24 -9.01
N SER B 681 -18.17 -36.23 -2.71
CA SER B 681 -16.72 -36.23 -2.87
C SER B 681 -16.28 -36.64 -4.28
N ALA B 682 -15.34 -35.89 -4.84
CA ALA B 682 -14.81 -36.15 -6.17
C ALA B 682 -13.54 -35.31 -6.37
N GLY B 683 -12.54 -35.89 -7.01
CA GLY B 683 -11.28 -35.20 -7.27
C GLY B 683 -11.23 -34.66 -8.69
N LEU B 684 -10.75 -33.42 -8.82
CA LEU B 684 -10.70 -32.72 -10.10
C LEU B 684 -9.32 -32.72 -10.73
N GLN B 685 -8.33 -33.32 -10.07
CA GLN B 685 -6.94 -33.24 -10.51
C GLN B 685 -6.52 -31.77 -10.44
N LYS B 686 -6.31 -31.12 -11.58
CA LYS B 686 -6.12 -29.67 -11.63
C LYS B 686 -6.81 -29.09 -12.86
N ALA B 687 -7.96 -29.66 -13.22
CA ALA B 687 -8.67 -29.23 -14.42
C ALA B 687 -9.18 -27.80 -14.25
N PRO B 688 -9.18 -27.01 -15.33
CA PRO B 688 -9.67 -25.62 -15.21
C PRO B 688 -11.15 -25.58 -14.83
N VAL B 689 -11.50 -24.62 -13.97
CA VAL B 689 -12.88 -24.44 -13.51
C VAL B 689 -13.17 -22.96 -13.26
N LYS B 690 -13.98 -22.35 -14.14
CA LYS B 690 -14.83 -21.20 -13.86
C LYS B 690 -16.26 -21.57 -13.44
N PHE B 691 -17.02 -22.24 -14.31
CA PHE B 691 -18.37 -22.72 -14.01
C PHE B 691 -18.37 -24.11 -13.38
N VAL B 692 -19.31 -24.33 -12.46
CA VAL B 692 -19.64 -25.64 -11.91
C VAL B 692 -21.15 -25.70 -11.71
N ARG B 693 -21.76 -26.79 -12.15
CA ARG B 693 -23.21 -26.95 -12.20
C ARG B 693 -23.55 -28.38 -11.82
N PHE B 694 -24.69 -28.54 -11.17
CA PHE B 694 -25.11 -29.86 -10.68
C PHE B 694 -26.35 -30.37 -11.41
N GLN B 708 -23.90 -29.16 2.71
CA GLN B 708 -22.53 -28.94 2.24
C GLN B 708 -22.43 -28.88 0.71
N PHE B 709 -21.75 -27.85 0.22
CA PHE B 709 -21.49 -27.73 -1.22
C PHE B 709 -20.28 -26.80 -1.37
N VAL B 710 -19.08 -27.38 -1.44
CA VAL B 710 -17.85 -26.62 -1.44
C VAL B 710 -16.97 -27.06 -2.60
N LEU B 711 -16.55 -26.10 -3.42
CA LEU B 711 -15.51 -26.29 -4.41
C LEU B 711 -14.18 -25.87 -3.81
N THR B 712 -13.15 -26.67 -4.06
CA THR B 712 -11.79 -26.34 -3.65
C THR B 712 -10.94 -26.13 -4.89
N ILE B 713 -10.25 -24.99 -4.95
CA ILE B 713 -9.46 -24.62 -6.13
C ILE B 713 -8.00 -24.47 -5.74
N GLU B 714 -7.18 -24.07 -6.69
CA GLU B 714 -5.74 -23.87 -6.50
C GLU B 714 -5.41 -22.40 -6.66
N LYS B 715 -4.87 -21.80 -5.60
CA LYS B 715 -4.45 -20.40 -5.64
C LYS B 715 -3.05 -20.27 -6.24
O1 DV1 C . 11.79 7.82 -28.71
C1 DV1 C . 11.30 9.15 -28.81
C2 DV1 C . 10.81 9.63 -27.45
O2 DV1 C . 9.78 8.76 -26.99
C3 DV1 C . 12.38 10.07 -29.34
C4 DV1 C . 11.97 11.54 -29.25
O3 DV1 C . 11.32 11.90 -28.02
C5 DV1 C . 10.28 11.03 -27.60
C6 DV1 C . 9.70 11.51 -26.25
O4 DV1 C . 10.74 11.54 -25.27
N1 DV1 C . 12.50 9.82 -30.80
C7 DV1 C . 11.76 10.54 -31.54
S1 DV1 C . 10.99 11.78 -30.72
N2 DV1 C . 11.61 10.33 -32.84
C8 DV1 C . 10.82 11.22 -33.68
C9 DV1 C . 11.18 10.99 -35.13
C10 DV1 C . 10.37 11.35 -36.10
H1 DV1 C . 12.07 7.51 -29.59
H2 DV1 C . 10.45 9.17 -29.51
H3 DV1 C . 11.65 9.63 -26.74
H4 DV1 C . 10.13 7.87 -26.89
H5 DV1 C . 13.34 9.90 -28.83
H6 DV1 C . 12.89 12.14 -29.34
H7 DV1 C . 9.47 11.02 -28.34
H8 DV1 C . 9.27 12.51 -26.38
H9 DV1 C . 8.90 10.84 -25.93
H10 DV1 C . 10.38 11.85 -24.43
H11 DV1 C . 12.09 9.57 -33.29
H12 DV1 C . 9.77 11.01 -33.52
H13 DV1 C . 11.02 12.26 -33.40
H14 DV1 C . 12.12 10.53 -35.37
H15 DV1 C . 10.65 11.19 -37.13
H16 DV1 C . 9.42 11.82 -35.87
C1 EDO D . 6.63 4.61 -16.42
O1 EDO D . 7.50 4.82 -15.30
C2 EDO D . 5.30 5.35 -16.29
O2 EDO D . 5.44 6.76 -16.18
H11 EDO D . 7.13 4.94 -17.33
H12 EDO D . 6.44 3.54 -16.52
HO1 EDO D . 8.33 4.34 -15.44
H21 EDO D . 4.68 5.12 -17.16
H22 EDO D . 4.78 4.97 -15.41
HO2 EDO D . 4.57 7.16 -16.11
C1 EDO E . 17.05 8.51 2.12
O1 EDO E . 15.67 8.85 2.21
C2 EDO E . 17.21 7.66 0.85
O2 EDO E . 17.22 8.49 -0.32
H11 EDO E . 17.36 7.95 3.00
H12 EDO E . 17.65 9.42 2.04
HO1 EDO E . 15.52 9.38 3.01
H21 EDO E . 18.15 7.10 0.91
H22 EDO E . 16.40 6.94 0.78
HO2 EDO E . 17.33 7.93 -1.11
C1 EDO F . 14.78 9.04 -20.58
O1 EDO F . 13.63 8.27 -20.91
C2 EDO F . 14.58 9.61 -19.18
O2 EDO F . 13.57 10.64 -19.15
H11 EDO F . 15.68 8.42 -20.61
H12 EDO F . 14.91 9.86 -21.30
HO1 EDO F . 13.73 7.91 -21.80
H21 EDO F . 14.30 8.80 -18.51
H22 EDO F . 15.53 10.02 -18.82
HO2 EDO F . 13.48 10.96 -18.24
O1 DV1 G . -0.35 -22.77 24.80
C1 DV1 G . -1.59 -22.44 25.48
C2 DV1 G . -2.49 -21.64 24.57
O2 DV1 G . -1.76 -20.48 24.19
C3 DV1 G . -2.32 -23.69 25.95
C4 DV1 G . -3.74 -23.42 26.47
O3 DV1 G . -4.47 -22.53 25.64
C5 DV1 G . -3.77 -21.31 25.33
C6 DV1 G . -4.68 -20.41 24.50
O4 DV1 G . -5.18 -21.12 23.37
N1 DV1 G . -1.62 -24.18 27.12
C7 DV1 G . -2.04 -23.77 28.27
S1 DV1 G . -3.49 -22.91 28.17
N2 DV1 G . -1.42 -24.01 29.41
C8 DV1 G . -1.94 -23.58 30.70
C9 DV1 G . -1.25 -24.33 31.81
C10 DV1 G . -1.31 -23.89 33.05
H1 DV1 G . -0.54 -23.31 24.03
H2 DV1 G . -1.36 -21.82 26.36
H3 DV1 G . -2.73 -22.25 23.68
H4 DV1 G . -0.96 -20.75 23.71
H5 DV1 G . -2.34 -24.44 25.15
H6 DV1 G . -4.26 -24.39 26.48
H7 DV1 G . -3.50 -20.78 26.25
H8 DV1 G . -4.13 -19.53 24.17
H9 DV1 G . -5.52 -20.07 25.12
H10 DV1 G . -5.76 -20.55 22.86
H11 DV1 G . -0.56 -24.54 29.41
H12 DV1 G . -3.01 -23.75 30.75
H13 DV1 G . -1.76 -22.50 30.83
H14 DV1 G . -0.71 -25.24 31.59
H15 DV1 G . -0.82 -24.43 33.84
H16 DV1 G . -1.86 -22.99 33.27
C1 EDO H . -1.82 -14.49 14.44
O1 EDO H . -2.09 -14.48 13.04
C2 EDO H . -1.79 -13.08 15.00
O2 EDO H . -3.09 -12.50 14.93
H11 EDO H . -0.86 -14.97 14.62
H12 EDO H . -2.58 -15.07 14.95
HO1 EDO H . -2.11 -15.39 12.70
H21 EDO H . -1.46 -13.12 16.05
H22 EDO H . -1.08 -12.48 14.43
HO2 EDO H . -3.06 -11.61 15.29
CA CA I . 23.95 -3.40 49.26
#